data_3FQ0
# 
_entry.id   3FQ0 
# 
_audit_conform.dict_name       mmcif_pdbx.dic 
_audit_conform.dict_version    5.389 
_audit_conform.dict_location   http://mmcif.pdb.org/dictionaries/ascii/mmcif_pdbx.dic 
# 
loop_
_database_2.database_id 
_database_2.database_code 
_database_2.pdbx_database_accession 
_database_2.pdbx_DOI 
PDB   3FQ0         pdb_00003fq0 10.2210/pdb3fq0/pdb 
RCSB  RCSB050898   ?            ?                   
WWPDB D_1000050898 ?            ?                   
# 
loop_
_pdbx_audit_revision_history.ordinal 
_pdbx_audit_revision_history.data_content_type 
_pdbx_audit_revision_history.major_revision 
_pdbx_audit_revision_history.minor_revision 
_pdbx_audit_revision_history.revision_date 
1 'Structure model' 1 0 2009-03-24 
2 'Structure model' 1 1 2011-07-13 
3 'Structure model' 1 2 2013-11-27 
4 'Structure model' 1 3 2017-11-01 
5 'Structure model' 1 4 2024-02-21 
6 'Structure model' 1 5 2024-04-03 
# 
_pdbx_audit_revision_details.ordinal             1 
_pdbx_audit_revision_details.revision_ordinal    1 
_pdbx_audit_revision_details.data_content_type   'Structure model' 
_pdbx_audit_revision_details.provider            repository 
_pdbx_audit_revision_details.type                'Initial release' 
_pdbx_audit_revision_details.description         ? 
_pdbx_audit_revision_details.details             ? 
# 
loop_
_pdbx_audit_revision_group.ordinal 
_pdbx_audit_revision_group.revision_ordinal 
_pdbx_audit_revision_group.data_content_type 
_pdbx_audit_revision_group.group 
1 2 'Structure model' 'Version format compliance' 
2 3 'Structure model' 'Non-polymer description'   
3 4 'Structure model' 'Refinement description'    
4 5 'Structure model' 'Data collection'           
5 5 'Structure model' 'Database references'       
6 5 'Structure model' 'Derived calculations'      
7 6 'Structure model' 'Refinement description'    
# 
loop_
_pdbx_audit_revision_category.ordinal 
_pdbx_audit_revision_category.revision_ordinal 
_pdbx_audit_revision_category.data_content_type 
_pdbx_audit_revision_category.category 
1 4 'Structure model' software                      
2 5 'Structure model' chem_comp_atom                
3 5 'Structure model' chem_comp_bond                
4 5 'Structure model' database_2                    
5 5 'Structure model' struct_site                   
6 6 'Structure model' pdbx_initial_refinement_model 
# 
loop_
_pdbx_audit_revision_item.ordinal 
_pdbx_audit_revision_item.revision_ordinal 
_pdbx_audit_revision_item.data_content_type 
_pdbx_audit_revision_item.item 
1 5 'Structure model' '_database_2.pdbx_DOI'                
2 5 'Structure model' '_database_2.pdbx_database_accession' 
3 5 'Structure model' '_struct_site.pdbx_auth_asym_id'      
4 5 'Structure model' '_struct_site.pdbx_auth_comp_id'      
5 5 'Structure model' '_struct_site.pdbx_auth_seq_id'       
# 
_pdbx_database_status.entry_id                        3FQ0 
_pdbx_database_status.deposit_site                    RCSB 
_pdbx_database_status.process_site                    RCSB 
_pdbx_database_status.recvd_initial_deposition_date   2009-01-06 
_pdbx_database_status.status_code                     REL 
_pdbx_database_status.status_code_sf                  REL 
_pdbx_database_status.status_code_mr                  ? 
_pdbx_database_status.SG_entry                        ? 
_pdbx_database_status.status_code_cs                  ? 
_pdbx_database_status.methods_development_category    ? 
_pdbx_database_status.pdb_format_compatible           Y 
_pdbx_database_status.status_code_nmr_data            ? 
# 
loop_
_pdbx_database_related.db_name 
_pdbx_database_related.db_id 
_pdbx_database_related.details 
_pdbx_database_related.content_type 
PDB 3F0B 
;Staphylococcus aureus dihydrofolate reductase complexed with NADPH and 2,4-Diamino-5-[3-(3-methoxy-5-phenylphenyl)but-1-ynyl]-6-methylpyrimidine
;
unspecified 
PDB 3F0U 
;Staphylococcus aureus F98Y mutant dihydrofolate reductase complexed with NADPH and 2,4-Diamino-5-[3-(3-methoxy-5-phenylphenyl)but-1-ynyl]-6-methylpyrimidine
;
unspecified 
PDB 3F0Q 
;Staphylococcus aureus dihydrofolate reductase complexed with NADPH and 2,4-Diamino-5-[3-(3-methoxy-5-(2,6-dimethylphenyl)phenyl)but-1-ynyl]-6-methylpyrimidine
;
unspecified 
PDB 3F0V 
;Staphylococcus aureus F98Y mutant dihydrofolate reductase complexed with NADPH and 2,4-Diamino-5-[3-(3-methoxy-5-(2,6-dimethylphenyl)phenyl)but-1-ynyl]-6-methylpyrimidine
;
unspecified 
PDB 3F0S 
;Staphylococcus aureus dihydrofolate reductase complexed with NADPH and 2,4-Diamino-5-[3-(3-methoxy-5-(3,5-dimethylphenyl)phenyl)but-1-ynyl]-6-methylpyrimidine
;
unspecified 
PDB 3F0X 
;Staphylococcus aureus F98Y mutant dihydrofolate reductase complexed with NADPH and 2,4-Diamino-5-[3-(3-methoxy-5-(3,5-dimethylphenyl)phenyl)but-1-ynyl]-6-methylpyrimidine
;
unspecified 
PDB 3FQC 
;Staphylococcus aureus dihydrofolate reductase complexed with NADPH and 2,4-diamino-5-[3-(3,4,5-trimethoxyphenyl)pent-1-ynyl]-6-methylpyrimidine (UCP115A)
;
unspecified 
PDB 3FQF 
;Staphylococcus aureus F98Y mutant dihydrofolate reductase complexed with NADPH and 2,4-diamino-5-[3-(3,4,5-trimethoxyphenyl)pent-1-ynyl]-6-methylpyrimidine (UCP115A)
;
unspecified 
PDB 3FQO 
;Staphylococcus aureus F98Y mutant dihydrofolate reductase complexed with NADPH and 2,4-diamino-5-[3-(2,5-dimethoxyphenyl)prop-1-ynyl]-6-ethylpyrimidine (UCP120B)
;
unspecified 
PDB 3FQV 
;Staphylococcus aureus F98Y mutant dihydrofolate reductase complexed with NADPH and 2,4-diamino-5-[3-(3-methoxy-4-phenylphenyl)but-1-ynyl]-6-methylpyrimidine
;
unspecified 
PDB 3FQZ 
;Staphylococcus aureus dihydrofolate reductase complexed with NADPH and 2,4-diamino-5-[3-(3-methoxy-4-phenylphenyl)but-1-ynyl]-6-methylpyrimidine
;
unspecified 
# 
loop_
_audit_author.name 
_audit_author.pdbx_ordinal 
'Anderson, A.C.' 1 
'Frey, K.M.'     2 
'Liu, J.'        3 
'Lombardo, M.N.' 4 
# 
_citation.id                        primary 
_citation.title                     
;Crystal structures of wild-type and mutant methicillin-resistant Staphylococcus aureus dihydrofolate reductase reveal an alternate conformation of NADPH that may be linked to trimethoprim resistance.
;
_citation.journal_abbrev            J.Mol.Biol. 
_citation.journal_volume            387 
_citation.page_first                1298 
_citation.page_last                 1308 
_citation.year                      2009 
_citation.journal_id_ASTM           JMOBAK 
_citation.country                   UK 
_citation.journal_id_ISSN           0022-2836 
_citation.journal_id_CSD            0070 
_citation.book_publisher            ? 
_citation.pdbx_database_id_PubMed   19249312 
_citation.pdbx_database_id_DOI      10.1016/j.jmb.2009.02.045 
# 
loop_
_citation_author.citation_id 
_citation_author.name 
_citation_author.ordinal 
_citation_author.identifier_ORCID 
primary 'Frey, K.M.'     1 ? 
primary 'Liu, J.'        2 ? 
primary 'Lombardo, M.N.' 3 ? 
primary 'Bolstad, D.B.'  4 ? 
primary 'Wright, D.L.'   5 ? 
primary 'Anderson, A.C.' 6 ? 
# 
loop_
_entity.id 
_entity.type 
_entity.src_method 
_entity.pdbx_description 
_entity.formula_weight 
_entity.pdbx_number_of_molecules 
_entity.pdbx_ec 
_entity.pdbx_mutation 
_entity.pdbx_fragment 
_entity.details 
1 polymer     man 'Trimethoprim-sensitive dihydrofolate reductase'                          18015.557 1   1.5.1.3 ? ? ? 
2 non-polymer syn 'NADPH DIHYDRO-NICOTINAMIDE-ADENINE-DINUCLEOTIDE PHOSPHATE'               745.421   1   ?       ? ? ? 
3 non-polymer syn '5-[3-(2,5-dimethoxyphenyl)prop-1-yn-1-yl]-6-ethylpyrimidine-2,4-diamine' 312.366   1   ?       ? ? ? 
4 water       nat water                                                                     18.015    143 ?       ? ? ? 
# 
_entity_poly.entity_id                      1 
_entity_poly.type                           'polypeptide(L)' 
_entity_poly.nstd_linkage                   no 
_entity_poly.nstd_monomer                   no 
_entity_poly.pdbx_seq_one_letter_code       
;TLSILVAHDLQRVIGFENQLPWHLPNDLKHVKKLSTGHTLVMGRKTFESIGKPLPNRRNVVLTSDTSFNVEGVDVIHSIE
DIYQLPGHVFIFGGQTLFEEMIDKVDDMYITVIEGKFRGDTFFPPYTFEDWEVASSVEGKLDEKNTIPHTFLHLIRK
;
_entity_poly.pdbx_seq_one_letter_code_can   
;TLSILVAHDLQRVIGFENQLPWHLPNDLKHVKKLSTGHTLVMGRKTFESIGKPLPNRRNVVLTSDTSFNVEGVDVIHSIE
DIYQLPGHVFIFGGQTLFEEMIDKVDDMYITVIEGKFRGDTFFPPYTFEDWEVASSVEGKLDEKNTIPHTFLHLIRK
;
_entity_poly.pdbx_strand_id                 A 
_entity_poly.pdbx_target_identifier         ? 
# 
loop_
_pdbx_entity_nonpoly.entity_id 
_pdbx_entity_nonpoly.name 
_pdbx_entity_nonpoly.comp_id 
2 'NADPH DIHYDRO-NICOTINAMIDE-ADENINE-DINUCLEOTIDE PHOSPHATE'               NDP 
3 '5-[3-(2,5-dimethoxyphenyl)prop-1-yn-1-yl]-6-ethylpyrimidine-2,4-diamine' N22 
4 water                                                                     HOH 
# 
loop_
_entity_poly_seq.entity_id 
_entity_poly_seq.num 
_entity_poly_seq.mon_id 
_entity_poly_seq.hetero 
1 1   THR n 
1 2   LEU n 
1 3   SER n 
1 4   ILE n 
1 5   LEU n 
1 6   VAL n 
1 7   ALA n 
1 8   HIS n 
1 9   ASP n 
1 10  LEU n 
1 11  GLN n 
1 12  ARG n 
1 13  VAL n 
1 14  ILE n 
1 15  GLY n 
1 16  PHE n 
1 17  GLU n 
1 18  ASN n 
1 19  GLN n 
1 20  LEU n 
1 21  PRO n 
1 22  TRP n 
1 23  HIS n 
1 24  LEU n 
1 25  PRO n 
1 26  ASN n 
1 27  ASP n 
1 28  LEU n 
1 29  LYS n 
1 30  HIS n 
1 31  VAL n 
1 32  LYS n 
1 33  LYS n 
1 34  LEU n 
1 35  SER n 
1 36  THR n 
1 37  GLY n 
1 38  HIS n 
1 39  THR n 
1 40  LEU n 
1 41  VAL n 
1 42  MET n 
1 43  GLY n 
1 44  ARG n 
1 45  LYS n 
1 46  THR n 
1 47  PHE n 
1 48  GLU n 
1 49  SER n 
1 50  ILE n 
1 51  GLY n 
1 52  LYS n 
1 53  PRO n 
1 54  LEU n 
1 55  PRO n 
1 56  ASN n 
1 57  ARG n 
1 58  ARG n 
1 59  ASN n 
1 60  VAL n 
1 61  VAL n 
1 62  LEU n 
1 63  THR n 
1 64  SER n 
1 65  ASP n 
1 66  THR n 
1 67  SER n 
1 68  PHE n 
1 69  ASN n 
1 70  VAL n 
1 71  GLU n 
1 72  GLY n 
1 73  VAL n 
1 74  ASP n 
1 75  VAL n 
1 76  ILE n 
1 77  HIS n 
1 78  SER n 
1 79  ILE n 
1 80  GLU n 
1 81  ASP n 
1 82  ILE n 
1 83  TYR n 
1 84  GLN n 
1 85  LEU n 
1 86  PRO n 
1 87  GLY n 
1 88  HIS n 
1 89  VAL n 
1 90  PHE n 
1 91  ILE n 
1 92  PHE n 
1 93  GLY n 
1 94  GLY n 
1 95  GLN n 
1 96  THR n 
1 97  LEU n 
1 98  PHE n 
1 99  GLU n 
1 100 GLU n 
1 101 MET n 
1 102 ILE n 
1 103 ASP n 
1 104 LYS n 
1 105 VAL n 
1 106 ASP n 
1 107 ASP n 
1 108 MET n 
1 109 TYR n 
1 110 ILE n 
1 111 THR n 
1 112 VAL n 
1 113 ILE n 
1 114 GLU n 
1 115 GLY n 
1 116 LYS n 
1 117 PHE n 
1 118 ARG n 
1 119 GLY n 
1 120 ASP n 
1 121 THR n 
1 122 PHE n 
1 123 PHE n 
1 124 PRO n 
1 125 PRO n 
1 126 TYR n 
1 127 THR n 
1 128 PHE n 
1 129 GLU n 
1 130 ASP n 
1 131 TRP n 
1 132 GLU n 
1 133 VAL n 
1 134 ALA n 
1 135 SER n 
1 136 SER n 
1 137 VAL n 
1 138 GLU n 
1 139 GLY n 
1 140 LYS n 
1 141 LEU n 
1 142 ASP n 
1 143 GLU n 
1 144 LYS n 
1 145 ASN n 
1 146 THR n 
1 147 ILE n 
1 148 PRO n 
1 149 HIS n 
1 150 THR n 
1 151 PHE n 
1 152 LEU n 
1 153 HIS n 
1 154 LEU n 
1 155 ILE n 
1 156 ARG n 
1 157 LYS n 
# 
_entity_src_gen.entity_id                          1 
_entity_src_gen.pdbx_src_id                        1 
_entity_src_gen.pdbx_alt_source_flag               sample 
_entity_src_gen.pdbx_seq_type                      ? 
_entity_src_gen.pdbx_beg_seq_num                   ? 
_entity_src_gen.pdbx_end_seq_num                   ? 
_entity_src_gen.gene_src_common_name               ? 
_entity_src_gen.gene_src_genus                     ? 
_entity_src_gen.pdbx_gene_src_gene                 'dfrB, SAB1281c' 
_entity_src_gen.gene_src_species                   ? 
_entity_src_gen.gene_src_strain                    'RF122 / ET3-1' 
_entity_src_gen.gene_src_tissue                    ? 
_entity_src_gen.gene_src_tissue_fraction           ? 
_entity_src_gen.gene_src_details                   ? 
_entity_src_gen.pdbx_gene_src_fragment             ? 
_entity_src_gen.pdbx_gene_src_scientific_name      'Staphylococcus aureus RF122' 
_entity_src_gen.pdbx_gene_src_ncbi_taxonomy_id     273036 
_entity_src_gen.pdbx_gene_src_variant              ? 
_entity_src_gen.pdbx_gene_src_cell_line            ? 
_entity_src_gen.pdbx_gene_src_atcc                 ? 
_entity_src_gen.pdbx_gene_src_organ                ? 
_entity_src_gen.pdbx_gene_src_organelle            ? 
_entity_src_gen.pdbx_gene_src_cell                 ? 
_entity_src_gen.pdbx_gene_src_cellular_location    ? 
_entity_src_gen.host_org_common_name               ? 
_entity_src_gen.pdbx_host_org_scientific_name      'Escherichia coli' 
_entity_src_gen.pdbx_host_org_ncbi_taxonomy_id     562 
_entity_src_gen.host_org_genus                     ? 
_entity_src_gen.pdbx_host_org_gene                 ? 
_entity_src_gen.pdbx_host_org_organ                ? 
_entity_src_gen.host_org_species                   ? 
_entity_src_gen.pdbx_host_org_tissue               ? 
_entity_src_gen.pdbx_host_org_tissue_fraction      ? 
_entity_src_gen.pdbx_host_org_strain               'BL21(DE3)' 
_entity_src_gen.pdbx_host_org_variant              ? 
_entity_src_gen.pdbx_host_org_cell_line            ? 
_entity_src_gen.pdbx_host_org_atcc                 ? 
_entity_src_gen.pdbx_host_org_culture_collection   ? 
_entity_src_gen.pdbx_host_org_cell                 ? 
_entity_src_gen.pdbx_host_org_organelle            ? 
_entity_src_gen.pdbx_host_org_cellular_location    ? 
_entity_src_gen.pdbx_host_org_vector_type          plasmid 
_entity_src_gen.pdbx_host_org_vector               ? 
_entity_src_gen.host_org_details                   ? 
_entity_src_gen.expression_system_id               ? 
_entity_src_gen.plasmid_name                       pET41 
_entity_src_gen.plasmid_details                    ? 
_entity_src_gen.pdbx_description                   ? 
# 
loop_
_chem_comp.id 
_chem_comp.type 
_chem_comp.mon_nstd_flag 
_chem_comp.name 
_chem_comp.pdbx_synonyms 
_chem_comp.formula 
_chem_comp.formula_weight 
ALA 'L-peptide linking' y ALANINE                                                                   ? 'C3 H7 N O2'        89.093  
ARG 'L-peptide linking' y ARGININE                                                                  ? 'C6 H15 N4 O2 1'    175.209 
ASN 'L-peptide linking' y ASPARAGINE                                                                ? 'C4 H8 N2 O3'       132.118 
ASP 'L-peptide linking' y 'ASPARTIC ACID'                                                           ? 'C4 H7 N O4'        133.103 
GLN 'L-peptide linking' y GLUTAMINE                                                                 ? 'C5 H10 N2 O3'      146.144 
GLU 'L-peptide linking' y 'GLUTAMIC ACID'                                                           ? 'C5 H9 N O4'        147.129 
GLY 'peptide linking'   y GLYCINE                                                                   ? 'C2 H5 N O2'        75.067  
HIS 'L-peptide linking' y HISTIDINE                                                                 ? 'C6 H10 N3 O2 1'    156.162 
HOH non-polymer         . WATER                                                                     ? 'H2 O'              18.015  
ILE 'L-peptide linking' y ISOLEUCINE                                                                ? 'C6 H13 N O2'       131.173 
LEU 'L-peptide linking' y LEUCINE                                                                   ? 'C6 H13 N O2'       131.173 
LYS 'L-peptide linking' y LYSINE                                                                    ? 'C6 H15 N2 O2 1'    147.195 
MET 'L-peptide linking' y METHIONINE                                                                ? 'C5 H11 N O2 S'     149.211 
N22 non-polymer         . '5-[3-(2,5-dimethoxyphenyl)prop-1-yn-1-yl]-6-ethylpyrimidine-2,4-diamine' ? 'C17 H20 N4 O2'     312.366 
NDP non-polymer         . 'NADPH DIHYDRO-NICOTINAMIDE-ADENINE-DINUCLEOTIDE PHOSPHATE'               ? 'C21 H30 N7 O17 P3' 745.421 
PHE 'L-peptide linking' y PHENYLALANINE                                                             ? 'C9 H11 N O2'       165.189 
PRO 'L-peptide linking' y PROLINE                                                                   ? 'C5 H9 N O2'        115.130 
SER 'L-peptide linking' y SERINE                                                                    ? 'C3 H7 N O3'        105.093 
THR 'L-peptide linking' y THREONINE                                                                 ? 'C4 H9 N O3'        119.119 
TRP 'L-peptide linking' y TRYPTOPHAN                                                                ? 'C11 H12 N2 O2'     204.225 
TYR 'L-peptide linking' y TYROSINE                                                                  ? 'C9 H11 N O3'       181.189 
VAL 'L-peptide linking' y VALINE                                                                    ? 'C5 H11 N O2'       117.146 
# 
loop_
_pdbx_poly_seq_scheme.asym_id 
_pdbx_poly_seq_scheme.entity_id 
_pdbx_poly_seq_scheme.seq_id 
_pdbx_poly_seq_scheme.mon_id 
_pdbx_poly_seq_scheme.ndb_seq_num 
_pdbx_poly_seq_scheme.pdb_seq_num 
_pdbx_poly_seq_scheme.auth_seq_num 
_pdbx_poly_seq_scheme.pdb_mon_id 
_pdbx_poly_seq_scheme.auth_mon_id 
_pdbx_poly_seq_scheme.pdb_strand_id 
_pdbx_poly_seq_scheme.pdb_ins_code 
_pdbx_poly_seq_scheme.hetero 
A 1 1   THR 1   1   1   THR THR A . n 
A 1 2   LEU 2   2   2   LEU LEU A . n 
A 1 3   SER 3   3   3   SER SER A . n 
A 1 4   ILE 4   4   4   ILE ILE A . n 
A 1 5   LEU 5   5   5   LEU LEU A . n 
A 1 6   VAL 6   6   6   VAL VAL A . n 
A 1 7   ALA 7   7   7   ALA ALA A . n 
A 1 8   HIS 8   8   8   HIS HIS A . n 
A 1 9   ASP 9   9   9   ASP ASP A . n 
A 1 10  LEU 10  10  10  LEU LEU A . n 
A 1 11  GLN 11  11  11  GLN GLN A . n 
A 1 12  ARG 12  12  12  ARG ARG A . n 
A 1 13  VAL 13  13  13  VAL VAL A . n 
A 1 14  ILE 14  14  14  ILE ILE A . n 
A 1 15  GLY 15  15  15  GLY GLY A . n 
A 1 16  PHE 16  16  16  PHE PHE A . n 
A 1 17  GLU 17  17  17  GLU GLU A . n 
A 1 18  ASN 18  18  18  ASN ASN A . n 
A 1 19  GLN 19  19  19  GLN GLN A . n 
A 1 20  LEU 20  20  20  LEU LEU A . n 
A 1 21  PRO 21  21  21  PRO PRO A . n 
A 1 22  TRP 22  22  22  TRP TRP A . n 
A 1 23  HIS 23  23  23  HIS HIS A . n 
A 1 24  LEU 24  24  24  LEU LEU A . n 
A 1 25  PRO 25  25  25  PRO PRO A . n 
A 1 26  ASN 26  26  26  ASN ASN A . n 
A 1 27  ASP 27  27  27  ASP ASP A . n 
A 1 28  LEU 28  28  28  LEU LEU A . n 
A 1 29  LYS 29  29  29  LYS LYS A . n 
A 1 30  HIS 30  30  30  HIS HIS A . n 
A 1 31  VAL 31  31  31  VAL VAL A . n 
A 1 32  LYS 32  32  32  LYS LYS A . n 
A 1 33  LYS 33  33  33  LYS LYS A . n 
A 1 34  LEU 34  34  34  LEU LEU A . n 
A 1 35  SER 35  35  35  SER SER A . n 
A 1 36  THR 36  36  36  THR THR A . n 
A 1 37  GLY 37  37  37  GLY GLY A . n 
A 1 38  HIS 38  38  38  HIS HIS A . n 
A 1 39  THR 39  39  39  THR THR A . n 
A 1 40  LEU 40  40  40  LEU LEU A . n 
A 1 41  VAL 41  41  41  VAL VAL A . n 
A 1 42  MET 42  42  42  MET MET A . n 
A 1 43  GLY 43  43  43  GLY GLY A . n 
A 1 44  ARG 44  44  44  ARG ARG A . n 
A 1 45  LYS 45  45  45  LYS LYS A . n 
A 1 46  THR 46  46  46  THR THR A . n 
A 1 47  PHE 47  47  47  PHE PHE A . n 
A 1 48  GLU 48  48  48  GLU GLU A . n 
A 1 49  SER 49  49  49  SER SER A . n 
A 1 50  ILE 50  50  50  ILE ILE A . n 
A 1 51  GLY 51  51  51  GLY GLY A . n 
A 1 52  LYS 52  52  52  LYS LYS A . n 
A 1 53  PRO 53  53  53  PRO PRO A . n 
A 1 54  LEU 54  54  54  LEU LEU A . n 
A 1 55  PRO 55  55  55  PRO PRO A . n 
A 1 56  ASN 56  56  56  ASN ASN A . n 
A 1 57  ARG 57  57  57  ARG ARG A . n 
A 1 58  ARG 58  58  58  ARG ARG A . n 
A 1 59  ASN 59  59  59  ASN ASN A . n 
A 1 60  VAL 60  60  60  VAL VAL A . n 
A 1 61  VAL 61  61  61  VAL VAL A . n 
A 1 62  LEU 62  62  62  LEU LEU A . n 
A 1 63  THR 63  63  63  THR THR A . n 
A 1 64  SER 64  64  64  SER SER A . n 
A 1 65  ASP 65  65  65  ASP ASP A . n 
A 1 66  THR 66  66  66  THR THR A . n 
A 1 67  SER 67  67  67  SER SER A . n 
A 1 68  PHE 68  68  68  PHE PHE A . n 
A 1 69  ASN 69  69  69  ASN ASN A . n 
A 1 70  VAL 70  70  70  VAL VAL A . n 
A 1 71  GLU 71  71  71  GLU GLU A . n 
A 1 72  GLY 72  72  72  GLY GLY A . n 
A 1 73  VAL 73  73  73  VAL VAL A . n 
A 1 74  ASP 74  74  74  ASP ASP A . n 
A 1 75  VAL 75  75  75  VAL VAL A . n 
A 1 76  ILE 76  76  76  ILE ILE A . n 
A 1 77  HIS 77  77  77  HIS HIS A . n 
A 1 78  SER 78  78  78  SER SER A . n 
A 1 79  ILE 79  79  79  ILE ILE A . n 
A 1 80  GLU 80  80  80  GLU GLU A . n 
A 1 81  ASP 81  81  81  ASP ASP A . n 
A 1 82  ILE 82  82  82  ILE ILE A . n 
A 1 83  TYR 83  83  83  TYR TYR A . n 
A 1 84  GLN 84  84  84  GLN GLN A . n 
A 1 85  LEU 85  85  85  LEU LEU A . n 
A 1 86  PRO 86  86  86  PRO PRO A . n 
A 1 87  GLY 87  87  87  GLY GLY A . n 
A 1 88  HIS 88  88  88  HIS HIS A . n 
A 1 89  VAL 89  89  89  VAL VAL A . n 
A 1 90  PHE 90  90  90  PHE PHE A . n 
A 1 91  ILE 91  91  91  ILE ILE A . n 
A 1 92  PHE 92  92  92  PHE PHE A . n 
A 1 93  GLY 93  93  93  GLY GLY A . n 
A 1 94  GLY 94  94  94  GLY GLY A . n 
A 1 95  GLN 95  95  95  GLN GLN A . n 
A 1 96  THR 96  96  96  THR THR A . n 
A 1 97  LEU 97  97  97  LEU LEU A . n 
A 1 98  PHE 98  98  98  PHE PHE A . n 
A 1 99  GLU 99  99  99  GLU GLU A . n 
A 1 100 GLU 100 100 100 GLU GLU A . n 
A 1 101 MET 101 101 101 MET MET A . n 
A 1 102 ILE 102 102 102 ILE ILE A . n 
A 1 103 ASP 103 103 103 ASP ASP A . n 
A 1 104 LYS 104 104 104 LYS LYS A . n 
A 1 105 VAL 105 105 105 VAL VAL A . n 
A 1 106 ASP 106 106 106 ASP ASP A . n 
A 1 107 ASP 107 107 107 ASP ASP A . n 
A 1 108 MET 108 108 108 MET MET A . n 
A 1 109 TYR 109 109 109 TYR TYR A . n 
A 1 110 ILE 110 110 110 ILE ILE A . n 
A 1 111 THR 111 111 111 THR THR A . n 
A 1 112 VAL 112 112 112 VAL VAL A . n 
A 1 113 ILE 113 113 113 ILE ILE A . n 
A 1 114 GLU 114 114 114 GLU GLU A . n 
A 1 115 GLY 115 115 115 GLY GLY A . n 
A 1 116 LYS 116 116 116 LYS LYS A . n 
A 1 117 PHE 117 117 117 PHE PHE A . n 
A 1 118 ARG 118 118 118 ARG ARG A . n 
A 1 119 GLY 119 119 119 GLY GLY A . n 
A 1 120 ASP 120 120 120 ASP ASP A . n 
A 1 121 THR 121 121 121 THR THR A . n 
A 1 122 PHE 122 122 122 PHE PHE A . n 
A 1 123 PHE 123 123 123 PHE PHE A . n 
A 1 124 PRO 124 124 124 PRO PRO A . n 
A 1 125 PRO 125 125 125 PRO PRO A . n 
A 1 126 TYR 126 126 126 TYR TYR A . n 
A 1 127 THR 127 127 127 THR THR A . n 
A 1 128 PHE 128 128 128 PHE PHE A . n 
A 1 129 GLU 129 129 129 GLU GLU A . n 
A 1 130 ASP 130 130 130 ASP ASP A . n 
A 1 131 TRP 131 131 131 TRP TRP A . n 
A 1 132 GLU 132 132 132 GLU GLU A . n 
A 1 133 VAL 133 133 133 VAL VAL A . n 
A 1 134 ALA 134 134 134 ALA ALA A . n 
A 1 135 SER 135 135 135 SER SER A . n 
A 1 136 SER 136 136 136 SER SER A . n 
A 1 137 VAL 137 137 137 VAL VAL A . n 
A 1 138 GLU 138 138 138 GLU GLU A . n 
A 1 139 GLY 139 139 139 GLY GLY A . n 
A 1 140 LYS 140 140 140 LYS LYS A . n 
A 1 141 LEU 141 141 141 LEU LEU A . n 
A 1 142 ASP 142 142 142 ASP ASP A . n 
A 1 143 GLU 143 143 143 GLU GLU A . n 
A 1 144 LYS 144 144 144 LYS LYS A . n 
A 1 145 ASN 145 145 145 ASN ASN A . n 
A 1 146 THR 146 146 146 THR THR A . n 
A 1 147 ILE 147 147 147 ILE ILE A . n 
A 1 148 PRO 148 148 148 PRO PRO A . n 
A 1 149 HIS 149 149 149 HIS HIS A . n 
A 1 150 THR 150 150 150 THR THR A . n 
A 1 151 PHE 151 151 151 PHE PHE A . n 
A 1 152 LEU 152 152 152 LEU LEU A . n 
A 1 153 HIS 153 153 153 HIS HIS A . n 
A 1 154 LEU 154 154 154 LEU LEU A . n 
A 1 155 ILE 155 155 155 ILE ILE A . n 
A 1 156 ARG 156 156 156 ARG ARG A . n 
A 1 157 LYS 157 157 157 LYS LYS A . n 
# 
loop_
_pdbx_nonpoly_scheme.asym_id 
_pdbx_nonpoly_scheme.entity_id 
_pdbx_nonpoly_scheme.mon_id 
_pdbx_nonpoly_scheme.ndb_seq_num 
_pdbx_nonpoly_scheme.pdb_seq_num 
_pdbx_nonpoly_scheme.auth_seq_num 
_pdbx_nonpoly_scheme.pdb_mon_id 
_pdbx_nonpoly_scheme.auth_mon_id 
_pdbx_nonpoly_scheme.pdb_strand_id 
_pdbx_nonpoly_scheme.pdb_ins_code 
B 2 NDP 1   207 207 NDP NAP A . 
C 3 N22 1   219 219 N22 N22 A . 
D 4 HOH 1   158 158 HOH HOH A . 
D 4 HOH 2   159 1   HOH HOH A . 
D 4 HOH 3   160 2   HOH HOH A . 
D 4 HOH 4   161 161 HOH HOH A . 
D 4 HOH 5   162 3   HOH HOH A . 
D 4 HOH 6   163 163 HOH HOH A . 
D 4 HOH 7   164 164 HOH HOH A . 
D 4 HOH 8   165 4   HOH HOH A . 
D 4 HOH 9   166 166 HOH HOH A . 
D 4 HOH 10  167 167 HOH HOH A . 
D 4 HOH 11  168 5   HOH HOH A . 
D 4 HOH 12  169 169 HOH HOH A . 
D 4 HOH 13  170 6   HOH HOH A . 
D 4 HOH 14  171 171 HOH HOH A . 
D 4 HOH 15  172 7   HOH HOH A . 
D 4 HOH 16  173 8   HOH HOH A . 
D 4 HOH 17  174 9   HOH HOH A . 
D 4 HOH 18  175 10  HOH HOH A . 
D 4 HOH 19  176 11  HOH HOH A . 
D 4 HOH 20  177 12  HOH HOH A . 
D 4 HOH 21  178 178 HOH HOH A . 
D 4 HOH 22  179 179 HOH HOH A . 
D 4 HOH 23  180 180 HOH HOH A . 
D 4 HOH 24  181 13  HOH HOH A . 
D 4 HOH 25  182 14  HOH HOH A . 
D 4 HOH 26  183 15  HOH HOH A . 
D 4 HOH 27  184 16  HOH HOH A . 
D 4 HOH 28  185 17  HOH HOH A . 
D 4 HOH 29  186 18  HOH HOH A . 
D 4 HOH 30  187 19  HOH HOH A . 
D 4 HOH 31  188 20  HOH HOH A . 
D 4 HOH 32  189 21  HOH HOH A . 
D 4 HOH 33  190 22  HOH HOH A . 
D 4 HOH 34  191 23  HOH HOH A . 
D 4 HOH 35  192 24  HOH HOH A . 
D 4 HOH 36  193 25  HOH HOH A . 
D 4 HOH 37  194 26  HOH HOH A . 
D 4 HOH 38  195 27  HOH HOH A . 
D 4 HOH 39  196 28  HOH HOH A . 
D 4 HOH 40  197 29  HOH HOH A . 
D 4 HOH 41  198 30  HOH HOH A . 
D 4 HOH 42  199 31  HOH HOH A . 
D 4 HOH 43  200 32  HOH HOH A . 
D 4 HOH 44  201 33  HOH HOH A . 
D 4 HOH 45  202 34  HOH HOH A . 
D 4 HOH 46  203 36  HOH HOH A . 
D 4 HOH 47  204 37  HOH HOH A . 
D 4 HOH 48  205 38  HOH HOH A . 
D 4 HOH 49  206 39  HOH HOH A . 
D 4 HOH 50  208 40  HOH HOH A . 
D 4 HOH 51  209 41  HOH HOH A . 
D 4 HOH 52  210 42  HOH HOH A . 
D 4 HOH 53  211 44  HOH HOH A . 
D 4 HOH 54  212 45  HOH HOH A . 
D 4 HOH 55  213 46  HOH HOH A . 
D 4 HOH 56  214 47  HOH HOH A . 
D 4 HOH 57  215 48  HOH HOH A . 
D 4 HOH 58  216 49  HOH HOH A . 
D 4 HOH 59  217 50  HOH HOH A . 
D 4 HOH 60  218 52  HOH HOH A . 
D 4 HOH 61  220 53  HOH HOH A . 
D 4 HOH 62  221 54  HOH HOH A . 
D 4 HOH 63  222 56  HOH HOH A . 
D 4 HOH 64  223 57  HOH HOH A . 
D 4 HOH 65  224 58  HOH HOH A . 
D 4 HOH 66  225 59  HOH HOH A . 
D 4 HOH 67  226 60  HOH HOH A . 
D 4 HOH 68  227 61  HOH HOH A . 
D 4 HOH 69  228 62  HOH HOH A . 
D 4 HOH 70  229 63  HOH HOH A . 
D 4 HOH 71  230 64  HOH HOH A . 
D 4 HOH 72  231 65  HOH HOH A . 
D 4 HOH 73  232 66  HOH HOH A . 
D 4 HOH 74  233 67  HOH HOH A . 
D 4 HOH 75  234 68  HOH HOH A . 
D 4 HOH 76  235 69  HOH HOH A . 
D 4 HOH 77  236 71  HOH HOH A . 
D 4 HOH 78  237 73  HOH HOH A . 
D 4 HOH 79  238 74  HOH HOH A . 
D 4 HOH 80  239 75  HOH HOH A . 
D 4 HOH 81  240 76  HOH HOH A . 
D 4 HOH 82  241 78  HOH HOH A . 
D 4 HOH 83  242 79  HOH HOH A . 
D 4 HOH 84  243 80  HOH HOH A . 
D 4 HOH 85  244 81  HOH HOH A . 
D 4 HOH 86  245 82  HOH HOH A . 
D 4 HOH 87  246 83  HOH HOH A . 
D 4 HOH 88  247 84  HOH HOH A . 
D 4 HOH 89  248 85  HOH HOH A . 
D 4 HOH 90  249 86  HOH HOH A . 
D 4 HOH 91  250 87  HOH HOH A . 
D 4 HOH 92  251 88  HOH HOH A . 
D 4 HOH 93  252 89  HOH HOH A . 
D 4 HOH 94  253 90  HOH HOH A . 
D 4 HOH 95  254 92  HOH HOH A . 
D 4 HOH 96  255 93  HOH HOH A . 
D 4 HOH 97  256 94  HOH HOH A . 
D 4 HOH 98  257 95  HOH HOH A . 
D 4 HOH 99  258 96  HOH HOH A . 
D 4 HOH 100 259 97  HOH HOH A . 
D 4 HOH 101 260 98  HOH HOH A . 
D 4 HOH 102 261 99  HOH HOH A . 
D 4 HOH 103 262 100 HOH HOH A . 
D 4 HOH 104 263 101 HOH HOH A . 
D 4 HOH 105 264 104 HOH HOH A . 
D 4 HOH 106 265 105 HOH HOH A . 
D 4 HOH 107 266 106 HOH HOH A . 
D 4 HOH 108 267 108 HOH HOH A . 
D 4 HOH 109 268 109 HOH HOH A . 
D 4 HOH 110 269 110 HOH HOH A . 
D 4 HOH 111 270 111 HOH HOH A . 
D 4 HOH 112 271 112 HOH HOH A . 
D 4 HOH 113 272 113 HOH HOH A . 
D 4 HOH 114 273 115 HOH HOH A . 
D 4 HOH 115 274 116 HOH HOH A . 
D 4 HOH 116 275 117 HOH HOH A . 
D 4 HOH 117 276 118 HOH HOH A . 
D 4 HOH 118 277 119 HOH HOH A . 
D 4 HOH 119 278 120 HOH HOH A . 
D 4 HOH 120 279 121 HOH HOH A . 
D 4 HOH 121 280 122 HOH HOH A . 
D 4 HOH 122 281 124 HOH HOH A . 
D 4 HOH 123 282 126 HOH HOH A . 
D 4 HOH 124 283 127 HOH HOH A . 
D 4 HOH 125 284 128 HOH HOH A . 
D 4 HOH 126 285 129 HOH HOH A . 
D 4 HOH 127 286 130 HOH HOH A . 
D 4 HOH 128 287 136 HOH HOH A . 
D 4 HOH 129 288 137 HOH HOH A . 
D 4 HOH 130 289 140 HOH HOH A . 
D 4 HOH 131 290 141 HOH HOH A . 
D 4 HOH 132 291 142 HOH HOH A . 
D 4 HOH 133 292 144 HOH HOH A . 
D 4 HOH 134 293 145 HOH HOH A . 
D 4 HOH 135 294 146 HOH HOH A . 
D 4 HOH 136 295 147 HOH HOH A . 
D 4 HOH 137 296 148 HOH HOH A . 
D 4 HOH 138 297 149 HOH HOH A . 
D 4 HOH 139 298 151 HOH HOH A . 
D 4 HOH 140 299 153 HOH HOH A . 
D 4 HOH 141 300 154 HOH HOH A . 
D 4 HOH 142 301 155 HOH HOH A . 
D 4 HOH 143 302 157 HOH HOH A . 
# 
loop_
_software.name 
_software.version 
_software.date 
_software.type 
_software.contact_author 
_software.contact_author_email 
_software.classification 
_software.location 
_software.language 
_software.citation_id 
_software.pdbx_ordinal 
DENZO       .        ?               package 'Zbyszek Otwinowski' hkl@hkl-xray.com      'data reduction'  http://www.hkl-xray.com/ 
?          ? 1 
SCALEPACK   .        ?               package 'Zbyszek Otwinowski' hkl@hkl-xray.com      'data scaling'    http://www.hkl-xray.com/ 
?          ? 2 
REFMAC      5.2.0019 ?               program 'Garib N. Murshudov' garib@ysbl.york.ac.uk refinement        
http://www.ccp4.ac.uk/dist/html/refmac5.html Fortran_77 ? 3 
PDB_EXTRACT 3.006    'June 11, 2008' package PDB                  help@deposit.rcsb.org 'data extraction' 
http://sw-tools.pdb.org/apps/PDB_EXTRACT/    C++        ? 4 
CBASS       .        ?               ?       ?                    ?                     'data collection' ? ?          ? 5 
Coot        .        ?               ?       ?                    ?                     'model building'  ? ?          ? 6 
CCP4        .        ?               ?       ?                    ?                     phasing           ? ?          ? 7 
# 
_cell.entry_id           3FQ0 
_cell.length_a           79.213 
_cell.length_b           79.213 
_cell.length_c           108.015 
_cell.angle_alpha        90.00 
_cell.angle_beta         90.00 
_cell.angle_gamma        120.00 
_cell.Z_PDB              12 
_cell.pdbx_unique_axis   ? 
_cell.length_a_esd       ? 
_cell.length_b_esd       ? 
_cell.length_c_esd       ? 
_cell.angle_alpha_esd    ? 
_cell.angle_beta_esd     ? 
_cell.angle_gamma_esd    ? 
# 
_symmetry.entry_id                         3FQ0 
_symmetry.space_group_name_H-M             'P 61 2 2' 
_symmetry.pdbx_full_space_group_name_H-M   ? 
_symmetry.cell_setting                     ? 
_symmetry.Int_Tables_number                178 
_symmetry.space_group_name_Hall            ? 
# 
_exptl.crystals_number   1 
_exptl.entry_id          3FQ0 
_exptl.method            'X-RAY DIFFRACTION' 
# 
_exptl_crystal.id                    1 
_exptl_crystal.density_Matthews      2.72 
_exptl_crystal.density_meas          ? 
_exptl_crystal.density_percent_sol   54.70 
_exptl_crystal.description           ? 
_exptl_crystal.F_000                 ? 
_exptl_crystal.preparation           ? 
# 
_exptl_crystal_grow.crystal_id      1 
_exptl_crystal_grow.method          'VAPOR DIFFUSION, HANGING DROP' 
_exptl_crystal_grow.pH              6.5 
_exptl_crystal_grow.temp            277 
_exptl_crystal_grow.temp_details    ? 
_exptl_crystal_grow.pdbx_details    
'15% PEG 10000, 150mM Sodium acetate, 100mM MES pH 6.5, 5% Butyrlactone, VAPOR DIFFUSION, HANGING DROP, temperature 277K' 
_exptl_crystal_grow.pdbx_pH_range   ? 
# 
_diffrn.id                     1 
_diffrn.ambient_temp           77.2 
_diffrn.ambient_temp_details   ? 
_diffrn.crystal_id             1 
# 
_diffrn_detector.diffrn_id              1 
_diffrn_detector.detector               CCD 
_diffrn_detector.type                   'ADSC QUANTUM 315' 
_diffrn_detector.pdbx_collection_date   2008-02-27 
_diffrn_detector.details                ? 
# 
_diffrn_radiation.diffrn_id                        1 
_diffrn_radiation.wavelength_id                    1 
_diffrn_radiation.pdbx_diffrn_protocol             'SINGLE WAVELENGTH' 
_diffrn_radiation.monochromator                    ? 
_diffrn_radiation.pdbx_monochromatic_or_laue_m_l   M 
_diffrn_radiation.pdbx_scattering_type             x-ray 
# 
_diffrn_radiation_wavelength.id           1 
_diffrn_radiation_wavelength.wavelength   1.080900 
_diffrn_radiation_wavelength.wt           1.0 
# 
_diffrn_source.diffrn_id                   1 
_diffrn_source.source                      SYNCHROTRON 
_diffrn_source.type                        'NSLS BEAMLINE X29A' 
_diffrn_source.pdbx_wavelength             ? 
_diffrn_source.pdbx_wavelength_list        1.080900 
_diffrn_source.pdbx_synchrotron_site       NSLS 
_diffrn_source.pdbx_synchrotron_beamline   X29A 
# 
_reflns.entry_id                     3FQ0 
_reflns.observed_criterion_sigma_F   ? 
_reflns.observed_criterion_sigma_I   3.00 
_reflns.d_resolution_high            1.69 
_reflns.d_resolution_low             31.94 
_reflns.number_all                   ? 
_reflns.number_obs                   21315 
_reflns.percent_possible_obs         97.9 
_reflns.pdbx_Rmerge_I_obs            0.036 
_reflns.pdbx_Rsym_value              0.036 
_reflns.pdbx_netI_over_sigmaI        7.2 
_reflns.B_iso_Wilson_estimate        ? 
_reflns.pdbx_redundancy              9.3 
_reflns.R_free_details               ? 
_reflns.limit_h_max                  ? 
_reflns.limit_h_min                  ? 
_reflns.limit_k_max                  ? 
_reflns.limit_k_min                  ? 
_reflns.limit_l_max                  ? 
_reflns.limit_l_min                  ? 
_reflns.observed_criterion_F_max     ? 
_reflns.observed_criterion_F_min     ? 
_reflns.pdbx_chi_squared             ? 
_reflns.pdbx_scaling_rejects         ? 
_reflns.pdbx_ordinal                 1 
_reflns.pdbx_diffrn_id               1 
# 
_reflns_shell.d_res_high             1.69 
_reflns_shell.d_res_low              1.75 
_reflns_shell.percent_possible_obs   ? 
_reflns_shell.percent_possible_all   79.4 
_reflns_shell.Rmerge_I_obs           0.245 
_reflns_shell.meanI_over_sigI_obs    2.2 
_reflns_shell.pdbx_Rsym_value        0.245 
_reflns_shell.pdbx_redundancy        3.7 
_reflns_shell.number_unique_all      1181 
_reflns_shell.number_measured_all    ? 
_reflns_shell.number_measured_obs    ? 
_reflns_shell.number_unique_obs      ? 
_reflns_shell.pdbx_chi_squared       ? 
_reflns_shell.pdbx_ordinal           1 
_reflns_shell.pdbx_diffrn_id         1 
# 
_refine.entry_id                                 3FQ0 
_refine.ls_d_res_high                            1.69 
_refine.ls_d_res_low                             31.94 
_refine.pdbx_ls_sigma_F                          0.00 
_refine.ls_percent_reflns_obs                    97.760 
_refine.ls_number_reflns_obs                     21315 
_refine.pdbx_ls_cross_valid_method               THROUGHOUT 
_refine.pdbx_R_Free_selection_details            RANDOM 
_refine.details                                  'HYDROGENS HAVE BEEN ADDED IN THE RIDING POSITIONS' 
_refine.ls_R_factor_obs                          0.218 
_refine.ls_R_factor_R_work                       0.217 
_refine.ls_R_factor_R_free                       0.250 
_refine.ls_percent_reflns_R_free                 5.100 
_refine.ls_number_reflns_R_free                  1151 
_refine.B_iso_mean                               22.081 
_refine.aniso_B[1][1]                            -0.000 
_refine.aniso_B[2][2]                            -0.000 
_refine.aniso_B[3][3]                            0.000 
_refine.aniso_B[1][2]                            -0.000 
_refine.aniso_B[1][3]                            -0.000 
_refine.aniso_B[2][3]                            0.000 
_refine.correlation_coeff_Fo_to_Fc               0.949 
_refine.correlation_coeff_Fo_to_Fc_free          0.935 
_refine.pdbx_overall_ESU_R                       0.117 
_refine.pdbx_overall_ESU_R_Free                  0.115 
_refine.overall_SU_ML                            0.079 
_refine.overall_SU_B                             2.372 
_refine.solvent_model_details                    MASK 
_refine.pdbx_solvent_vdw_probe_radii             1.200 
_refine.pdbx_solvent_ion_probe_radii             0.800 
_refine.pdbx_solvent_shrinkage_radii             0.800 
_refine.pdbx_method_to_determine_struct          'DIFFERENCE FOURIER' 
_refine.pdbx_stereochemistry_target_values       'MAXIMUM LIKELIHOOD' 
_refine.B_iso_max                                60.12 
_refine.B_iso_min                                10.04 
_refine.occupancy_max                            1.00 
_refine.occupancy_min                            1.00 
_refine.pdbx_ls_sigma_I                          ? 
_refine.ls_number_reflns_all                     21315 
_refine.ls_R_factor_all                          0.218 
_refine.ls_redundancy_reflns_obs                 ? 
_refine.pdbx_data_cutoff_high_absF               ? 
_refine.pdbx_data_cutoff_low_absF                ? 
_refine.ls_number_parameters                     ? 
_refine.ls_number_restraints                     ? 
_refine.ls_R_factor_R_free_error                 ? 
_refine.ls_R_factor_R_free_error_details         ? 
_refine.pdbx_starting_model                      
'Sa F98Y DHFR bound to Folate and NADPH (Dale et al., J.Mol.Biol. 1997, structure not deposited in the PDB)' 
_refine.pdbx_stereochem_target_val_spec_case     ? 
_refine.solvent_model_param_bsol                 ? 
_refine.solvent_model_param_ksol                 ? 
_refine.pdbx_isotropic_thermal_model             ? 
_refine.overall_SU_R_Cruickshank_DPI             ? 
_refine.overall_SU_R_free                        ? 
_refine.pdbx_data_cutoff_high_rms_absF           ? 
_refine.ls_wR_factor_R_free                      ? 
_refine.ls_wR_factor_R_work                      ? 
_refine.overall_FOM_free_R_set                   ? 
_refine.overall_FOM_work_R_set                   ? 
_refine.pdbx_overall_phase_error                 ? 
_refine.pdbx_refine_id                           'X-RAY DIFFRACTION' 
_refine.pdbx_diffrn_id                           1 
_refine.pdbx_TLS_residual_ADP_flag               ? 
_refine.pdbx_overall_SU_R_free_Cruickshank_DPI   ? 
_refine.pdbx_overall_SU_R_Blow_DPI               ? 
_refine.pdbx_overall_SU_R_free_Blow_DPI          ? 
# 
_refine_hist.pdbx_refine_id                   'X-RAY DIFFRACTION' 
_refine_hist.cycle_id                         LAST 
_refine_hist.pdbx_number_atoms_protein        1273 
_refine_hist.pdbx_number_atoms_nucleic_acid   0 
_refine_hist.pdbx_number_atoms_ligand         71 
_refine_hist.number_atoms_solvent             143 
_refine_hist.number_atoms_total               1487 
_refine_hist.d_res_high                       1.69 
_refine_hist.d_res_low                        31.94 
# 
loop_
_refine_ls_restr.type 
_refine_ls_restr.number 
_refine_ls_restr.dev_ideal 
_refine_ls_restr.dev_ideal_target 
_refine_ls_restr.weight 
_refine_ls_restr.pdbx_refine_id 
_refine_ls_restr.pdbx_restraint_function 
r_bond_refined_d         1382 0.008  0.022  ? 'X-RAY DIFFRACTION' ? 
r_angle_refined_deg      1884 1.275  2.013  ? 'X-RAY DIFFRACTION' ? 
r_dihedral_angle_1_deg   156  6.646  5.000  ? 'X-RAY DIFFRACTION' ? 
r_dihedral_angle_2_deg   62   35.365 24.194 ? 'X-RAY DIFFRACTION' ? 
r_dihedral_angle_3_deg   226  11.994 15.000 ? 'X-RAY DIFFRACTION' ? 
r_dihedral_angle_4_deg   6    11.160 15.000 ? 'X-RAY DIFFRACTION' ? 
r_chiral_restr           207  0.085  0.200  ? 'X-RAY DIFFRACTION' ? 
r_gen_planes_refined     1030 0.004  0.020  ? 'X-RAY DIFFRACTION' ? 
r_nbd_refined            612  0.176  0.200  ? 'X-RAY DIFFRACTION' ? 
r_nbtor_refined          934  0.308  0.200  ? 'X-RAY DIFFRACTION' ? 
r_xyhbond_nbd_refined    127  0.498  0.200  ? 'X-RAY DIFFRACTION' ? 
r_symmetry_vdw_refined   28   0.224  0.200  ? 'X-RAY DIFFRACTION' ? 
r_symmetry_hbond_refined 15   0.137  0.200  ? 'X-RAY DIFFRACTION' ? 
r_mcbond_it              804  0.644  1.500  ? 'X-RAY DIFFRACTION' ? 
r_mcangle_it             1282 1.117  2.000  ? 'X-RAY DIFFRACTION' ? 
r_scbond_it              674  1.540  3.000  ? 'X-RAY DIFFRACTION' ? 
r_scangle_it             602  2.376  4.500  ? 'X-RAY DIFFRACTION' ? 
# 
_refine_ls_shell.d_res_high                       1.69 
_refine_ls_shell.d_res_low                        1.75 
_refine_ls_shell.pdbx_total_number_of_bins_used   20 
_refine_ls_shell.percent_reflns_obs               75.290 
_refine_ls_shell.number_reflns_R_work             1181 
_refine_ls_shell.R_factor_all                     ? 
_refine_ls_shell.R_factor_R_work                  0.324 
_refine_ls_shell.R_factor_R_free                  0.374 
_refine_ls_shell.percent_reflns_R_free            ? 
_refine_ls_shell.number_reflns_R_free             59 
_refine_ls_shell.R_factor_R_free_error            ? 
_refine_ls_shell.number_reflns_all                1240 
_refine_ls_shell.number_reflns_obs                21315 
_refine_ls_shell.redundancy_reflns_obs            ? 
_refine_ls_shell.pdbx_refine_id                   'X-RAY DIFFRACTION' 
# 
_struct.entry_id                  3FQ0 
_struct.title                     
;Staphylococcus aureus dihydrofolate reductase complexed with NADPH and 2,4-diamino-5-(3-(2,5-dimethoxyphenyl)prop-1-ynyl)-6-ethylpyrimidine (UCP120B)
;
_struct.pdbx_model_details        ? 
_struct.pdbx_CASP_flag            ? 
_struct.pdbx_model_type_details   ? 
# 
_struct_keywords.entry_id        3FQ0 
_struct_keywords.pdbx_keywords   OXIDOREDUCTASE 
_struct_keywords.text            oxidoreductase 
# 
loop_
_struct_asym.id 
_struct_asym.pdbx_blank_PDB_chainid_flag 
_struct_asym.pdbx_modified 
_struct_asym.entity_id 
_struct_asym.details 
A N N 1 ? 
B N N 2 ? 
C N N 3 ? 
D N N 4 ? 
# 
_struct_ref.id                         1 
_struct_ref.db_name                    UNP 
_struct_ref.db_code                    Q2YY41_STAAB 
_struct_ref.pdbx_db_accession          Q2YY41 
_struct_ref.entity_id                  1 
_struct_ref.pdbx_seq_one_letter_code   
;TLSILVAHDLQRVIGFENQLPWHLPNDLKHVKKLSTGHTLVMGRKTFESIGKPLPNRRNVVLTSDTSFNVEGVDVIHSIE
DIYQLPGHVFIFGGQTLFEEMIDKVDDMYITVIEGKFRGDTFFPPYTFEDWEVASSVEGKLDEKNTIPHTFLHLIRK
;
_struct_ref.pdbx_align_begin           2 
_struct_ref.pdbx_db_isoform            ? 
# 
_struct_ref_seq.align_id                      1 
_struct_ref_seq.ref_id                        1 
_struct_ref_seq.pdbx_PDB_id_code              3FQ0 
_struct_ref_seq.pdbx_strand_id                A 
_struct_ref_seq.seq_align_beg                 1 
_struct_ref_seq.pdbx_seq_align_beg_ins_code   ? 
_struct_ref_seq.seq_align_end                 157 
_struct_ref_seq.pdbx_seq_align_end_ins_code   ? 
_struct_ref_seq.pdbx_db_accession             Q2YY41 
_struct_ref_seq.db_align_beg                  2 
_struct_ref_seq.pdbx_db_align_beg_ins_code    ? 
_struct_ref_seq.db_align_end                  158 
_struct_ref_seq.pdbx_db_align_end_ins_code    ? 
_struct_ref_seq.pdbx_auth_seq_align_beg       1 
_struct_ref_seq.pdbx_auth_seq_align_end       157 
# 
_pdbx_struct_assembly.id                   1 
_pdbx_struct_assembly.details              author_and_software_defined_assembly 
_pdbx_struct_assembly.method_details       PISA 
_pdbx_struct_assembly.oligomeric_details   monomeric 
_pdbx_struct_assembly.oligomeric_count     1 
# 
_pdbx_struct_assembly_gen.assembly_id       1 
_pdbx_struct_assembly_gen.oper_expression   1 
_pdbx_struct_assembly_gen.asym_id_list      A,B,C,D 
# 
_pdbx_struct_oper_list.id                   1 
_pdbx_struct_oper_list.type                 'identity operation' 
_pdbx_struct_oper_list.name                 1_555 
_pdbx_struct_oper_list.symmetry_operation   x,y,z 
_pdbx_struct_oper_list.matrix[1][1]         1.0000000000 
_pdbx_struct_oper_list.matrix[1][2]         0.0000000000 
_pdbx_struct_oper_list.matrix[1][3]         0.0000000000 
_pdbx_struct_oper_list.vector[1]            0.0000000000 
_pdbx_struct_oper_list.matrix[2][1]         0.0000000000 
_pdbx_struct_oper_list.matrix[2][2]         1.0000000000 
_pdbx_struct_oper_list.matrix[2][3]         0.0000000000 
_pdbx_struct_oper_list.vector[2]            0.0000000000 
_pdbx_struct_oper_list.matrix[3][1]         0.0000000000 
_pdbx_struct_oper_list.matrix[3][2]         0.0000000000 
_pdbx_struct_oper_list.matrix[3][3]         1.0000000000 
_pdbx_struct_oper_list.vector[3]            0.0000000000 
# 
_struct_biol.id        1 
_struct_biol.details   ? 
# 
loop_
_struct_conf.conf_type_id 
_struct_conf.id 
_struct_conf.pdbx_PDB_helix_id 
_struct_conf.beg_label_comp_id 
_struct_conf.beg_label_asym_id 
_struct_conf.beg_label_seq_id 
_struct_conf.pdbx_beg_PDB_ins_code 
_struct_conf.end_label_comp_id 
_struct_conf.end_label_asym_id 
_struct_conf.end_label_seq_id 
_struct_conf.pdbx_end_PDB_ins_code 
_struct_conf.beg_auth_comp_id 
_struct_conf.beg_auth_asym_id 
_struct_conf.beg_auth_seq_id 
_struct_conf.end_auth_comp_id 
_struct_conf.end_auth_asym_id 
_struct_conf.end_auth_seq_id 
_struct_conf.pdbx_PDB_helix_class 
_struct_conf.details 
_struct_conf.pdbx_PDB_helix_length 
HELX_P HELX_P1 1 LEU A 24 ? THR A 36  ? LEU A 24 THR A 36  1 ? 13 
HELX_P HELX_P2 2 ARG A 44 ? GLY A 51  ? ARG A 44 GLY A 51  1 ? 8  
HELX_P HELX_P3 3 SER A 78 ? LEU A 85  ? SER A 78 LEU A 85  5 ? 8  
HELX_P HELX_P4 4 GLY A 94 ? ILE A 102 ? GLY A 94 ILE A 102 1 ? 9  
# 
_struct_conf_type.id          HELX_P 
_struct_conf_type.criteria    ? 
_struct_conf_type.reference   ? 
# 
_struct_mon_prot_cis.pdbx_id                1 
_struct_mon_prot_cis.label_comp_id          GLY 
_struct_mon_prot_cis.label_seq_id           93 
_struct_mon_prot_cis.label_asym_id          A 
_struct_mon_prot_cis.label_alt_id           . 
_struct_mon_prot_cis.pdbx_PDB_ins_code      ? 
_struct_mon_prot_cis.auth_comp_id           GLY 
_struct_mon_prot_cis.auth_seq_id            93 
_struct_mon_prot_cis.auth_asym_id           A 
_struct_mon_prot_cis.pdbx_label_comp_id_2   GLY 
_struct_mon_prot_cis.pdbx_label_seq_id_2    94 
_struct_mon_prot_cis.pdbx_label_asym_id_2   A 
_struct_mon_prot_cis.pdbx_PDB_ins_code_2    ? 
_struct_mon_prot_cis.pdbx_auth_comp_id_2    GLY 
_struct_mon_prot_cis.pdbx_auth_seq_id_2     94 
_struct_mon_prot_cis.pdbx_auth_asym_id_2    A 
_struct_mon_prot_cis.pdbx_PDB_model_num     1 
_struct_mon_prot_cis.pdbx_omega_angle       -0.64 
# 
loop_
_struct_sheet.id 
_struct_sheet.type 
_struct_sheet.number_strands 
_struct_sheet.details 
A ? 8 ? 
B ? 2 ? 
# 
loop_
_struct_sheet_order.sheet_id 
_struct_sheet_order.range_id_1 
_struct_sheet_order.range_id_2 
_struct_sheet_order.offset 
_struct_sheet_order.sense 
A 1 2 ? parallel      
A 2 3 ? parallel      
A 3 4 ? parallel      
A 4 5 ? parallel      
A 5 6 ? parallel      
A 6 7 ? anti-parallel 
A 7 8 ? anti-parallel 
B 1 2 ? anti-parallel 
# 
loop_
_struct_sheet_range.sheet_id 
_struct_sheet_range.id 
_struct_sheet_range.beg_label_comp_id 
_struct_sheet_range.beg_label_asym_id 
_struct_sheet_range.beg_label_seq_id 
_struct_sheet_range.pdbx_beg_PDB_ins_code 
_struct_sheet_range.end_label_comp_id 
_struct_sheet_range.end_label_asym_id 
_struct_sheet_range.end_label_seq_id 
_struct_sheet_range.pdbx_end_PDB_ins_code 
_struct_sheet_range.beg_auth_comp_id 
_struct_sheet_range.beg_auth_asym_id 
_struct_sheet_range.beg_auth_seq_id 
_struct_sheet_range.end_auth_comp_id 
_struct_sheet_range.end_auth_asym_id 
_struct_sheet_range.end_auth_seq_id 
A 1 ASP A 74  ? ILE A 76  ? ASP A 74  ILE A 76  
A 2 ARG A 58  ? LEU A 62  ? ARG A 58  LEU A 62  
A 3 THR A 39  ? GLY A 43  ? THR A 39  GLY A 43  
A 4 VAL A 89  ? GLY A 93  ? VAL A 89  GLY A 93  
A 5 LEU A 2   ? ASP A 9   ? LEU A 2   ASP A 9   
A 6 ASP A 107 ? ILE A 113 ? ASP A 107 ILE A 113 
A 7 HIS A 149 ? ARG A 156 ? HIS A 149 ARG A 156 
A 8 TRP A 131 ? GLU A 138 ? TRP A 131 GLU A 138 
B 1 VAL A 13  ? GLY A 15  ? VAL A 13  GLY A 15  
B 2 THR A 121 ? PHE A 122 ? THR A 121 PHE A 122 
# 
loop_
_pdbx_struct_sheet_hbond.sheet_id 
_pdbx_struct_sheet_hbond.range_id_1 
_pdbx_struct_sheet_hbond.range_id_2 
_pdbx_struct_sheet_hbond.range_1_label_atom_id 
_pdbx_struct_sheet_hbond.range_1_label_comp_id 
_pdbx_struct_sheet_hbond.range_1_label_asym_id 
_pdbx_struct_sheet_hbond.range_1_label_seq_id 
_pdbx_struct_sheet_hbond.range_1_PDB_ins_code 
_pdbx_struct_sheet_hbond.range_1_auth_atom_id 
_pdbx_struct_sheet_hbond.range_1_auth_comp_id 
_pdbx_struct_sheet_hbond.range_1_auth_asym_id 
_pdbx_struct_sheet_hbond.range_1_auth_seq_id 
_pdbx_struct_sheet_hbond.range_2_label_atom_id 
_pdbx_struct_sheet_hbond.range_2_label_comp_id 
_pdbx_struct_sheet_hbond.range_2_label_asym_id 
_pdbx_struct_sheet_hbond.range_2_label_seq_id 
_pdbx_struct_sheet_hbond.range_2_PDB_ins_code 
_pdbx_struct_sheet_hbond.range_2_auth_atom_id 
_pdbx_struct_sheet_hbond.range_2_auth_comp_id 
_pdbx_struct_sheet_hbond.range_2_auth_asym_id 
_pdbx_struct_sheet_hbond.range_2_auth_seq_id 
A 1 2 O ASP A 74  ? O ASP A 74  N ASN A 59  ? N ASN A 59  
A 2 3 O LEU A 62  ? O LEU A 62  N MET A 42  ? N MET A 42  
A 3 4 N VAL A 41  ? N VAL A 41  O PHE A 92  ? O PHE A 92  
A 4 5 O ILE A 91  ? O ILE A 91  N SER A 3   ? N SER A 3   
A 5 6 N ILE A 4   ? N ILE A 4   O TYR A 109 ? O TYR A 109 
A 6 7 N ILE A 110 ? N ILE A 110 O LEU A 152 ? O LEU A 152 
A 7 8 O PHE A 151 ? O PHE A 151 N VAL A 137 ? N VAL A 137 
B 1 2 N ILE A 14  ? N ILE A 14  O THR A 121 ? O THR A 121 
# 
loop_
_struct_site.id 
_struct_site.pdbx_evidence_code 
_struct_site.pdbx_auth_asym_id 
_struct_site.pdbx_auth_comp_id 
_struct_site.pdbx_auth_seq_id 
_struct_site.pdbx_auth_ins_code 
_struct_site.pdbx_num_residues 
_struct_site.details 
AC1 Software A NDP 207 ? 29 'BINDING SITE FOR RESIDUE NDP A 207' 
AC2 Software A N22 219 ? 15 'BINDING SITE FOR RESIDUE N22 A 219' 
# 
loop_
_struct_site_gen.id 
_struct_site_gen.site_id 
_struct_site_gen.pdbx_num_res 
_struct_site_gen.label_comp_id 
_struct_site_gen.label_asym_id 
_struct_site_gen.label_seq_id 
_struct_site_gen.pdbx_auth_ins_code 
_struct_site_gen.auth_comp_id 
_struct_site_gen.auth_asym_id 
_struct_site_gen.auth_seq_id 
_struct_site_gen.label_atom_id 
_struct_site_gen.label_alt_id 
_struct_site_gen.symmetry 
_struct_site_gen.details 
1  AC1 29 VAL A 6   ? VAL A 6   . ? 1_555  ? 
2  AC1 29 ALA A 7   ? ALA A 7   . ? 1_555  ? 
3  AC1 29 ILE A 14  ? ILE A 14  . ? 1_555  ? 
4  AC1 29 GLY A 15  ? GLY A 15  . ? 1_555  ? 
5  AC1 29 ASN A 18  ? ASN A 18  . ? 1_555  ? 
6  AC1 29 GLN A 19  ? GLN A 19  . ? 1_555  ? 
7  AC1 29 LEU A 20  ? LEU A 20  . ? 1_555  ? 
8  AC1 29 GLY A 43  ? GLY A 43  . ? 1_555  ? 
9  AC1 29 ARG A 44  ? ARG A 44  . ? 1_555  ? 
10 AC1 29 LYS A 45  ? LYS A 45  . ? 1_555  ? 
11 AC1 29 THR A 46  ? THR A 46  . ? 1_555  ? 
12 AC1 29 LEU A 62  ? LEU A 62  . ? 1_555  ? 
13 AC1 29 THR A 63  ? THR A 63  . ? 1_555  ? 
14 AC1 29 SER A 64  ? SER A 64  . ? 1_555  ? 
15 AC1 29 HIS A 77  ? HIS A 77  . ? 1_555  ? 
16 AC1 29 PHE A 92  ? PHE A 92  . ? 1_555  ? 
17 AC1 29 GLY A 93  ? GLY A 93  . ? 1_555  ? 
18 AC1 29 GLY A 94  ? GLY A 94  . ? 1_555  ? 
19 AC1 29 GLN A 95  ? GLN A 95  . ? 1_555  ? 
20 AC1 29 THR A 96  ? THR A 96  . ? 1_555  ? 
21 AC1 29 GLU A 100 ? GLU A 100 . ? 1_555  ? 
22 AC1 29 THR A 121 ? THR A 121 . ? 1_555  ? 
23 AC1 29 HOH D .   ? HOH A 171 . ? 1_555  ? 
24 AC1 29 HOH D .   ? HOH A 191 . ? 1_555  ? 
25 AC1 29 HOH D .   ? HOH A 194 . ? 10_445 ? 
26 AC1 29 N22 C .   ? N22 A 219 . ? 1_555  ? 
27 AC1 29 HOH D .   ? HOH A 254 . ? 1_555  ? 
28 AC1 29 HOH D .   ? HOH A 275 . ? 1_555  ? 
29 AC1 29 HOH D .   ? HOH A 282 . ? 1_555  ? 
30 AC2 15 LEU A 5   ? LEU A 5   . ? 1_555  ? 
31 AC2 15 VAL A 6   ? VAL A 6   . ? 1_555  ? 
32 AC2 15 ALA A 7   ? ALA A 7   . ? 1_555  ? 
33 AC2 15 ASN A 18  ? ASN A 18  . ? 1_555  ? 
34 AC2 15 LEU A 20  ? LEU A 20  . ? 1_555  ? 
35 AC2 15 ASP A 27  ? ASP A 27  . ? 1_555  ? 
36 AC2 15 LEU A 28  ? LEU A 28  . ? 1_555  ? 
37 AC2 15 VAL A 31  ? VAL A 31  . ? 1_555  ? 
38 AC2 15 SER A 49  ? SER A 49  . ? 1_555  ? 
39 AC2 15 ILE A 50  ? ILE A 50  . ? 1_555  ? 
40 AC2 15 LEU A 54  ? LEU A 54  . ? 1_555  ? 
41 AC2 15 PHE A 92  ? PHE A 92  . ? 1_555  ? 
42 AC2 15 THR A 111 ? THR A 111 . ? 1_555  ? 
43 AC2 15 HOH D .   ? HOH A 159 . ? 1_555  ? 
44 AC2 15 NDP B .   ? NDP A 207 . ? 1_555  ? 
# 
_pdbx_validate_torsion.id              1 
_pdbx_validate_torsion.PDB_model_num   1 
_pdbx_validate_torsion.auth_comp_id    HIS 
_pdbx_validate_torsion.auth_asym_id    A 
_pdbx_validate_torsion.auth_seq_id     38 
_pdbx_validate_torsion.PDB_ins_code    ? 
_pdbx_validate_torsion.label_alt_id    ? 
_pdbx_validate_torsion.phi             -120.44 
_pdbx_validate_torsion.psi             -149.10 
# 
loop_
_chem_comp_atom.comp_id 
_chem_comp_atom.atom_id 
_chem_comp_atom.type_symbol 
_chem_comp_atom.pdbx_aromatic_flag 
_chem_comp_atom.pdbx_stereo_config 
_chem_comp_atom.pdbx_ordinal 
ALA N    N N N 1   
ALA CA   C N S 2   
ALA C    C N N 3   
ALA O    O N N 4   
ALA CB   C N N 5   
ALA OXT  O N N 6   
ALA H    H N N 7   
ALA H2   H N N 8   
ALA HA   H N N 9   
ALA HB1  H N N 10  
ALA HB2  H N N 11  
ALA HB3  H N N 12  
ALA HXT  H N N 13  
ARG N    N N N 14  
ARG CA   C N S 15  
ARG C    C N N 16  
ARG O    O N N 17  
ARG CB   C N N 18  
ARG CG   C N N 19  
ARG CD   C N N 20  
ARG NE   N N N 21  
ARG CZ   C N N 22  
ARG NH1  N N N 23  
ARG NH2  N N N 24  
ARG OXT  O N N 25  
ARG H    H N N 26  
ARG H2   H N N 27  
ARG HA   H N N 28  
ARG HB2  H N N 29  
ARG HB3  H N N 30  
ARG HG2  H N N 31  
ARG HG3  H N N 32  
ARG HD2  H N N 33  
ARG HD3  H N N 34  
ARG HE   H N N 35  
ARG HH11 H N N 36  
ARG HH12 H N N 37  
ARG HH21 H N N 38  
ARG HH22 H N N 39  
ARG HXT  H N N 40  
ASN N    N N N 41  
ASN CA   C N S 42  
ASN C    C N N 43  
ASN O    O N N 44  
ASN CB   C N N 45  
ASN CG   C N N 46  
ASN OD1  O N N 47  
ASN ND2  N N N 48  
ASN OXT  O N N 49  
ASN H    H N N 50  
ASN H2   H N N 51  
ASN HA   H N N 52  
ASN HB2  H N N 53  
ASN HB3  H N N 54  
ASN HD21 H N N 55  
ASN HD22 H N N 56  
ASN HXT  H N N 57  
ASP N    N N N 58  
ASP CA   C N S 59  
ASP C    C N N 60  
ASP O    O N N 61  
ASP CB   C N N 62  
ASP CG   C N N 63  
ASP OD1  O N N 64  
ASP OD2  O N N 65  
ASP OXT  O N N 66  
ASP H    H N N 67  
ASP H2   H N N 68  
ASP HA   H N N 69  
ASP HB2  H N N 70  
ASP HB3  H N N 71  
ASP HD2  H N N 72  
ASP HXT  H N N 73  
GLN N    N N N 74  
GLN CA   C N S 75  
GLN C    C N N 76  
GLN O    O N N 77  
GLN CB   C N N 78  
GLN CG   C N N 79  
GLN CD   C N N 80  
GLN OE1  O N N 81  
GLN NE2  N N N 82  
GLN OXT  O N N 83  
GLN H    H N N 84  
GLN H2   H N N 85  
GLN HA   H N N 86  
GLN HB2  H N N 87  
GLN HB3  H N N 88  
GLN HG2  H N N 89  
GLN HG3  H N N 90  
GLN HE21 H N N 91  
GLN HE22 H N N 92  
GLN HXT  H N N 93  
GLU N    N N N 94  
GLU CA   C N S 95  
GLU C    C N N 96  
GLU O    O N N 97  
GLU CB   C N N 98  
GLU CG   C N N 99  
GLU CD   C N N 100 
GLU OE1  O N N 101 
GLU OE2  O N N 102 
GLU OXT  O N N 103 
GLU H    H N N 104 
GLU H2   H N N 105 
GLU HA   H N N 106 
GLU HB2  H N N 107 
GLU HB3  H N N 108 
GLU HG2  H N N 109 
GLU HG3  H N N 110 
GLU HE2  H N N 111 
GLU HXT  H N N 112 
GLY N    N N N 113 
GLY CA   C N N 114 
GLY C    C N N 115 
GLY O    O N N 116 
GLY OXT  O N N 117 
GLY H    H N N 118 
GLY H2   H N N 119 
GLY HA2  H N N 120 
GLY HA3  H N N 121 
GLY HXT  H N N 122 
HIS N    N N N 123 
HIS CA   C N S 124 
HIS C    C N N 125 
HIS O    O N N 126 
HIS CB   C N N 127 
HIS CG   C Y N 128 
HIS ND1  N Y N 129 
HIS CD2  C Y N 130 
HIS CE1  C Y N 131 
HIS NE2  N Y N 132 
HIS OXT  O N N 133 
HIS H    H N N 134 
HIS H2   H N N 135 
HIS HA   H N N 136 
HIS HB2  H N N 137 
HIS HB3  H N N 138 
HIS HD1  H N N 139 
HIS HD2  H N N 140 
HIS HE1  H N N 141 
HIS HE2  H N N 142 
HIS HXT  H N N 143 
HOH O    O N N 144 
HOH H1   H N N 145 
HOH H2   H N N 146 
ILE N    N N N 147 
ILE CA   C N S 148 
ILE C    C N N 149 
ILE O    O N N 150 
ILE CB   C N S 151 
ILE CG1  C N N 152 
ILE CG2  C N N 153 
ILE CD1  C N N 154 
ILE OXT  O N N 155 
ILE H    H N N 156 
ILE H2   H N N 157 
ILE HA   H N N 158 
ILE HB   H N N 159 
ILE HG12 H N N 160 
ILE HG13 H N N 161 
ILE HG21 H N N 162 
ILE HG22 H N N 163 
ILE HG23 H N N 164 
ILE HD11 H N N 165 
ILE HD12 H N N 166 
ILE HD13 H N N 167 
ILE HXT  H N N 168 
LEU N    N N N 169 
LEU CA   C N S 170 
LEU C    C N N 171 
LEU O    O N N 172 
LEU CB   C N N 173 
LEU CG   C N N 174 
LEU CD1  C N N 175 
LEU CD2  C N N 176 
LEU OXT  O N N 177 
LEU H    H N N 178 
LEU H2   H N N 179 
LEU HA   H N N 180 
LEU HB2  H N N 181 
LEU HB3  H N N 182 
LEU HG   H N N 183 
LEU HD11 H N N 184 
LEU HD12 H N N 185 
LEU HD13 H N N 186 
LEU HD21 H N N 187 
LEU HD22 H N N 188 
LEU HD23 H N N 189 
LEU HXT  H N N 190 
LYS N    N N N 191 
LYS CA   C N S 192 
LYS C    C N N 193 
LYS O    O N N 194 
LYS CB   C N N 195 
LYS CG   C N N 196 
LYS CD   C N N 197 
LYS CE   C N N 198 
LYS NZ   N N N 199 
LYS OXT  O N N 200 
LYS H    H N N 201 
LYS H2   H N N 202 
LYS HA   H N N 203 
LYS HB2  H N N 204 
LYS HB3  H N N 205 
LYS HG2  H N N 206 
LYS HG3  H N N 207 
LYS HD2  H N N 208 
LYS HD3  H N N 209 
LYS HE2  H N N 210 
LYS HE3  H N N 211 
LYS HZ1  H N N 212 
LYS HZ2  H N N 213 
LYS HZ3  H N N 214 
LYS HXT  H N N 215 
MET N    N N N 216 
MET CA   C N S 217 
MET C    C N N 218 
MET O    O N N 219 
MET CB   C N N 220 
MET CG   C N N 221 
MET SD   S N N 222 
MET CE   C N N 223 
MET OXT  O N N 224 
MET H    H N N 225 
MET H2   H N N 226 
MET HA   H N N 227 
MET HB2  H N N 228 
MET HB3  H N N 229 
MET HG2  H N N 230 
MET HG3  H N N 231 
MET HE1  H N N 232 
MET HE2  H N N 233 
MET HE3  H N N 234 
MET HXT  H N N 235 
N22 C8   C N N 236 
N22 C7   C N N 237 
N22 C5   C Y N 238 
N22 N4   N Y N 239 
N22 C3   C Y N 240 
N22 N8   N N N 241 
N22 N2   N Y N 242 
N22 C1   C Y N 243 
N22 N7   N N N 244 
N22 C6   C Y N 245 
N22 C9   C N N 246 
N22 C10  C N N 247 
N22 C11  C N N 248 
N22 C13  C Y N 249 
N22 C18  C Y N 250 
N22 C17  C Y N 251 
N22 O2   O N N 252 
N22 C4   C N N 253 
N22 C16  C Y N 254 
N22 C15  C Y N 255 
N22 C14  C Y N 256 
N22 O10  O N N 257 
N22 C2   C N N 258 
N22 H8   H N N 259 
N22 H8A  H N N 260 
N22 H8B  H N N 261 
N22 H7   H N N 262 
N22 H7A  H N N 263 
N22 HN8  H N N 264 
N22 HN8A H N N 265 
N22 HN7  H N N 266 
N22 HN7A H N N 267 
N22 H11  H N N 268 
N22 H11A H N N 269 
N22 H18  H N N 270 
N22 H4   H N N 271 
N22 H4A  H N N 272 
N22 H4B  H N N 273 
N22 H16  H N N 274 
N22 H15  H N N 275 
N22 H2   H N N 276 
N22 H2A  H N N 277 
N22 H2B  H N N 278 
NDP PA   P N S 279 
NDP O1A  O N N 280 
NDP O2A  O N N 281 
NDP O5B  O N N 282 
NDP C5B  C N N 283 
NDP C4B  C N R 284 
NDP O4B  O N N 285 
NDP C3B  C N R 286 
NDP O3B  O N N 287 
NDP C2B  C N R 288 
NDP O2B  O N N 289 
NDP C1B  C N R 290 
NDP N9A  N Y N 291 
NDP C8A  C Y N 292 
NDP N7A  N Y N 293 
NDP C5A  C Y N 294 
NDP C6A  C Y N 295 
NDP N6A  N N N 296 
NDP N1A  N Y N 297 
NDP C2A  C Y N 298 
NDP N3A  N Y N 299 
NDP C4A  C Y N 300 
NDP O3   O N N 301 
NDP PN   P N S 302 
NDP O1N  O N N 303 
NDP O2N  O N N 304 
NDP O5D  O N N 305 
NDP C5D  C N N 306 
NDP C4D  C N R 307 
NDP O4D  O N N 308 
NDP C3D  C N S 309 
NDP O3D  O N N 310 
NDP C2D  C N R 311 
NDP O2D  O N N 312 
NDP C1D  C N R 313 
NDP N1N  N N N 314 
NDP C2N  C N N 315 
NDP C3N  C N N 316 
NDP C7N  C N N 317 
NDP O7N  O N N 318 
NDP N7N  N N N 319 
NDP C4N  C N N 320 
NDP C5N  C N N 321 
NDP C6N  C N N 322 
NDP P2B  P N N 323 
NDP O1X  O N N 324 
NDP O2X  O N N 325 
NDP O3X  O N N 326 
NDP HOA2 H N N 327 
NDP H51A H N N 328 
NDP H52A H N N 329 
NDP H4B  H N N 330 
NDP H3B  H N N 331 
NDP HO3A H N N 332 
NDP H2B  H N N 333 
NDP H1B  H N N 334 
NDP H8A  H N N 335 
NDP H61A H N N 336 
NDP H62A H N N 337 
NDP H2A  H N N 338 
NDP H21N H N N 339 
NDP H51N H N N 340 
NDP H52N H N N 341 
NDP H4D  H N N 342 
NDP H3D  H N N 343 
NDP HO3N H N N 344 
NDP H2D  H N N 345 
NDP HO2N H N N 346 
NDP H1D  H N N 347 
NDP H2N  H N N 348 
NDP H71N H N N 349 
NDP H72N H N N 350 
NDP H41N H N N 351 
NDP H42N H N N 352 
NDP H5N  H N N 353 
NDP H6N  H N N 354 
NDP HOP2 H N N 355 
NDP HOP3 H N N 356 
PHE N    N N N 357 
PHE CA   C N S 358 
PHE C    C N N 359 
PHE O    O N N 360 
PHE CB   C N N 361 
PHE CG   C Y N 362 
PHE CD1  C Y N 363 
PHE CD2  C Y N 364 
PHE CE1  C Y N 365 
PHE CE2  C Y N 366 
PHE CZ   C Y N 367 
PHE OXT  O N N 368 
PHE H    H N N 369 
PHE H2   H N N 370 
PHE HA   H N N 371 
PHE HB2  H N N 372 
PHE HB3  H N N 373 
PHE HD1  H N N 374 
PHE HD2  H N N 375 
PHE HE1  H N N 376 
PHE HE2  H N N 377 
PHE HZ   H N N 378 
PHE HXT  H N N 379 
PRO N    N N N 380 
PRO CA   C N S 381 
PRO C    C N N 382 
PRO O    O N N 383 
PRO CB   C N N 384 
PRO CG   C N N 385 
PRO CD   C N N 386 
PRO OXT  O N N 387 
PRO H    H N N 388 
PRO HA   H N N 389 
PRO HB2  H N N 390 
PRO HB3  H N N 391 
PRO HG2  H N N 392 
PRO HG3  H N N 393 
PRO HD2  H N N 394 
PRO HD3  H N N 395 
PRO HXT  H N N 396 
SER N    N N N 397 
SER CA   C N S 398 
SER C    C N N 399 
SER O    O N N 400 
SER CB   C N N 401 
SER OG   O N N 402 
SER OXT  O N N 403 
SER H    H N N 404 
SER H2   H N N 405 
SER HA   H N N 406 
SER HB2  H N N 407 
SER HB3  H N N 408 
SER HG   H N N 409 
SER HXT  H N N 410 
THR N    N N N 411 
THR CA   C N S 412 
THR C    C N N 413 
THR O    O N N 414 
THR CB   C N R 415 
THR OG1  O N N 416 
THR CG2  C N N 417 
THR OXT  O N N 418 
THR H    H N N 419 
THR H2   H N N 420 
THR HA   H N N 421 
THR HB   H N N 422 
THR HG1  H N N 423 
THR HG21 H N N 424 
THR HG22 H N N 425 
THR HG23 H N N 426 
THR HXT  H N N 427 
TRP N    N N N 428 
TRP CA   C N S 429 
TRP C    C N N 430 
TRP O    O N N 431 
TRP CB   C N N 432 
TRP CG   C Y N 433 
TRP CD1  C Y N 434 
TRP CD2  C Y N 435 
TRP NE1  N Y N 436 
TRP CE2  C Y N 437 
TRP CE3  C Y N 438 
TRP CZ2  C Y N 439 
TRP CZ3  C Y N 440 
TRP CH2  C Y N 441 
TRP OXT  O N N 442 
TRP H    H N N 443 
TRP H2   H N N 444 
TRP HA   H N N 445 
TRP HB2  H N N 446 
TRP HB3  H N N 447 
TRP HD1  H N N 448 
TRP HE1  H N N 449 
TRP HE3  H N N 450 
TRP HZ2  H N N 451 
TRP HZ3  H N N 452 
TRP HH2  H N N 453 
TRP HXT  H N N 454 
TYR N    N N N 455 
TYR CA   C N S 456 
TYR C    C N N 457 
TYR O    O N N 458 
TYR CB   C N N 459 
TYR CG   C Y N 460 
TYR CD1  C Y N 461 
TYR CD2  C Y N 462 
TYR CE1  C Y N 463 
TYR CE2  C Y N 464 
TYR CZ   C Y N 465 
TYR OH   O N N 466 
TYR OXT  O N N 467 
TYR H    H N N 468 
TYR H2   H N N 469 
TYR HA   H N N 470 
TYR HB2  H N N 471 
TYR HB3  H N N 472 
TYR HD1  H N N 473 
TYR HD2  H N N 474 
TYR HE1  H N N 475 
TYR HE2  H N N 476 
TYR HH   H N N 477 
TYR HXT  H N N 478 
VAL N    N N N 479 
VAL CA   C N S 480 
VAL C    C N N 481 
VAL O    O N N 482 
VAL CB   C N N 483 
VAL CG1  C N N 484 
VAL CG2  C N N 485 
VAL OXT  O N N 486 
VAL H    H N N 487 
VAL H2   H N N 488 
VAL HA   H N N 489 
VAL HB   H N N 490 
VAL HG11 H N N 491 
VAL HG12 H N N 492 
VAL HG13 H N N 493 
VAL HG21 H N N 494 
VAL HG22 H N N 495 
VAL HG23 H N N 496 
VAL HXT  H N N 497 
# 
loop_
_chem_comp_bond.comp_id 
_chem_comp_bond.atom_id_1 
_chem_comp_bond.atom_id_2 
_chem_comp_bond.value_order 
_chem_comp_bond.pdbx_aromatic_flag 
_chem_comp_bond.pdbx_stereo_config 
_chem_comp_bond.pdbx_ordinal 
ALA N   CA   sing N N 1   
ALA N   H    sing N N 2   
ALA N   H2   sing N N 3   
ALA CA  C    sing N N 4   
ALA CA  CB   sing N N 5   
ALA CA  HA   sing N N 6   
ALA C   O    doub N N 7   
ALA C   OXT  sing N N 8   
ALA CB  HB1  sing N N 9   
ALA CB  HB2  sing N N 10  
ALA CB  HB3  sing N N 11  
ALA OXT HXT  sing N N 12  
ARG N   CA   sing N N 13  
ARG N   H    sing N N 14  
ARG N   H2   sing N N 15  
ARG CA  C    sing N N 16  
ARG CA  CB   sing N N 17  
ARG CA  HA   sing N N 18  
ARG C   O    doub N N 19  
ARG C   OXT  sing N N 20  
ARG CB  CG   sing N N 21  
ARG CB  HB2  sing N N 22  
ARG CB  HB3  sing N N 23  
ARG CG  CD   sing N N 24  
ARG CG  HG2  sing N N 25  
ARG CG  HG3  sing N N 26  
ARG CD  NE   sing N N 27  
ARG CD  HD2  sing N N 28  
ARG CD  HD3  sing N N 29  
ARG NE  CZ   sing N N 30  
ARG NE  HE   sing N N 31  
ARG CZ  NH1  sing N N 32  
ARG CZ  NH2  doub N N 33  
ARG NH1 HH11 sing N N 34  
ARG NH1 HH12 sing N N 35  
ARG NH2 HH21 sing N N 36  
ARG NH2 HH22 sing N N 37  
ARG OXT HXT  sing N N 38  
ASN N   CA   sing N N 39  
ASN N   H    sing N N 40  
ASN N   H2   sing N N 41  
ASN CA  C    sing N N 42  
ASN CA  CB   sing N N 43  
ASN CA  HA   sing N N 44  
ASN C   O    doub N N 45  
ASN C   OXT  sing N N 46  
ASN CB  CG   sing N N 47  
ASN CB  HB2  sing N N 48  
ASN CB  HB3  sing N N 49  
ASN CG  OD1  doub N N 50  
ASN CG  ND2  sing N N 51  
ASN ND2 HD21 sing N N 52  
ASN ND2 HD22 sing N N 53  
ASN OXT HXT  sing N N 54  
ASP N   CA   sing N N 55  
ASP N   H    sing N N 56  
ASP N   H2   sing N N 57  
ASP CA  C    sing N N 58  
ASP CA  CB   sing N N 59  
ASP CA  HA   sing N N 60  
ASP C   O    doub N N 61  
ASP C   OXT  sing N N 62  
ASP CB  CG   sing N N 63  
ASP CB  HB2  sing N N 64  
ASP CB  HB3  sing N N 65  
ASP CG  OD1  doub N N 66  
ASP CG  OD2  sing N N 67  
ASP OD2 HD2  sing N N 68  
ASP OXT HXT  sing N N 69  
GLN N   CA   sing N N 70  
GLN N   H    sing N N 71  
GLN N   H2   sing N N 72  
GLN CA  C    sing N N 73  
GLN CA  CB   sing N N 74  
GLN CA  HA   sing N N 75  
GLN C   O    doub N N 76  
GLN C   OXT  sing N N 77  
GLN CB  CG   sing N N 78  
GLN CB  HB2  sing N N 79  
GLN CB  HB3  sing N N 80  
GLN CG  CD   sing N N 81  
GLN CG  HG2  sing N N 82  
GLN CG  HG3  sing N N 83  
GLN CD  OE1  doub N N 84  
GLN CD  NE2  sing N N 85  
GLN NE2 HE21 sing N N 86  
GLN NE2 HE22 sing N N 87  
GLN OXT HXT  sing N N 88  
GLU N   CA   sing N N 89  
GLU N   H    sing N N 90  
GLU N   H2   sing N N 91  
GLU CA  C    sing N N 92  
GLU CA  CB   sing N N 93  
GLU CA  HA   sing N N 94  
GLU C   O    doub N N 95  
GLU C   OXT  sing N N 96  
GLU CB  CG   sing N N 97  
GLU CB  HB2  sing N N 98  
GLU CB  HB3  sing N N 99  
GLU CG  CD   sing N N 100 
GLU CG  HG2  sing N N 101 
GLU CG  HG3  sing N N 102 
GLU CD  OE1  doub N N 103 
GLU CD  OE2  sing N N 104 
GLU OE2 HE2  sing N N 105 
GLU OXT HXT  sing N N 106 
GLY N   CA   sing N N 107 
GLY N   H    sing N N 108 
GLY N   H2   sing N N 109 
GLY CA  C    sing N N 110 
GLY CA  HA2  sing N N 111 
GLY CA  HA3  sing N N 112 
GLY C   O    doub N N 113 
GLY C   OXT  sing N N 114 
GLY OXT HXT  sing N N 115 
HIS N   CA   sing N N 116 
HIS N   H    sing N N 117 
HIS N   H2   sing N N 118 
HIS CA  C    sing N N 119 
HIS CA  CB   sing N N 120 
HIS CA  HA   sing N N 121 
HIS C   O    doub N N 122 
HIS C   OXT  sing N N 123 
HIS CB  CG   sing N N 124 
HIS CB  HB2  sing N N 125 
HIS CB  HB3  sing N N 126 
HIS CG  ND1  sing Y N 127 
HIS CG  CD2  doub Y N 128 
HIS ND1 CE1  doub Y N 129 
HIS ND1 HD1  sing N N 130 
HIS CD2 NE2  sing Y N 131 
HIS CD2 HD2  sing N N 132 
HIS CE1 NE2  sing Y N 133 
HIS CE1 HE1  sing N N 134 
HIS NE2 HE2  sing N N 135 
HIS OXT HXT  sing N N 136 
HOH O   H1   sing N N 137 
HOH O   H2   sing N N 138 
ILE N   CA   sing N N 139 
ILE N   H    sing N N 140 
ILE N   H2   sing N N 141 
ILE CA  C    sing N N 142 
ILE CA  CB   sing N N 143 
ILE CA  HA   sing N N 144 
ILE C   O    doub N N 145 
ILE C   OXT  sing N N 146 
ILE CB  CG1  sing N N 147 
ILE CB  CG2  sing N N 148 
ILE CB  HB   sing N N 149 
ILE CG1 CD1  sing N N 150 
ILE CG1 HG12 sing N N 151 
ILE CG1 HG13 sing N N 152 
ILE CG2 HG21 sing N N 153 
ILE CG2 HG22 sing N N 154 
ILE CG2 HG23 sing N N 155 
ILE CD1 HD11 sing N N 156 
ILE CD1 HD12 sing N N 157 
ILE CD1 HD13 sing N N 158 
ILE OXT HXT  sing N N 159 
LEU N   CA   sing N N 160 
LEU N   H    sing N N 161 
LEU N   H2   sing N N 162 
LEU CA  C    sing N N 163 
LEU CA  CB   sing N N 164 
LEU CA  HA   sing N N 165 
LEU C   O    doub N N 166 
LEU C   OXT  sing N N 167 
LEU CB  CG   sing N N 168 
LEU CB  HB2  sing N N 169 
LEU CB  HB3  sing N N 170 
LEU CG  CD1  sing N N 171 
LEU CG  CD2  sing N N 172 
LEU CG  HG   sing N N 173 
LEU CD1 HD11 sing N N 174 
LEU CD1 HD12 sing N N 175 
LEU CD1 HD13 sing N N 176 
LEU CD2 HD21 sing N N 177 
LEU CD2 HD22 sing N N 178 
LEU CD2 HD23 sing N N 179 
LEU OXT HXT  sing N N 180 
LYS N   CA   sing N N 181 
LYS N   H    sing N N 182 
LYS N   H2   sing N N 183 
LYS CA  C    sing N N 184 
LYS CA  CB   sing N N 185 
LYS CA  HA   sing N N 186 
LYS C   O    doub N N 187 
LYS C   OXT  sing N N 188 
LYS CB  CG   sing N N 189 
LYS CB  HB2  sing N N 190 
LYS CB  HB3  sing N N 191 
LYS CG  CD   sing N N 192 
LYS CG  HG2  sing N N 193 
LYS CG  HG3  sing N N 194 
LYS CD  CE   sing N N 195 
LYS CD  HD2  sing N N 196 
LYS CD  HD3  sing N N 197 
LYS CE  NZ   sing N N 198 
LYS CE  HE2  sing N N 199 
LYS CE  HE3  sing N N 200 
LYS NZ  HZ1  sing N N 201 
LYS NZ  HZ2  sing N N 202 
LYS NZ  HZ3  sing N N 203 
LYS OXT HXT  sing N N 204 
MET N   CA   sing N N 205 
MET N   H    sing N N 206 
MET N   H2   sing N N 207 
MET CA  C    sing N N 208 
MET CA  CB   sing N N 209 
MET CA  HA   sing N N 210 
MET C   O    doub N N 211 
MET C   OXT  sing N N 212 
MET CB  CG   sing N N 213 
MET CB  HB2  sing N N 214 
MET CB  HB3  sing N N 215 
MET CG  SD   sing N N 216 
MET CG  HG2  sing N N 217 
MET CG  HG3  sing N N 218 
MET SD  CE   sing N N 219 
MET CE  HE1  sing N N 220 
MET CE  HE2  sing N N 221 
MET CE  HE3  sing N N 222 
MET OXT HXT  sing N N 223 
N22 C8  C7   sing N N 224 
N22 C7  C5   sing N N 225 
N22 C5  N4   doub Y N 226 
N22 C5  C6   sing Y N 227 
N22 N4  C3   sing Y N 228 
N22 C3  N8   sing N N 229 
N22 C3  N2   doub Y N 230 
N22 N2  C1   sing Y N 231 
N22 C1  N7   sing N N 232 
N22 C1  C6   doub Y N 233 
N22 C6  C9   sing N N 234 
N22 C9  C10  trip N N 235 
N22 C10 C11  sing N N 236 
N22 C11 C13  sing N N 237 
N22 C13 C18  doub Y N 238 
N22 C13 C14  sing Y N 239 
N22 C18 C17  sing Y N 240 
N22 C17 O2   sing N N 241 
N22 C17 C16  doub Y N 242 
N22 O2  C4   sing N N 243 
N22 C16 C15  sing Y N 244 
N22 C15 C14  doub Y N 245 
N22 C14 O10  sing N N 246 
N22 O10 C2   sing N N 247 
N22 C8  H8   sing N N 248 
N22 C8  H8A  sing N N 249 
N22 C8  H8B  sing N N 250 
N22 C7  H7   sing N N 251 
N22 C7  H7A  sing N N 252 
N22 N8  HN8  sing N N 253 
N22 N8  HN8A sing N N 254 
N22 N7  HN7  sing N N 255 
N22 N7  HN7A sing N N 256 
N22 C11 H11  sing N N 257 
N22 C11 H11A sing N N 258 
N22 C18 H18  sing N N 259 
N22 C4  H4   sing N N 260 
N22 C4  H4A  sing N N 261 
N22 C4  H4B  sing N N 262 
N22 C16 H16  sing N N 263 
N22 C15 H15  sing N N 264 
N22 C2  H2   sing N N 265 
N22 C2  H2A  sing N N 266 
N22 C2  H2B  sing N N 267 
NDP PA  O1A  doub N N 268 
NDP PA  O2A  sing N N 269 
NDP PA  O5B  sing N N 270 
NDP PA  O3   sing N N 271 
NDP O2A HOA2 sing N N 272 
NDP O5B C5B  sing N N 273 
NDP C5B C4B  sing N N 274 
NDP C5B H51A sing N N 275 
NDP C5B H52A sing N N 276 
NDP C4B O4B  sing N N 277 
NDP C4B C3B  sing N N 278 
NDP C4B H4B  sing N N 279 
NDP O4B C1B  sing N N 280 
NDP C3B O3B  sing N N 281 
NDP C3B C2B  sing N N 282 
NDP C3B H3B  sing N N 283 
NDP O3B HO3A sing N N 284 
NDP C2B O2B  sing N N 285 
NDP C2B C1B  sing N N 286 
NDP C2B H2B  sing N N 287 
NDP O2B P2B  sing N N 288 
NDP C1B N9A  sing N N 289 
NDP C1B H1B  sing N N 290 
NDP N9A C8A  sing Y N 291 
NDP N9A C4A  sing Y N 292 
NDP C8A N7A  doub Y N 293 
NDP C8A H8A  sing N N 294 
NDP N7A C5A  sing Y N 295 
NDP C5A C6A  sing Y N 296 
NDP C5A C4A  doub Y N 297 
NDP C6A N6A  sing N N 298 
NDP C6A N1A  doub Y N 299 
NDP N6A H61A sing N N 300 
NDP N6A H62A sing N N 301 
NDP N1A C2A  sing Y N 302 
NDP C2A N3A  doub Y N 303 
NDP C2A H2A  sing N N 304 
NDP N3A C4A  sing Y N 305 
NDP O3  PN   sing N N 306 
NDP PN  O1N  doub N N 307 
NDP PN  O2N  sing N N 308 
NDP PN  O5D  sing N N 309 
NDP O2N H21N sing N N 310 
NDP O5D C5D  sing N N 311 
NDP C5D C4D  sing N N 312 
NDP C5D H51N sing N N 313 
NDP C5D H52N sing N N 314 
NDP C4D O4D  sing N N 315 
NDP C4D C3D  sing N N 316 
NDP C4D H4D  sing N N 317 
NDP O4D C1D  sing N N 318 
NDP C3D O3D  sing N N 319 
NDP C3D C2D  sing N N 320 
NDP C3D H3D  sing N N 321 
NDP O3D HO3N sing N N 322 
NDP C2D O2D  sing N N 323 
NDP C2D C1D  sing N N 324 
NDP C2D H2D  sing N N 325 
NDP O2D HO2N sing N N 326 
NDP C1D N1N  sing N N 327 
NDP C1D H1D  sing N N 328 
NDP N1N C2N  sing N N 329 
NDP N1N C6N  sing N N 330 
NDP C2N C3N  doub N N 331 
NDP C2N H2N  sing N N 332 
NDP C3N C7N  sing N N 333 
NDP C3N C4N  sing N N 334 
NDP C7N O7N  doub N N 335 
NDP C7N N7N  sing N N 336 
NDP N7N H71N sing N N 337 
NDP N7N H72N sing N N 338 
NDP C4N C5N  sing N N 339 
NDP C4N H41N sing N N 340 
NDP C4N H42N sing N N 341 
NDP C5N C6N  doub N N 342 
NDP C5N H5N  sing N N 343 
NDP C6N H6N  sing N N 344 
NDP P2B O1X  doub N N 345 
NDP P2B O2X  sing N N 346 
NDP P2B O3X  sing N N 347 
NDP O2X HOP2 sing N N 348 
NDP O3X HOP3 sing N N 349 
PHE N   CA   sing N N 350 
PHE N   H    sing N N 351 
PHE N   H2   sing N N 352 
PHE CA  C    sing N N 353 
PHE CA  CB   sing N N 354 
PHE CA  HA   sing N N 355 
PHE C   O    doub N N 356 
PHE C   OXT  sing N N 357 
PHE CB  CG   sing N N 358 
PHE CB  HB2  sing N N 359 
PHE CB  HB3  sing N N 360 
PHE CG  CD1  doub Y N 361 
PHE CG  CD2  sing Y N 362 
PHE CD1 CE1  sing Y N 363 
PHE CD1 HD1  sing N N 364 
PHE CD2 CE2  doub Y N 365 
PHE CD2 HD2  sing N N 366 
PHE CE1 CZ   doub Y N 367 
PHE CE1 HE1  sing N N 368 
PHE CE2 CZ   sing Y N 369 
PHE CE2 HE2  sing N N 370 
PHE CZ  HZ   sing N N 371 
PHE OXT HXT  sing N N 372 
PRO N   CA   sing N N 373 
PRO N   CD   sing N N 374 
PRO N   H    sing N N 375 
PRO CA  C    sing N N 376 
PRO CA  CB   sing N N 377 
PRO CA  HA   sing N N 378 
PRO C   O    doub N N 379 
PRO C   OXT  sing N N 380 
PRO CB  CG   sing N N 381 
PRO CB  HB2  sing N N 382 
PRO CB  HB3  sing N N 383 
PRO CG  CD   sing N N 384 
PRO CG  HG2  sing N N 385 
PRO CG  HG3  sing N N 386 
PRO CD  HD2  sing N N 387 
PRO CD  HD3  sing N N 388 
PRO OXT HXT  sing N N 389 
SER N   CA   sing N N 390 
SER N   H    sing N N 391 
SER N   H2   sing N N 392 
SER CA  C    sing N N 393 
SER CA  CB   sing N N 394 
SER CA  HA   sing N N 395 
SER C   O    doub N N 396 
SER C   OXT  sing N N 397 
SER CB  OG   sing N N 398 
SER CB  HB2  sing N N 399 
SER CB  HB3  sing N N 400 
SER OG  HG   sing N N 401 
SER OXT HXT  sing N N 402 
THR N   CA   sing N N 403 
THR N   H    sing N N 404 
THR N   H2   sing N N 405 
THR CA  C    sing N N 406 
THR CA  CB   sing N N 407 
THR CA  HA   sing N N 408 
THR C   O    doub N N 409 
THR C   OXT  sing N N 410 
THR CB  OG1  sing N N 411 
THR CB  CG2  sing N N 412 
THR CB  HB   sing N N 413 
THR OG1 HG1  sing N N 414 
THR CG2 HG21 sing N N 415 
THR CG2 HG22 sing N N 416 
THR CG2 HG23 sing N N 417 
THR OXT HXT  sing N N 418 
TRP N   CA   sing N N 419 
TRP N   H    sing N N 420 
TRP N   H2   sing N N 421 
TRP CA  C    sing N N 422 
TRP CA  CB   sing N N 423 
TRP CA  HA   sing N N 424 
TRP C   O    doub N N 425 
TRP C   OXT  sing N N 426 
TRP CB  CG   sing N N 427 
TRP CB  HB2  sing N N 428 
TRP CB  HB3  sing N N 429 
TRP CG  CD1  doub Y N 430 
TRP CG  CD2  sing Y N 431 
TRP CD1 NE1  sing Y N 432 
TRP CD1 HD1  sing N N 433 
TRP CD2 CE2  doub Y N 434 
TRP CD2 CE3  sing Y N 435 
TRP NE1 CE2  sing Y N 436 
TRP NE1 HE1  sing N N 437 
TRP CE2 CZ2  sing Y N 438 
TRP CE3 CZ3  doub Y N 439 
TRP CE3 HE3  sing N N 440 
TRP CZ2 CH2  doub Y N 441 
TRP CZ2 HZ2  sing N N 442 
TRP CZ3 CH2  sing Y N 443 
TRP CZ3 HZ3  sing N N 444 
TRP CH2 HH2  sing N N 445 
TRP OXT HXT  sing N N 446 
TYR N   CA   sing N N 447 
TYR N   H    sing N N 448 
TYR N   H2   sing N N 449 
TYR CA  C    sing N N 450 
TYR CA  CB   sing N N 451 
TYR CA  HA   sing N N 452 
TYR C   O    doub N N 453 
TYR C   OXT  sing N N 454 
TYR CB  CG   sing N N 455 
TYR CB  HB2  sing N N 456 
TYR CB  HB3  sing N N 457 
TYR CG  CD1  doub Y N 458 
TYR CG  CD2  sing Y N 459 
TYR CD1 CE1  sing Y N 460 
TYR CD1 HD1  sing N N 461 
TYR CD2 CE2  doub Y N 462 
TYR CD2 HD2  sing N N 463 
TYR CE1 CZ   doub Y N 464 
TYR CE1 HE1  sing N N 465 
TYR CE2 CZ   sing Y N 466 
TYR CE2 HE2  sing N N 467 
TYR CZ  OH   sing N N 468 
TYR OH  HH   sing N N 469 
TYR OXT HXT  sing N N 470 
VAL N   CA   sing N N 471 
VAL N   H    sing N N 472 
VAL N   H2   sing N N 473 
VAL CA  C    sing N N 474 
VAL CA  CB   sing N N 475 
VAL CA  HA   sing N N 476 
VAL C   O    doub N N 477 
VAL C   OXT  sing N N 478 
VAL CB  CG1  sing N N 479 
VAL CB  CG2  sing N N 480 
VAL CB  HB   sing N N 481 
VAL CG1 HG11 sing N N 482 
VAL CG1 HG12 sing N N 483 
VAL CG1 HG13 sing N N 484 
VAL CG2 HG21 sing N N 485 
VAL CG2 HG22 sing N N 486 
VAL CG2 HG23 sing N N 487 
VAL OXT HXT  sing N N 488 
# 
_pdbx_initial_refinement_model.accession_code   ? 
_pdbx_initial_refinement_model.id               1 
_pdbx_initial_refinement_model.entity_id_list   ? 
_pdbx_initial_refinement_model.type             other 
_pdbx_initial_refinement_model.source_name      ? 
_pdbx_initial_refinement_model.details          
'Sa F98Y DHFR bound to Folate and NADPH (Dale et al., J.Mol.Biol. 1997, structure not deposited in the PDB)' 
# 
_atom_sites.entry_id                    3FQ0 
_atom_sites.fract_transf_matrix[1][1]   -0.00239802 
_atom_sites.fract_transf_matrix[1][2]   -0.01267912 
_atom_sites.fract_transf_matrix[1][3]   -0.00678117 
_atom_sites.fract_transf_matrix[2][1]   -0.01345177 
_atom_sites.fract_transf_matrix[2][2]   -0.00559836 
_atom_sites.fract_transf_matrix[2][3]   -0.00044415 
_atom_sites.fract_transf_matrix[3][1]   -0.00162661 
_atom_sites.fract_transf_matrix[3][2]   0.00453560 
_atom_sites.fract_transf_matrix[3][3]   -0.00790525 
_atom_sites.fract_transf_vector[1]      -0.400840 
_atom_sites.fract_transf_vector[2]      -0.172666 
_atom_sites.fract_transf_vector[3]      0.355621 
# 
loop_
_atom_type.symbol 
C 
N 
O 
P 
S 
# 
loop_
_atom_site.group_PDB 
_atom_site.id 
_atom_site.type_symbol 
_atom_site.label_atom_id 
_atom_site.label_alt_id 
_atom_site.label_comp_id 
_atom_site.label_asym_id 
_atom_site.label_entity_id 
_atom_site.label_seq_id 
_atom_site.pdbx_PDB_ins_code 
_atom_site.Cartn_x 
_atom_site.Cartn_y 
_atom_site.Cartn_z 
_atom_site.occupancy 
_atom_site.B_iso_or_equiv 
_atom_site.pdbx_formal_charge 
_atom_site.auth_seq_id 
_atom_site.auth_comp_id 
_atom_site.auth_asym_id 
_atom_site.auth_atom_id 
_atom_site.pdbx_PDB_model_num 
ATOM   1    N N   . THR A 1 1   ? 3.248   -9.810  11.880  1.00 24.42 ? 1   THR A N   1 
ATOM   2    C CA  . THR A 1 1   ? 2.751   -10.086 10.501  1.00 23.96 ? 1   THR A CA  1 
ATOM   3    C C   . THR A 1 1   ? 3.246   -8.972  9.583   1.00 22.73 ? 1   THR A C   1 
ATOM   4    O O   . THR A 1 1   ? 3.240   -7.800  9.959   1.00 22.69 ? 1   THR A O   1 
ATOM   5    C CB  . THR A 1 1   ? 1.204   -10.166 10.461  1.00 24.29 ? 1   THR A CB  1 
ATOM   6    O OG1 . THR A 1 1   ? 0.754   -11.146 11.412  1.00 27.19 ? 1   THR A OG1 1 
ATOM   7    C CG2 . THR A 1 1   ? 0.695   -10.556 9.068   1.00 25.02 ? 1   THR A CG2 1 
ATOM   8    N N   . LEU A 1 2   ? 3.679   -9.357  8.388   1.00 21.16 ? 2   LEU A N   1 
ATOM   9    C CA  . LEU A 1 2   ? 4.104   -8.408  7.368   1.00 19.68 ? 2   LEU A CA  1 
ATOM   10   C C   . LEU A 1 2   ? 3.151   -8.521  6.187   1.00 18.03 ? 2   LEU A C   1 
ATOM   11   O O   . LEU A 1 2   ? 3.047   -9.584  5.571   1.00 18.00 ? 2   LEU A O   1 
ATOM   12   C CB  . LEU A 1 2   ? 5.536   -8.714  6.931   1.00 19.58 ? 2   LEU A CB  1 
ATOM   13   C CG  . LEU A 1 2   ? 6.284   -7.768  5.991   1.00 20.27 ? 2   LEU A CG  1 
ATOM   14   C CD1 . LEU A 1 2   ? 6.311   -6.346  6.524   1.00 20.11 ? 2   LEU A CD1 1 
ATOM   15   C CD2 . LEU A 1 2   ? 7.702   -8.296  5.783   1.00 20.67 ? 2   LEU A CD2 1 
ATOM   16   N N   . SER A 1 3   ? 2.469   -7.423  5.872   1.00 16.68 ? 3   SER A N   1 
ATOM   17   C CA  . SER A 1 3   ? 1.465   -7.427  4.804   1.00 15.83 ? 3   SER A CA  1 
ATOM   18   C C   . SER A 1 3   ? 1.756   -6.331  3.781   1.00 15.45 ? 3   SER A C   1 
ATOM   19   O O   . SER A 1 3   ? 2.291   -5.282  4.131   1.00 15.50 ? 3   SER A O   1 
ATOM   20   C CB  . SER A 1 3   ? 0.064   -7.207  5.377   1.00 16.02 ? 3   SER A CB  1 
ATOM   21   O OG  . SER A 1 3   ? -0.205  -8.077  6.475   1.00 16.05 ? 3   SER A OG  1 
ATOM   22   N N   . ILE A 1 4   ? 1.408   -6.588  2.523   1.00 14.11 ? 4   ILE A N   1 
ATOM   23   C CA  . ILE A 1 4   ? 1.266   -5.517  1.543   1.00 13.46 ? 4   ILE A CA  1 
ATOM   24   C C   . ILE A 1 4   ? -0.137  -4.911  1.612   1.00 13.06 ? 4   ILE A C   1 
ATOM   25   O O   . ILE A 1 4   ? -1.133  -5.608  1.851   1.00 13.37 ? 4   ILE A O   1 
ATOM   26   C CB  . ILE A 1 4   ? 1.603   -6.003  0.103   1.00 13.19 ? 4   ILE A CB  1 
ATOM   27   C CG1 . ILE A 1 4   ? 3.101   -5.811  -0.174  1.00 13.34 ? 4   ILE A CG1 1 
ATOM   28   C CG2 . ILE A 1 4   ? 0.761   -5.275  -0.962  1.00 12.97 ? 4   ILE A CG2 1 
ATOM   29   C CD1 . ILE A 1 4   ? 3.621   -6.539  -1.421  1.00 13.83 ? 4   ILE A CD1 1 
ATOM   30   N N   . LEU A 1 5   ? -0.194  -3.598  1.418   1.00 12.39 ? 5   LEU A N   1 
ATOM   31   C CA  . LEU A 1 5   ? -1.446  -2.859  1.323   1.00 11.90 ? 5   LEU A CA  1 
ATOM   32   C C   . LEU A 1 5   ? -1.350  -1.989  0.074   1.00 12.17 ? 5   LEU A C   1 
ATOM   33   O O   . LEU A 1 5   ? -0.460  -1.150  -0.018  1.00 11.67 ? 5   LEU A O   1 
ATOM   34   C CB  . LEU A 1 5   ? -1.615  -1.975  2.569   1.00 12.39 ? 5   LEU A CB  1 
ATOM   35   C CG  . LEU A 1 5   ? -2.869  -1.116  2.745   1.00 11.61 ? 5   LEU A CG  1 
ATOM   36   C CD1 . LEU A 1 5   ? -4.156  -1.935  2.532   1.00 12.95 ? 5   LEU A CD1 1 
ATOM   37   C CD2 . LEU A 1 5   ? -2.883  -0.405  4.123   1.00 12.34 ? 5   LEU A CD2 1 
ATOM   38   N N   . VAL A 1 6   ? -2.250  -2.205  -0.886  1.00 11.49 ? 6   VAL A N   1 
ATOM   39   C CA  . VAL A 1 6   ? -2.136  -1.544  -2.198  1.00 11.07 ? 6   VAL A CA  1 
ATOM   40   C C   . VAL A 1 6   ? -3.508  -1.439  -2.882  1.00 10.77 ? 6   VAL A C   1 
ATOM   41   O O   . VAL A 1 6   ? -4.381  -2.286  -2.673  1.00 10.69 ? 6   VAL A O   1 
ATOM   42   C CB  . VAL A 1 6   ? -1.144  -2.316  -3.120  1.00 11.06 ? 6   VAL A CB  1 
ATOM   43   C CG1 . VAL A 1 6   ? -1.669  -3.716  -3.453  1.00 11.11 ? 6   VAL A CG1 1 
ATOM   44   C CG2 . VAL A 1 6   ? -0.844  -1.530  -4.419  1.00 11.41 ? 6   VAL A CG2 1 
ATOM   45   N N   . ALA A 1 7   ? -3.696  -0.379  -3.674  1.00 10.39 ? 7   ALA A N   1 
ATOM   46   C CA  . ALA A 1 7   ? -4.794  -0.281  -4.613  1.00 10.41 ? 7   ALA A CA  1 
ATOM   47   C C   . ALA A 1 7   ? -4.174  -0.240  -6.018  1.00 10.65 ? 7   ALA A C   1 
ATOM   48   O O   . ALA A 1 7   ? -3.282  0.578   -6.293  1.00 10.72 ? 7   ALA A O   1 
ATOM   49   C CB  . ALA A 1 7   ? -5.647  0.955   -4.356  1.00 10.61 ? 7   ALA A CB  1 
ATOM   50   N N   . HIS A 1 8   ? -4.594  -1.156  -6.881  1.00 10.39 ? 8   HIS A N   1 
ATOM   51   C CA  . HIS A 1 8   ? -4.095  -1.158  -8.273  1.00 10.58 ? 8   HIS A CA  1 
ATOM   52   C C   . HIS A 1 8   ? -5.243  -1.383  -9.246  1.00 11.17 ? 8   HIS A C   1 
ATOM   53   O O   . HIS A 1 8   ? -6.262  -1.977  -8.870  1.00 11.36 ? 8   HIS A O   1 
ATOM   54   C CB  . HIS A 1 8   ? -2.934  -2.154  -8.477  1.00 10.04 ? 8   HIS A CB  1 
ATOM   55   C CG  . HIS A 1 8   ? -3.337  -3.603  -8.536  1.00 10.79 ? 8   HIS A CG  1 
ATOM   56   N ND1 . HIS A 1 8   ? -4.150  -4.121  -9.523  1.00 10.80 ? 8   HIS A ND1 1 
ATOM   57   C CD2 . HIS A 1 8   ? -2.964  -4.657  -7.769  1.00 12.35 ? 8   HIS A CD2 1 
ATOM   58   C CE1 . HIS A 1 8   ? -4.295  -5.421  -9.336  1.00 12.32 ? 8   HIS A CE1 1 
ATOM   59   N NE2 . HIS A 1 8   ? -3.580  -5.774  -8.283  1.00 12.80 ? 8   HIS A NE2 1 
ATOM   60   N N   . ASP A 1 9   ? -5.100  -0.885  -10.477 1.00 10.78 ? 9   ASP A N   1 
ATOM   61   C CA  . ASP A 1 9   ? -6.175  -1.004  -11.473 1.00 11.00 ? 9   ASP A CA  1 
ATOM   62   C C   . ASP A 1 9   ? -6.069  -2.307  -12.276 1.00 11.55 ? 9   ASP A C   1 
ATOM   63   O O   . ASP A 1 9   ? -5.270  -3.185  -11.946 1.00 10.85 ? 9   ASP A O   1 
ATOM   64   C CB  . ASP A 1 9   ? -6.277  0.262   -12.362 1.00 11.32 ? 9   ASP A CB  1 
ATOM   65   C CG  . ASP A 1 9   ? -5.280  0.272   -13.533 1.00 11.83 ? 9   ASP A CG  1 
ATOM   66   O OD1 . ASP A 1 9   ? -4.446  -0.647  -13.659 1.00 12.16 ? 9   ASP A OD1 1 
ATOM   67   O OD2 . ASP A 1 9   ? -5.337  1.242   -14.321 1.00 14.08 ? 9   ASP A OD2 1 
ATOM   68   N N   . LEU A 1 10  ? -6.885  -2.439  -13.319 1.00 12.16 ? 10  LEU A N   1 
ATOM   69   C CA  . LEU A 1 10  ? -6.918  -3.676  -14.113 1.00 13.60 ? 10  LEU A CA  1 
ATOM   70   C C   . LEU A 1 10  ? -5.579  -4.057  -14.760 1.00 14.20 ? 10  LEU A C   1 
ATOM   71   O O   . LEU A 1 10  ? -5.349  -5.231  -15.101 1.00 14.79 ? 10  LEU A O   1 
ATOM   72   C CB  . LEU A 1 10  ? -8.014  -3.591  -15.172 1.00 13.97 ? 10  LEU A CB  1 
ATOM   73   C CG  . LEU A 1 10  ? -9.438  -3.584  -14.597 1.00 15.17 ? 10  LEU A CG  1 
ATOM   74   C CD1 . LEU A 1 10  ? -10.454 -3.314  -15.690 1.00 16.85 ? 10  LEU A CD1 1 
ATOM   75   C CD2 . LEU A 1 10  ? -9.735  -4.893  -13.847 1.00 15.63 ? 10  LEU A CD2 1 
ATOM   76   N N   . GLN A 1 11  ? -4.709  -3.064  -14.921 1.00 13.87 ? 11  GLN A N   1 
ATOM   77   C CA  . GLN A 1 11  ? -3.390  -3.264  -15.518 1.00 14.10 ? 11  GLN A CA  1 
ATOM   78   C C   . GLN A 1 11  ? -2.248  -3.076  -14.512 1.00 13.37 ? 11  GLN A C   1 
ATOM   79   O O   . GLN A 1 11  ? -1.074  -2.942  -14.895 1.00 13.26 ? 11  GLN A O   1 
ATOM   80   C CB  . GLN A 1 11  ? -3.241  -2.359  -16.741 1.00 14.28 ? 11  GLN A CB  1 
ATOM   81   C CG  . GLN A 1 11  ? -4.307  -2.705  -17.786 1.00 17.76 ? 11  GLN A CG  1 
ATOM   82   C CD  . GLN A 1 11  ? -4.165  -1.960  -19.091 1.00 21.55 ? 11  GLN A CD  1 
ATOM   83   O OE1 . GLN A 1 11  ? -4.105  -0.724  -19.129 1.00 24.16 ? 11  GLN A OE1 1 
ATOM   84   N NE2 . GLN A 1 11  ? -4.154  -2.714  -20.184 1.00 23.67 ? 11  GLN A NE2 1 
ATOM   85   N N   . ARG A 1 12  ? -2.610  -3.114  -13.225 1.00 12.04 ? 12  ARG A N   1 
ATOM   86   C CA  . ARG A 1 12  ? -1.687  -2.945  -12.097 1.00 11.79 ? 12  ARG A CA  1 
ATOM   87   C C   . ARG A 1 12  ? -1.093  -1.541  -11.938 1.00 11.15 ? 12  ARG A C   1 
ATOM   88   O O   . ARG A 1 12  ? -0.126  -1.364  -11.210 1.00 10.81 ? 12  ARG A O   1 
ATOM   89   C CB  . ARG A 1 12  ? -0.594  -4.019  -12.074 1.00 11.69 ? 12  ARG A CB  1 
ATOM   90   C CG  . ARG A 1 12  ? -1.058  -5.372  -11.513 1.00 12.28 ? 12  ARG A CG  1 
ATOM   91   C CD  . ARG A 1 12  ? 0.020   -6.448  -11.656 1.00 12.87 ? 12  ARG A CD  1 
ATOM   92   N NE  . ARG A 1 12  ? 0.215   -6.760  -13.071 1.00 15.08 ? 12  ARG A NE  1 
ATOM   93   C CZ  . ARG A 1 12  ? 1.179   -6.257  -13.845 1.00 16.96 ? 12  ARG A CZ  1 
ATOM   94   N NH1 . ARG A 1 12  ? 2.097   -5.423  -13.353 1.00 15.70 ? 12  ARG A NH1 1 
ATOM   95   N NH2 . ARG A 1 12  ? 1.216   -6.602  -15.130 1.00 18.43 ? 12  ARG A NH2 1 
ATOM   96   N N   . VAL A 1 13  ? -1.701  -0.545  -12.573 1.00 10.77 ? 13  VAL A N   1 
ATOM   97   C CA  . VAL A 1 13  ? -1.325  0.849   -12.323 1.00 11.41 ? 13  VAL A CA  1 
ATOM   98   C C   . VAL A 1 13  ? -1.565  1.179   -10.847 1.00 11.16 ? 13  VAL A C   1 
ATOM   99   O O   . VAL A 1 13  ? -2.604  0.814   -10.295 1.00 11.53 ? 13  VAL A O   1 
ATOM   100  C CB  . VAL A 1 13  ? -2.141  1.823   -13.203 1.00 11.60 ? 13  VAL A CB  1 
ATOM   101  C CG1 . VAL A 1 13  ? -2.017  3.258   -12.699 1.00 12.68 ? 13  VAL A CG1 1 
ATOM   102  C CG2 . VAL A 1 13  ? -1.682  1.744   -14.663 1.00 12.04 ? 13  VAL A CG2 1 
ATOM   103  N N   . ILE A 1 14  ? -0.593  1.840   -10.212 1.00 11.33 ? 14  ILE A N   1 
ATOM   104  C CA  . ILE A 1 14  ? -0.779  2.351   -8.841  1.00 11.96 ? 14  ILE A CA  1 
ATOM   105  C C   . ILE A 1 14  ? -0.632  3.876   -8.718  1.00 12.40 ? 14  ILE A C   1 
ATOM   106  O O   . ILE A 1 14  ? -1.134  4.483   -7.766  1.00 12.47 ? 14  ILE A O   1 
ATOM   107  C CB  . ILE A 1 14  ? 0.152   1.648   -7.812  1.00 11.65 ? 14  ILE A CB  1 
ATOM   108  C CG1 . ILE A 1 14  ? 1.627   1.844   -8.183  1.00 11.59 ? 14  ILE A CG1 1 
ATOM   109  C CG2 . ILE A 1 14  ? -0.196  0.151   -7.696  1.00 11.24 ? 14  ILE A CG2 1 
ATOM   110  C CD1 . ILE A 1 14  ? 2.627   1.296   -7.137  1.00 13.13 ? 14  ILE A CD1 1 
ATOM   111  N N   . GLY A 1 15  ? 0.048   4.500   -9.677  1.00 12.73 ? 15  GLY A N   1 
ATOM   112  C CA  . GLY A 1 15  ? 0.287   5.933   -9.570  1.00 12.44 ? 15  GLY A CA  1 
ATOM   113  C C   . GLY A 1 15  ? 0.495   6.634   -10.897 1.00 12.47 ? 15  GLY A C   1 
ATOM   114  O O   . GLY A 1 15  ? 0.808   6.000   -11.915 1.00 12.02 ? 15  GLY A O   1 
ATOM   115  N N   . PHE A 1 16  ? 0.300   7.945   -10.878 1.00 12.77 ? 16  PHE A N   1 
ATOM   116  C CA  . PHE A 1 16  ? 0.662   8.770   -12.027 1.00 13.29 ? 16  PHE A CA  1 
ATOM   117  C C   . PHE A 1 16  ? 1.151   10.096  -11.495 1.00 13.68 ? 16  PHE A C   1 
ATOM   118  O O   . PHE A 1 16  ? 0.461   10.738  -10.696 1.00 13.66 ? 16  PHE A O   1 
ATOM   119  C CB  . PHE A 1 16  ? -0.521  8.968   -12.974 1.00 13.16 ? 16  PHE A CB  1 
ATOM   120  C CG  . PHE A 1 16  ? -0.187  9.791   -14.198 1.00 13.63 ? 16  PHE A CG  1 
ATOM   121  C CD1 . PHE A 1 16  ? -0.747  11.053  -14.380 1.00 15.23 ? 16  PHE A CD1 1 
ATOM   122  C CD2 . PHE A 1 16  ? 0.697   9.304   -15.157 1.00 14.72 ? 16  PHE A CD2 1 
ATOM   123  C CE1 . PHE A 1 16  ? -0.434  11.819  -15.508 1.00 15.70 ? 16  PHE A CE1 1 
ATOM   124  C CE2 . PHE A 1 16  ? 1.011   10.062  -16.292 1.00 14.62 ? 16  PHE A CE2 1 
ATOM   125  C CZ  . PHE A 1 16  ? 0.449   11.322  -16.456 1.00 15.02 ? 16  PHE A CZ  1 
ATOM   126  N N   . GLU A 1 17  ? 2.341   10.489  -11.930 1.00 14.00 ? 17  GLU A N   1 
ATOM   127  C CA  . GLU A 1 17  ? 2.938   11.765  -11.517 1.00 15.02 ? 17  GLU A CA  1 
ATOM   128  C C   . GLU A 1 17  ? 2.925   11.966  -9.996  1.00 15.82 ? 17  GLU A C   1 
ATOM   129  O O   . GLU A 1 17  ? 2.522   13.020  -9.491  1.00 15.87 ? 17  GLU A O   1 
ATOM   130  C CB  . GLU A 1 17  ? 2.269   12.924  -12.254 1.00 15.52 ? 17  GLU A CB  1 
ATOM   131  C CG  . GLU A 1 17  ? 2.594   12.891  -13.742 1.00 17.25 ? 17  GLU A CG  1 
ATOM   132  C CD  . GLU A 1 17  ? 2.016   14.048  -14.521 1.00 19.49 ? 17  GLU A CD  1 
ATOM   133  O OE1 . GLU A 1 17  ? 1.017   14.655  -14.079 1.00 21.30 ? 17  GLU A OE1 1 
ATOM   134  O OE2 . GLU A 1 17  ? 2.571   14.337  -15.597 1.00 21.12 ? 17  GLU A OE2 1 
ATOM   135  N N   . ASN A 1 18  ? 3.367   10.929  -9.289  1.00 16.64 ? 18  ASN A N   1 
ATOM   136  C CA  . ASN A 1 18  ? 3.495   10.939  -7.827  1.00 18.37 ? 18  ASN A CA  1 
ATOM   137  C C   . ASN A 1 18  ? 2.176   11.136  -7.069  1.00 19.02 ? 18  ASN A C   1 
ATOM   138  O O   . ASN A 1 18  ? 2.168   11.528  -5.894  1.00 19.89 ? 18  ASN A O   1 
ATOM   139  C CB  . ASN A 1 18  ? 4.580   11.938  -7.384  1.00 18.32 ? 18  ASN A CB  1 
ATOM   140  C CG  . ASN A 1 18  ? 5.972   11.497  -7.786  1.00 20.71 ? 18  ASN A CG  1 
ATOM   141  O OD1 . ASN A 1 18  ? 6.346   10.334  -7.615  1.00 22.66 ? 18  ASN A OD1 1 
ATOM   142  N ND2 . ASN A 1 18  ? 6.750   12.423  -8.328  1.00 23.50 ? 18  ASN A ND2 1 
ATOM   143  N N   . GLN A 1 19  ? 1.061   10.853  -7.739  1.00 19.29 ? 19  GLN A N   1 
ATOM   144  C CA  . GLN A 1 19  ? -0.262  10.909  -7.120  1.00 20.15 ? 19  GLN A CA  1 
ATOM   145  C C   . GLN A 1 19  ? -1.041  9.639   -7.435  1.00 19.52 ? 19  GLN A C   1 
ATOM   146  O O   . GLN A 1 19  ? -0.647  8.870   -8.313  1.00 18.64 ? 19  GLN A O   1 
ATOM   147  C CB  . GLN A 1 19  ? -1.050  12.111  -7.639  1.00 21.03 ? 19  GLN A CB  1 
ATOM   148  C CG  . GLN A 1 19  ? -0.539  13.442  -7.156  1.00 24.95 ? 19  GLN A CG  1 
ATOM   149  C CD  . GLN A 1 19  ? -1.498  14.570  -7.476  1.00 29.90 ? 19  GLN A CD  1 
ATOM   150  O OE1 . GLN A 1 19  ? -1.603  15.005  -8.626  1.00 33.00 ? 19  GLN A OE1 1 
ATOM   151  N NE2 . GLN A 1 19  ? -2.208  15.052  -6.456  1.00 32.22 ? 19  GLN A NE2 1 
ATOM   152  N N   . LEU A 1 20  ? -2.142  9.423   -6.715  1.00 19.03 ? 20  LEU A N   1 
ATOM   153  C CA  . LEU A 1 20  ? -3.069  8.344   -7.068  1.00 19.16 ? 20  LEU A CA  1 
ATOM   154  C C   . LEU A 1 20  ? -3.834  8.768   -8.316  1.00 19.35 ? 20  LEU A C   1 
ATOM   155  O O   . LEU A 1 20  ? -4.191  9.944   -8.455  1.00 19.68 ? 20  LEU A O   1 
ATOM   156  C CB  . LEU A 1 20  ? -4.053  8.058   -5.924  1.00 18.84 ? 20  LEU A CB  1 
ATOM   157  C CG  . LEU A 1 20  ? -3.432  7.810   -4.553  1.00 18.55 ? 20  LEU A CG  1 
ATOM   158  C CD1 . LEU A 1 20  ? -4.528  7.811   -3.479  1.00 16.46 ? 20  LEU A CD1 1 
ATOM   159  C CD2 . LEU A 1 20  ? -2.615  6.513   -4.536  1.00 17.44 ? 20  LEU A CD2 1 
ATOM   160  N N   . PRO A 1 21  ? -4.058  7.831   -9.248  1.00 19.30 ? 21  PRO A N   1 
ATOM   161  C CA  . PRO A 1 21  ? -4.811  8.159   -10.469 1.00 19.57 ? 21  PRO A CA  1 
ATOM   162  C C   . PRO A 1 21  ? -6.326  8.314   -10.302 1.00 19.81 ? 21  PRO A C   1 
ATOM   163  O O   . PRO A 1 21  ? -6.990  8.836   -11.209 1.00 20.60 ? 21  PRO A O   1 
ATOM   164  C CB  . PRO A 1 21  ? -4.483  6.980   -11.409 1.00 19.20 ? 21  PRO A CB  1 
ATOM   165  C CG  . PRO A 1 21  ? -3.341  6.243   -10.757 1.00 19.62 ? 21  PRO A CG  1 
ATOM   166  C CD  . PRO A 1 21  ? -3.546  6.450   -9.286  1.00 19.48 ? 21  PRO A CD  1 
ATOM   167  N N   . TRP A 1 22  ? -6.866  7.885   -9.160  1.00 19.92 ? 22  TRP A N   1 
ATOM   168  C CA  . TRP A 1 22  ? -8.317  7.877   -8.910  1.00 19.83 ? 22  TRP A CA  1 
ATOM   169  C C   . TRP A 1 22  ? -8.671  8.492   -7.568  1.00 20.82 ? 22  TRP A C   1 
ATOM   170  O O   . TRP A 1 22  ? -7.815  8.664   -6.695  1.00 20.86 ? 22  TRP A O   1 
ATOM   171  C CB  . TRP A 1 22  ? -8.870  6.450   -8.930  1.00 18.87 ? 22  TRP A CB  1 
ATOM   172  C CG  . TRP A 1 22  ? -8.013  5.540   -8.143  1.00 17.44 ? 22  TRP A CG  1 
ATOM   173  C CD1 . TRP A 1 22  ? -7.992  5.391   -6.772  1.00 16.77 ? 22  TRP A CD1 1 
ATOM   174  C CD2 . TRP A 1 22  ? -7.001  4.675   -8.657  1.00 15.82 ? 22  TRP A CD2 1 
ATOM   175  N NE1 . TRP A 1 22  ? -7.036  4.472   -6.416  1.00 16.00 ? 22  TRP A NE1 1 
ATOM   176  C CE2 . TRP A 1 22  ? -6.408  4.019   -7.552  1.00 16.40 ? 22  TRP A CE2 1 
ATOM   177  C CE3 . TRP A 1 22  ? -6.543  4.375   -9.949  1.00 15.27 ? 22  TRP A CE3 1 
ATOM   178  C CZ2 . TRP A 1 22  ? -5.381  3.086   -7.701  1.00 16.68 ? 22  TRP A CZ2 1 
ATOM   179  C CZ3 . TRP A 1 22  ? -5.513  3.445   -10.090 1.00 15.97 ? 22  TRP A CZ3 1 
ATOM   180  C CH2 . TRP A 1 22  ? -4.946  2.817   -8.976  1.00 16.43 ? 22  TRP A CH2 1 
ATOM   181  N N   . HIS A 1 23  ? -9.957  8.787   -7.415  1.00 22.38 ? 23  HIS A N   1 
ATOM   182  C CA  . HIS A 1 23  ? -10.511 9.319   -6.186  1.00 23.29 ? 23  HIS A CA  1 
ATOM   183  C C   . HIS A 1 23  ? -11.569 8.338   -5.685  1.00 22.85 ? 23  HIS A C   1 
ATOM   184  O O   . HIS A 1 23  ? -12.617 8.160   -6.319  1.00 23.42 ? 23  HIS A O   1 
ATOM   185  C CB  . HIS A 1 23  ? -11.106 10.710  -6.454  1.00 24.39 ? 23  HIS A CB  1 
ATOM   186  C CG  . HIS A 1 23  ? -12.018 11.203  -5.374  1.00 27.09 ? 23  HIS A CG  1 
ATOM   187  N ND1 . HIS A 1 23  ? -11.566 11.584  -4.127  1.00 30.50 ? 23  HIS A ND1 1 
ATOM   188  C CD2 . HIS A 1 23  ? -13.360 11.391  -5.363  1.00 30.09 ? 23  HIS A CD2 1 
ATOM   189  C CE1 . HIS A 1 23  ? -12.592 11.980  -3.394  1.00 30.29 ? 23  HIS A CE1 1 
ATOM   190  N NE2 . HIS A 1 23  ? -13.690 11.878  -4.122  1.00 31.30 ? 23  HIS A NE2 1 
ATOM   191  N N   . LEU A 1 24  ? -11.271 7.676   -4.571  1.00 21.85 ? 24  LEU A N   1 
ATOM   192  C CA  . LEU A 1 24  ? -12.144 6.629   -4.051  1.00 21.19 ? 24  LEU A CA  1 
ATOM   193  C C   . LEU A 1 24  ? -12.166 6.617   -2.517  1.00 20.80 ? 24  LEU A C   1 
ATOM   194  O O   . LEU A 1 24  ? -11.390 5.890   -1.886  1.00 20.11 ? 24  LEU A O   1 
ATOM   195  C CB  . LEU A 1 24  ? -11.718 5.263   -4.607  1.00 21.13 ? 24  LEU A CB  1 
ATOM   196  C CG  . LEU A 1 24  ? -12.695 4.088   -4.473  1.00 20.86 ? 24  LEU A CG  1 
ATOM   197  C CD1 . LEU A 1 24  ? -14.042 4.401   -5.119  1.00 20.39 ? 24  LEU A CD1 1 
ATOM   198  C CD2 . LEU A 1 24  ? -12.073 2.845   -5.099  1.00 21.01 ? 24  LEU A CD2 1 
ATOM   199  N N   . PRO A 1 25  ? -13.054 7.437   -1.910  1.00 20.72 ? 25  PRO A N   1 
ATOM   200  C CA  . PRO A 1 25  ? -13.179 7.555   -0.455  1.00 20.72 ? 25  PRO A CA  1 
ATOM   201  C C   . PRO A 1 25  ? -13.259 6.225   0.290   1.00 20.42 ? 25  PRO A C   1 
ATOM   202  O O   . PRO A 1 25  ? -12.633 6.087   1.342   1.00 20.83 ? 25  PRO A O   1 
ATOM   203  C CB  . PRO A 1 25  ? -14.478 8.351   -0.283  1.00 20.79 ? 25  PRO A CB  1 
ATOM   204  C CG  . PRO A 1 25  ? -14.535 9.205   -1.484  1.00 21.08 ? 25  PRO A CG  1 
ATOM   205  C CD  . PRO A 1 25  ? -13.983 8.348   -2.603  1.00 20.71 ? 25  PRO A CD  1 
ATOM   206  N N   . ASN A 1 26  ? -14.009 5.260   -0.242  1.00 20.27 ? 26  ASN A N   1 
ATOM   207  C CA  . ASN A 1 26  ? -14.144 3.949   0.406   1.00 20.36 ? 26  ASN A CA  1 
ATOM   208  C C   . ASN A 1 26  ? -12.825 3.201   0.577   1.00 19.60 ? 26  ASN A C   1 
ATOM   209  O O   . ASN A 1 26  ? -12.642 2.458   1.549   1.00 19.24 ? 26  ASN A O   1 
ATOM   210  C CB  . ASN A 1 26  ? -15.186 3.078   -0.303  1.00 21.10 ? 26  ASN A CB  1 
ATOM   211  C CG  . ASN A 1 26  ? -16.611 3.547   -0.035  1.00 22.62 ? 26  ASN A CG  1 
ATOM   212  O OD1 . ASN A 1 26  ? -16.847 4.387   0.839   1.00 26.32 ? 26  ASN A OD1 1 
ATOM   213  N ND2 . ASN A 1 26  ? -17.560 3.024   -0.797  1.00 25.56 ? 26  ASN A ND2 1 
ATOM   214  N N   . ASP A 1 27  ? -11.904 3.395   -0.363  1.00 18.67 ? 27  ASP A N   1 
ATOM   215  C CA  . ASP A 1 27  ? -10.593 2.777   -0.240  1.00 18.25 ? 27  ASP A CA  1 
ATOM   216  C C   . ASP A 1 27  ? -9.757  3.469   0.843   1.00 17.99 ? 27  ASP A C   1 
ATOM   217  O O   . ASP A 1 27  ? -9.026  2.809   1.581   1.00 17.68 ? 27  ASP A O   1 
ATOM   218  C CB  . ASP A 1 27  ? -9.867  2.733   -1.586  1.00 18.05 ? 27  ASP A CB  1 
ATOM   219  C CG  . ASP A 1 27  ? -8.490  2.124   -1.478  1.00 18.21 ? 27  ASP A CG  1 
ATOM   220  O OD1 . ASP A 1 27  ? -7.526  2.845   -1.783  1.00 18.10 ? 27  ASP A OD1 1 
ATOM   221  O OD2 . ASP A 1 27  ? -8.367  0.945   -1.063  1.00 17.12 ? 27  ASP A OD2 1 
ATOM   222  N N   . LEU A 1 28  ? -9.872  4.793   0.947   1.00 18.35 ? 28  LEU A N   1 
ATOM   223  C CA  . LEU A 1 28  ? -9.236  5.512   2.053   1.00 19.07 ? 28  LEU A CA  1 
ATOM   224  C C   . LEU A 1 28  ? -9.737  4.989   3.407   1.00 18.95 ? 28  LEU A C   1 
ATOM   225  O O   . LEU A 1 28  ? -8.946  4.813   4.326   1.00 18.79 ? 28  LEU A O   1 
ATOM   226  C CB  . LEU A 1 28  ? -9.465  7.021   1.948   1.00 19.62 ? 28  LEU A CB  1 
ATOM   227  C CG  . LEU A 1 28  ? -8.631  7.803   0.929   1.00 21.15 ? 28  LEU A CG  1 
ATOM   228  C CD1 . LEU A 1 28  ? -9.262  9.180   0.695   1.00 23.82 ? 28  LEU A CD1 1 
ATOM   229  C CD2 . LEU A 1 28  ? -7.194  7.957   1.378   1.00 23.02 ? 28  LEU A CD2 1 
ATOM   230  N N   . LYS A 1 29  ? -11.041 4.741   3.506   1.00 19.15 ? 29  LYS A N   1 
ATOM   231  C CA  . LYS A 1 29  ? -11.666 4.179   4.719   1.00 19.62 ? 29  LYS A CA  1 
ATOM   232  C C   . LYS A 1 29  ? -11.136 2.779   5.036   1.00 18.94 ? 29  LYS A C   1 
ATOM   233  O O   . LYS A 1 29  ? -10.876 2.441   6.200   1.00 19.04 ? 29  LYS A O   1 
ATOM   234  C CB  . LYS A 1 29  ? -13.191 4.102   4.556   1.00 20.18 ? 29  LYS A CB  1 
ATOM   235  C CG  . LYS A 1 29  ? -13.913 5.443   4.525   1.00 23.19 ? 29  LYS A CG  1 
ATOM   236  C CD  . LYS A 1 29  ? -15.370 5.297   4.978   1.00 27.30 ? 29  LYS A CD  1 
ATOM   237  C CE  . LYS A 1 29  ? -16.077 6.657   5.049   1.00 29.94 ? 29  LYS A CE  1 
ATOM   238  N NZ  . LYS A 1 29  ? -15.397 7.648   5.950   1.00 32.09 ? 29  LYS A NZ  1 
ATOM   239  N N   . HIS A 1 30  ? -11.003 1.968   3.986   1.00 18.25 ? 30  HIS A N   1 
ATOM   240  C CA  . HIS A 1 30  ? -10.396 0.637   4.047   1.00 17.30 ? 30  HIS A CA  1 
ATOM   241  C C   . HIS A 1 30  ? -8.982  0.701   4.637   1.00 16.88 ? 30  HIS A C   1 
ATOM   242  O O   . HIS A 1 30  ? -8.656  -0.030  5.568   1.00 16.66 ? 30  HIS A O   1 
ATOM   243  C CB  . HIS A 1 30  ? -10.395 0.044   2.628   1.00 17.03 ? 30  HIS A CB  1 
ATOM   244  C CG  . HIS A 1 30  ? -9.764  -1.308  2.508   1.00 17.20 ? 30  HIS A CG  1 
ATOM   245  N ND1 . HIS A 1 30  ? -10.312 -2.440  3.075   1.00 17.41 ? 30  HIS A ND1 1 
ATOM   246  C CD2 . HIS A 1 30  ? -8.663  -1.720  1.834   1.00 17.62 ? 30  HIS A CD2 1 
ATOM   247  C CE1 . HIS A 1 30  ? -9.563  -3.487  2.772   1.00 17.86 ? 30  HIS A CE1 1 
ATOM   248  N NE2 . HIS A 1 30  ? -8.558  -3.078  2.017   1.00 19.06 ? 30  HIS A NE2 1 
ATOM   249  N N   . VAL A 1 31  ? -8.152  1.596   4.107   1.00 16.34 ? 31  VAL A N   1 
ATOM   250  C CA  . VAL A 1 31  ? -6.790  1.791   4.614   1.00 16.44 ? 31  VAL A CA  1 
ATOM   251  C C   . VAL A 1 31  ? -6.793  2.199   6.092   1.00 16.96 ? 31  VAL A C   1 
ATOM   252  O O   . VAL A 1 31  ? -6.029  1.656   6.899   1.00 17.11 ? 31  VAL A O   1 
ATOM   253  C CB  . VAL A 1 31  ? -6.032  2.849   3.778   1.00 16.06 ? 31  VAL A CB  1 
ATOM   254  C CG1 . VAL A 1 31  ? -4.694  3.210   4.431   1.00 16.41 ? 31  VAL A CG1 1 
ATOM   255  C CG2 . VAL A 1 31  ? -5.798  2.327   2.371   1.00 15.93 ? 31  VAL A CG2 1 
ATOM   256  N N   . LYS A 1 32  ? -7.663  3.149   6.419   1.00 18.12 ? 32  LYS A N   1 
ATOM   257  C CA  . LYS A 1 32  ? -7.814  3.660   7.779   1.00 18.84 ? 32  LYS A CA  1 
ATOM   258  C C   . LYS A 1 32  ? -8.203  2.541   8.745   1.00 19.25 ? 32  LYS A C   1 
ATOM   259  O O   . LYS A 1 32  ? -7.633  2.418   9.821   1.00 18.79 ? 32  LYS A O   1 
ATOM   260  C CB  . LYS A 1 32  ? -8.862  4.769   7.805   1.00 19.44 ? 32  LYS A CB  1 
ATOM   261  C CG  . LYS A 1 32  ? -8.985  5.462   9.165   1.00 20.89 ? 32  LYS A CG  1 
ATOM   262  C CD  . LYS A 1 32  ? -9.981  6.593   9.106   1.00 23.91 ? 32  LYS A CD  1 
ATOM   263  C CE  . LYS A 1 32  ? -10.018 7.363   10.422  1.00 27.13 ? 32  LYS A CE  1 
ATOM   264  N NZ  . LYS A 1 32  ? -10.978 8.506   10.355  1.00 28.77 ? 32  LYS A NZ  1 
ATOM   265  N N   . LYS A 1 33  ? -9.163  1.720   8.337   1.00 19.78 ? 33  LYS A N   1 
ATOM   266  C CA  . LYS A 1 33  ? -9.630  0.602   9.148   1.00 20.81 ? 33  LYS A CA  1 
ATOM   267  C C   . LYS A 1 33  ? -8.531  -0.442  9.383   1.00 20.22 ? 33  LYS A C   1 
ATOM   268  O O   . LYS A 1 33  ? -8.329  -0.893  10.517  1.00 20.44 ? 33  LYS A O   1 
ATOM   269  C CB  . LYS A 1 33  ? -10.859 -0.024  8.490   1.00 21.13 ? 33  LYS A CB  1 
ATOM   270  C CG  . LYS A 1 33  ? -11.523 -1.144  9.276   1.00 23.17 ? 33  LYS A CG  1 
ATOM   271  C CD  . LYS A 1 33  ? -12.644 -1.783  8.455   1.00 23.95 ? 33  LYS A CD  1 
ATOM   272  C CE  . LYS A 1 33  ? -13.993 -1.081  8.661   1.00 27.76 ? 33  LYS A CE  1 
ATOM   273  N NZ  . LYS A 1 33  ? -14.024 0.341   8.178   1.00 29.81 ? 33  LYS A NZ  1 
ATOM   274  N N   . LEU A 1 34  ? -7.822  -0.817  8.319   1.00 18.96 ? 34  LEU A N   1 
ATOM   275  C CA  . LEU A 1 34  ? -6.772  -1.829  8.402   1.00 18.71 ? 34  LEU A CA  1 
ATOM   276  C C   . LEU A 1 34  ? -5.530  -1.410  9.193   1.00 18.62 ? 34  LEU A C   1 
ATOM   277  O O   . LEU A 1 34  ? -4.971  -2.216  9.943   1.00 18.42 ? 34  LEU A O   1 
ATOM   278  C CB  . LEU A 1 34  ? -6.344  -2.280  6.999   1.00 18.82 ? 34  LEU A CB  1 
ATOM   279  C CG  . LEU A 1 34  ? -7.239  -3.295  6.288   1.00 18.97 ? 34  LEU A CG  1 
ATOM   280  C CD1 . LEU A 1 34  ? -6.737  -3.529  4.862   1.00 18.54 ? 34  LEU A CD1 1 
ATOM   281  C CD2 . LEU A 1 34  ? -7.302  -4.607  7.056   1.00 20.10 ? 34  LEU A CD2 1 
ATOM   282  N N   . SER A 1 35  ? -5.094  -0.164  9.017   1.00 18.13 ? 35  SER A N   1 
ATOM   283  C CA  . SER A 1 35  ? -3.767  0.228   9.481   1.00 18.06 ? 35  SER A CA  1 
ATOM   284  C C   . SER A 1 35  ? -3.752  1.129   10.723  1.00 18.30 ? 35  SER A C   1 
ATOM   285  O O   . SER A 1 35  ? -2.685  1.370   11.282  1.00 18.22 ? 35  SER A O   1 
ATOM   286  C CB  . SER A 1 35  ? -2.972  0.886   8.347   1.00 17.46 ? 35  SER A CB  1 
ATOM   287  O OG  . SER A 1 35  ? -3.581  2.094   7.935   1.00 17.33 ? 35  SER A OG  1 
ATOM   288  N N   . THR A 1 36  ? -4.914  1.624   11.146  1.00 19.21 ? 36  THR A N   1 
ATOM   289  C CA  . THR A 1 36  ? -4.980  2.422   12.383  1.00 19.65 ? 36  THR A CA  1 
ATOM   290  C C   . THR A 1 36  ? -4.503  1.558   13.547  1.00 19.46 ? 36  THR A C   1 
ATOM   291  O O   . THR A 1 36  ? -4.923  0.409   13.698  1.00 19.74 ? 36  THR A O   1 
ATOM   292  C CB  . THR A 1 36  ? -6.381  3.034   12.641  1.00 19.63 ? 36  THR A CB  1 
ATOM   293  O OG1 . THR A 1 36  ? -6.673  3.999   11.622  1.00 21.00 ? 36  THR A OG1 1 
ATOM   294  C CG2 . THR A 1 36  ? -6.442  3.752   13.995  1.00 20.06 ? 36  THR A CG2 1 
ATOM   295  N N   . GLY A 1 37  ? -3.589  2.109   14.339  1.00 19.56 ? 37  GLY A N   1 
ATOM   296  C CA  . GLY A 1 37  ? -3.019  1.391   15.472  1.00 19.49 ? 37  GLY A CA  1 
ATOM   297  C C   . GLY A 1 37  ? -1.886  0.449   15.127  1.00 19.49 ? 37  GLY A C   1 
ATOM   298  O O   . GLY A 1 37  ? -1.358  -0.228  16.006  1.00 20.15 ? 37  GLY A O   1 
ATOM   299  N N   . HIS A 1 38  ? -1.498  0.399   13.848  1.00 19.17 ? 38  HIS A N   1 
ATOM   300  C CA  . HIS A 1 38  ? -0.416  -0.476  13.413  1.00 19.16 ? 38  HIS A CA  1 
ATOM   301  C C   . HIS A 1 38  ? 0.722   0.342   12.780  1.00 18.87 ? 38  HIS A C   1 
ATOM   302  O O   . HIS A 1 38  ? 0.944   1.484   13.189  1.00 19.31 ? 38  HIS A O   1 
ATOM   303  C CB  . HIS A 1 38  ? -0.966  -1.594  12.508  1.00 19.12 ? 38  HIS A CB  1 
ATOM   304  C CG  . HIS A 1 38  ? -2.069  -2.385  13.152  1.00 20.35 ? 38  HIS A CG  1 
ATOM   305  N ND1 . HIS A 1 38  ? -1.839  -3.303  14.159  1.00 22.29 ? 38  HIS A ND1 1 
ATOM   306  C CD2 . HIS A 1 38  ? -3.410  -2.370  12.960  1.00 22.14 ? 38  HIS A CD2 1 
ATOM   307  C CE1 . HIS A 1 38  ? -2.989  -3.829  14.546  1.00 22.14 ? 38  HIS A CE1 1 
ATOM   308  N NE2 . HIS A 1 38  ? -3.958  -3.277  13.837  1.00 22.19 ? 38  HIS A NE2 1 
ATOM   309  N N   . THR A 1 39  ? 1.441   -0.230  11.816  1.00 18.25 ? 39  THR A N   1 
ATOM   310  C CA  . THR A 1 39  ? 2.598   0.443   11.213  1.00 18.21 ? 39  THR A CA  1 
ATOM   311  C C   . THR A 1 39  ? 2.498   0.433   9.690   1.00 17.83 ? 39  THR A C   1 
ATOM   312  O O   . THR A 1 39  ? 2.176   -0.603  9.097   1.00 17.11 ? 39  THR A O   1 
ATOM   313  C CB  . THR A 1 39  ? 3.923   -0.235  11.642  1.00 18.61 ? 39  THR A CB  1 
ATOM   314  O OG1 . THR A 1 39  ? 4.055   -0.173  13.071  1.00 19.21 ? 39  THR A OG1 1 
ATOM   315  C CG2 . THR A 1 39  ? 5.142   0.431   10.980  1.00 19.27 ? 39  THR A CG2 1 
ATOM   316  N N   . LEU A 1 40  ? 2.763   1.589   9.079   1.00 16.84 ? 40  LEU A N   1 
ATOM   317  C CA  . LEU A 1 40  ? 2.962   1.684   7.632   1.00 16.92 ? 40  LEU A CA  1 
ATOM   318  C C   . LEU A 1 40  ? 4.434   1.920   7.340   1.00 16.86 ? 40  LEU A C   1 
ATOM   319  O O   . LEU A 1 40  ? 5.066   2.750   7.989   1.00 17.19 ? 40  LEU A O   1 
ATOM   320  C CB  . LEU A 1 40  ? 2.166   2.847   7.040   1.00 16.58 ? 40  LEU A CB  1 
ATOM   321  C CG  . LEU A 1 40  ? 0.654   2.883   7.241   1.00 17.15 ? 40  LEU A CG  1 
ATOM   322  C CD1 . LEU A 1 40  ? 0.084   4.139   6.630   1.00 17.56 ? 40  LEU A CD1 1 
ATOM   323  C CD2 . LEU A 1 40  ? 0.002   1.647   6.640   1.00 17.71 ? 40  LEU A CD2 1 
ATOM   324  N N   . VAL A 1 41  ? 4.964   1.177   6.373   1.00 16.81 ? 41  VAL A N   1 
ATOM   325  C CA  . VAL A 1 41  ? 6.309   1.391   5.846   1.00 16.91 ? 41  VAL A CA  1 
ATOM   326  C C   . VAL A 1 41  ? 6.163   1.847   4.401   1.00 17.20 ? 41  VAL A C   1 
ATOM   327  O O   . VAL A 1 41  ? 5.509   1.190   3.606   1.00 16.15 ? 41  VAL A O   1 
ATOM   328  C CB  . VAL A 1 41  ? 7.170   0.109   5.900   1.00 17.31 ? 41  VAL A CB  1 
ATOM   329  C CG1 . VAL A 1 41  ? 8.515   0.314   5.194   1.00 17.68 ? 41  VAL A CG1 1 
ATOM   330  C CG2 . VAL A 1 41  ? 7.390   -0.328  7.335   1.00 17.57 ? 41  VAL A CG2 1 
ATOM   331  N N   . MET A 1 42  ? 6.782   2.974   4.065   1.00 16.90 ? 42  MET A N   1 
ATOM   332  C CA  . MET A 1 42  ? 6.645   3.521   2.719   1.00 17.32 ? 42  MET A CA  1 
ATOM   333  C C   . MET A 1 42  ? 7.962   4.098   2.223   1.00 17.16 ? 42  MET A C   1 
ATOM   334  O O   . MET A 1 42  ? 8.826   4.463   3.020   1.00 16.42 ? 42  MET A O   1 
ATOM   335  C CB  . MET A 1 42  ? 5.540   4.578   2.683   1.00 17.59 ? 42  MET A CB  1 
ATOM   336  C CG  . MET A 1 42  ? 5.896   5.885   3.411   1.00 17.45 ? 42  MET A CG  1 
ATOM   337  S SD  . MET A 1 42  ? 4.493   6.958   3.688   1.00 19.76 ? 42  MET A SD  1 
ATOM   338  C CE  . MET A 1 42  ? 3.728   6.151   5.105   1.00 19.78 ? 42  MET A CE  1 
ATOM   339  N N   . GLY A 1 43  ? 8.099   4.177   0.905   1.00 16.64 ? 43  GLY A N   1 
ATOM   340  C CA  . GLY A 1 43  ? 9.275   4.793   0.290   1.00 16.87 ? 43  GLY A CA  1 
ATOM   341  C C   . GLY A 1 43  ? 9.201   6.306   0.400   1.00 16.91 ? 43  GLY A C   1 
ATOM   342  O O   . GLY A 1 43  ? 8.129   6.875   0.625   1.00 16.22 ? 43  GLY A O   1 
ATOM   343  N N   . ARG A 1 44  ? 10.347  6.953   0.207   1.00 17.57 ? 44  ARG A N   1 
ATOM   344  C CA  . ARG A 1 44  ? 10.457  8.412   0.301   1.00 18.20 ? 44  ARG A CA  1 
ATOM   345  C C   . ARG A 1 44  ? 9.503   9.181   -0.616  1.00 18.58 ? 44  ARG A C   1 
ATOM   346  O O   . ARG A 1 44  ? 8.894   10.163  -0.193  1.00 18.06 ? 44  ARG A O   1 
ATOM   347  C CB  . ARG A 1 44  ? 11.911  8.838   0.045   1.00 18.29 ? 44  ARG A CB  1 
ATOM   348  C CG  . ARG A 1 44  ? 12.218  10.319  0.323   1.00 18.99 ? 44  ARG A CG  1 
ATOM   349  C CD  . ARG A 1 44  ? 12.082  11.186  -0.935  1.00 19.95 ? 44  ARG A CD  1 
ATOM   350  N NE  . ARG A 1 44  ? 13.012  10.772  -1.984  1.00 19.95 ? 44  ARG A NE  1 
ATOM   351  C CZ  . ARG A 1 44  ? 12.960  11.177  -3.251  1.00 20.74 ? 44  ARG A CZ  1 
ATOM   352  N NH1 . ARG A 1 44  ? 12.017  12.022  -3.658  1.00 21.53 ? 44  ARG A NH1 1 
ATOM   353  N NH2 . ARG A 1 44  ? 13.855  10.728  -4.116  1.00 21.18 ? 44  ARG A NH2 1 
ATOM   354  N N   . LYS A 1 45  ? 9.376   8.749   -1.875  1.00 18.73 ? 45  LYS A N   1 
ATOM   355  C CA  . LYS A 1 45  ? 8.529   9.469   -2.825  1.00 19.46 ? 45  LYS A CA  1 
ATOM   356  C C   . LYS A 1 45  ? 7.058   9.430   -2.434  1.00 19.30 ? 45  LYS A C   1 
ATOM   357  O O   . LYS A 1 45  ? 6.348   10.427  -2.565  1.00 19.54 ? 45  LYS A O   1 
ATOM   358  C CB  . LYS A 1 45  ? 8.730   8.947   -4.257  1.00 19.35 ? 45  LYS A CB  1 
ATOM   359  C CG  . LYS A 1 45  ? 10.148  9.120   -4.783  1.00 20.38 ? 45  LYS A CG  1 
ATOM   360  C CD  . LYS A 1 45  ? 10.202  8.858   -6.285  1.00 20.87 ? 45  LYS A CD  1 
ATOM   361  C CE  . LYS A 1 45  ? 11.603  9.038   -6.847  1.00 23.46 ? 45  LYS A CE  1 
ATOM   362  N NZ  . LYS A 1 45  ? 11.628  8.722   -8.309  1.00 23.55 ? 45  LYS A NZ  1 
ATOM   363  N N   . THR A 1 46  ? 6.604   8.276   -1.947  1.00 19.64 ? 46  THR A N   1 
ATOM   364  C CA  . THR A 1 46  ? 5.229   8.143   -1.482  1.00 19.81 ? 46  THR A CA  1 
ATOM   365  C C   . THR A 1 46  ? 4.948   9.094   -0.317  1.00 20.02 ? 46  THR A C   1 
ATOM   366  O O   . THR A 1 46  ? 3.953   9.818   -0.340  1.00 19.76 ? 46  THR A O   1 
ATOM   367  C CB  . THR A 1 46  ? 4.884   6.688   -1.102  1.00 19.72 ? 46  THR A CB  1 
ATOM   368  O OG1 . THR A 1 46  ? 4.968   5.865   -2.270  1.00 19.73 ? 46  THR A OG1 1 
ATOM   369  C CG2 . THR A 1 46  ? 3.470   6.599   -0.546  1.00 20.02 ? 46  THR A CG2 1 
ATOM   370  N N   . PHE A 1 47  ? 5.844   9.112   0.666   1.00 20.29 ? 47  PHE A N   1 
ATOM   371  C CA  . PHE A 1 47  ? 5.691   10.007  1.808   1.00 21.45 ? 47  PHE A CA  1 
ATOM   372  C C   . PHE A 1 47  ? 5.612   11.477  1.405   1.00 21.85 ? 47  PHE A C   1 
ATOM   373  O O   . PHE A 1 47  ? 4.719   12.200  1.853   1.00 21.69 ? 47  PHE A O   1 
ATOM   374  C CB  . PHE A 1 47  ? 6.797   9.840   2.847   1.00 21.37 ? 47  PHE A CB  1 
ATOM   375  C CG  . PHE A 1 47  ? 6.683   10.835  3.970   1.00 22.68 ? 47  PHE A CG  1 
ATOM   376  C CD1 . PHE A 1 47  ? 7.482   11.974  3.994   1.00 23.51 ? 47  PHE A CD1 1 
ATOM   377  C CD2 . PHE A 1 47  ? 5.711   10.673  4.954   1.00 23.44 ? 47  PHE A CD2 1 
ATOM   378  C CE1 . PHE A 1 47  ? 7.349   12.915  5.008   1.00 23.48 ? 47  PHE A CE1 1 
ATOM   379  C CE2 . PHE A 1 47  ? 5.564   11.611  5.969   1.00 24.73 ? 47  PHE A CE2 1 
ATOM   380  C CZ  . PHE A 1 47  ? 6.388   12.734  5.997   1.00 23.67 ? 47  PHE A CZ  1 
ATOM   381  N N   . GLU A 1 48  ? 6.552   11.909  0.570   1.00 23.12 ? 48  GLU A N   1 
ATOM   382  C CA  . GLU A 1 48  ? 6.621   13.313  0.166   1.00 24.58 ? 48  GLU A CA  1 
ATOM   383  C C   . GLU A 1 48  ? 5.379   13.740  -0.588  1.00 25.07 ? 48  GLU A C   1 
ATOM   384  O O   . GLU A 1 48  ? 4.952   14.893  -0.496  1.00 25.47 ? 48  GLU A O   1 
ATOM   385  C CB  . GLU A 1 48  ? 7.882   13.597  -0.654  1.00 24.89 ? 48  GLU A CB  1 
ATOM   386  C CG  . GLU A 1 48  ? 9.197   13.396  0.112   1.00 26.63 ? 48  GLU A CG  1 
ATOM   387  C CD  . GLU A 1 48  ? 9.327   14.248  1.373   1.00 29.78 ? 48  GLU A CD  1 
ATOM   388  O OE1 . GLU A 1 48  ? 10.019  13.794  2.309   1.00 32.69 ? 48  GLU A OE1 1 
ATOM   389  O OE2 . GLU A 1 48  ? 8.749   15.356  1.441   1.00 31.77 ? 48  GLU A OE2 1 
ATOM   390  N N   . SER A 1 49  ? 4.789   12.798  -1.319  1.00 25.92 ? 49  SER A N   1 
ATOM   391  C CA  . SER A 1 49  ? 3.538   13.054  -2.015  1.00 26.70 ? 49  SER A CA  1 
ATOM   392  C C   . SER A 1 49  ? 2.365   13.194  -1.053  1.00 26.79 ? 49  SER A C   1 
ATOM   393  O O   . SER A 1 49  ? 1.510   14.067  -1.238  1.00 26.88 ? 49  SER A O   1 
ATOM   394  C CB  . SER A 1 49  ? 3.247   11.961  -3.030  1.00 27.03 ? 49  SER A CB  1 
ATOM   395  O OG  . SER A 1 49  ? 2.048   12.277  -3.711  1.00 28.77 ? 49  SER A OG  1 
ATOM   396  N N   . ILE A 1 50  ? 2.319   12.337  -0.034  1.00 26.77 ? 50  ILE A N   1 
ATOM   397  C CA  . ILE A 1 50  ? 1.299   12.458  1.011   1.00 26.88 ? 50  ILE A CA  1 
ATOM   398  C C   . ILE A 1 50  ? 1.484   13.790  1.751   1.00 26.93 ? 50  ILE A C   1 
ATOM   399  O O   . ILE A 1 50  ? 0.518   14.508  2.003   1.00 27.22 ? 50  ILE A O   1 
ATOM   400  C CB  . ILE A 1 50  ? 1.313   11.263  2.001   1.00 26.94 ? 50  ILE A CB  1 
ATOM   401  C CG1 . ILE A 1 50  ? 1.051   9.947   1.256   1.00 26.73 ? 50  ILE A CG1 1 
ATOM   402  C CG2 . ILE A 1 50  ? 0.246   11.445  3.080   1.00 27.27 ? 50  ILE A CG2 1 
ATOM   403  C CD1 . ILE A 1 50  ? 1.417   8.698   2.048   1.00 26.72 ? 50  ILE A CD1 1 
ATOM   404  N N   . GLY A 1 51  ? 2.730   14.113  2.082   1.00 27.06 ? 51  GLY A N   1 
ATOM   405  C CA  . GLY A 1 51  ? 3.062   15.428  2.638   1.00 27.34 ? 51  GLY A CA  1 
ATOM   406  C C   . GLY A 1 51  ? 3.196   15.487  4.148   1.00 27.79 ? 51  GLY A C   1 
ATOM   407  O O   . GLY A 1 51  ? 3.835   16.402  4.680   1.00 27.89 ? 51  GLY A O   1 
ATOM   408  N N   . LYS A 1 52  ? 2.590   14.519  4.839   1.00 27.50 ? 52  LYS A N   1 
ATOM   409  C CA  . LYS A 1 52  ? 2.652   14.419  6.306   1.00 27.72 ? 52  LYS A CA  1 
ATOM   410  C C   . LYS A 1 52  ? 2.294   12.991  6.734   1.00 26.99 ? 52  LYS A C   1 
ATOM   411  O O   . LYS A 1 52  ? 1.678   12.267  5.954   1.00 27.02 ? 52  LYS A O   1 
ATOM   412  C CB  . LYS A 1 52  ? 1.707   15.437  6.959   1.00 28.05 ? 52  LYS A CB  1 
ATOM   413  C CG  . LYS A 1 52  ? 0.244   15.293  6.569   1.00 29.55 ? 52  LYS A CG  1 
ATOM   414  C CD  . LYS A 1 52  ? -0.564  16.515  6.991   1.00 32.69 ? 52  LYS A CD  1 
ATOM   415  C CE  . LYS A 1 52  ? -2.062  16.291  6.797   1.00 33.81 ? 52  LYS A CE  1 
ATOM   416  N NZ  . LYS A 1 52  ? -2.398  15.746  5.444   1.00 35.08 ? 52  LYS A NZ  1 
ATOM   417  N N   . PRO A 1 53  ? 2.688   12.576  7.959   1.00 26.57 ? 53  PRO A N   1 
ATOM   418  C CA  . PRO A 1 53  ? 2.365   11.202  8.352   1.00 26.00 ? 53  PRO A CA  1 
ATOM   419  C C   . PRO A 1 53  ? 0.863   11.012  8.525   1.00 25.40 ? 53  PRO A C   1 
ATOM   420  O O   . PRO A 1 53  ? 0.155   11.965  8.850   1.00 25.38 ? 53  PRO A O   1 
ATOM   421  C CB  . PRO A 1 53  ? 3.100   11.029  9.688   1.00 26.31 ? 53  PRO A CB  1 
ATOM   422  C CG  . PRO A 1 53  ? 3.246   12.412  10.225  1.00 26.30 ? 53  PRO A CG  1 
ATOM   423  C CD  . PRO A 1 53  ? 3.422   13.295  9.022   1.00 26.70 ? 53  PRO A CD  1 
ATOM   424  N N   . LEU A 1 54  ? 0.380   9.798   8.273   1.00 24.65 ? 54  LEU A N   1 
ATOM   425  C CA  . LEU A 1 54  ? -1.029  9.494   8.459   1.00 24.01 ? 54  LEU A CA  1 
ATOM   426  C C   . LEU A 1 54  ? -1.310  9.340   9.956   1.00 23.43 ? 54  LEU A C   1 
ATOM   427  O O   . LEU A 1 54  ? -0.524  8.712   10.660  1.00 23.14 ? 54  LEU A O   1 
ATOM   428  C CB  . LEU A 1 54  ? -1.423  8.234   7.680   1.00 24.25 ? 54  LEU A CB  1 
ATOM   429  C CG  . LEU A 1 54  ? -1.519  8.417   6.157   1.00 24.59 ? 54  LEU A CG  1 
ATOM   430  C CD1 . LEU A 1 54  ? -1.900  7.105   5.488   1.00 26.44 ? 54  LEU A CD1 1 
ATOM   431  C CD2 . LEU A 1 54  ? -2.522  9.508   5.797   1.00 26.03 ? 54  LEU A CD2 1 
ATOM   432  N N   . PRO A 1 55  ? -2.409  9.945   10.443  1.00 23.38 ? 55  PRO A N   1 
ATOM   433  C CA  . PRO A 1 55  ? -2.722  9.974   11.882  1.00 23.21 ? 55  PRO A CA  1 
ATOM   434  C C   . PRO A 1 55  ? -2.993  8.600   12.482  1.00 22.97 ? 55  PRO A C   1 
ATOM   435  O O   . PRO A 1 55  ? -3.490  7.708   11.789  1.00 22.43 ? 55  PRO A O   1 
ATOM   436  C CB  . PRO A 1 55  ? -4.005  10.812  11.950  1.00 23.39 ? 55  PRO A CB  1 
ATOM   437  C CG  . PRO A 1 55  ? -4.079  11.544  10.668  1.00 24.03 ? 55  PRO A CG  1 
ATOM   438  C CD  . PRO A 1 55  ? -3.424  10.663  9.652   1.00 23.56 ? 55  PRO A CD  1 
ATOM   439  N N   . ASN A 1 56  ? -2.664  8.440   13.767  1.00 22.61 ? 56  ASN A N   1 
ATOM   440  C CA  . ASN A 1 56  ? -3.093  7.278   14.564  1.00 22.63 ? 56  ASN A CA  1 
ATOM   441  C C   . ASN A 1 56  ? -2.457  5.935   14.186  1.00 22.36 ? 56  ASN A C   1 
ATOM   442  O O   . ASN A 1 56  ? -3.056  4.865   14.377  1.00 21.77 ? 56  ASN A O   1 
ATOM   443  C CB  . ASN A 1 56  ? -4.620  7.171   14.582  1.00 22.94 ? 56  ASN A CB  1 
ATOM   444  C CG  . ASN A 1 56  ? -5.292  8.472   14.978  1.00 23.83 ? 56  ASN A CG  1 
ATOM   445  O OD1 . ASN A 1 56  ? -6.263  8.893   14.352  1.00 25.99 ? 56  ASN A OD1 1 
ATOM   446  N ND2 . ASN A 1 56  ? -4.766  9.125   16.009  1.00 23.77 ? 56  ASN A ND2 1 
ATOM   447  N N   . ARG A 1 57  ? -1.239  6.000   13.656  1.00 21.72 ? 57  ARG A N   1 
ATOM   448  C CA  . ARG A 1 57  ? -0.441  4.810   13.401  1.00 21.15 ? 57  ARG A CA  1 
ATOM   449  C C   . ARG A 1 57  ? 1.010   5.217   13.275  1.00 21.04 ? 57  ARG A C   1 
ATOM   450  O O   . ARG A 1 57  ? 1.311   6.400   13.087  1.00 21.23 ? 57  ARG A O   1 
ATOM   451  C CB  . ARG A 1 57  ? -0.910  4.099   12.124  1.00 21.25 ? 57  ARG A CB  1 
ATOM   452  C CG  . ARG A 1 57  ? -0.581  4.831   10.832  1.00 20.05 ? 57  ARG A CG  1 
ATOM   453  C CD  . ARG A 1 57  ? -1.679  4.610   9.817   1.00 19.22 ? 57  ARG A CD  1 
ATOM   454  N NE  . ARG A 1 57  ? -2.805  5.521   10.031  1.00 19.15 ? 57  ARG A NE  1 
ATOM   455  C CZ  . ARG A 1 57  ? -3.809  5.691   9.174   1.00 18.66 ? 57  ARG A CZ  1 
ATOM   456  N NH1 . ARG A 1 57  ? -3.850  5.002   8.034   1.00 18.20 ? 57  ARG A NH1 1 
ATOM   457  N NH2 . ARG A 1 57  ? -4.774  6.553   9.452   1.00 20.22 ? 57  ARG A NH2 1 
ATOM   458  N N   . ARG A 1 58  ? 1.903   4.240   13.383  1.00 20.97 ? 58  ARG A N   1 
ATOM   459  C CA  . ARG A 1 58  ? 3.322   4.490   13.199  1.00 21.11 ? 58  ARG A CA  1 
ATOM   460  C C   . ARG A 1 58  ? 3.636   4.617   11.706  1.00 21.02 ? 58  ARG A C   1 
ATOM   461  O O   . ARG A 1 58  ? 3.295   3.728   10.913  1.00 20.62 ? 58  ARG A O   1 
ATOM   462  C CB  . ARG A 1 58  ? 4.148   3.380   13.834  1.00 21.30 ? 58  ARG A CB  1 
ATOM   463  C CG  . ARG A 1 58  ? 5.638   3.653   13.849  1.00 22.28 ? 58  ARG A CG  1 
ATOM   464  C CD  . ARG A 1 58  ? 6.396   2.433   14.314  1.00 23.72 ? 58  ARG A CD  1 
ATOM   465  N NE  . ARG A 1 58  ? 7.817   2.709   14.495  1.00 25.50 ? 58  ARG A NE  1 
ATOM   466  C CZ  . ARG A 1 58  ? 8.702   1.825   14.949  1.00 26.60 ? 58  ARG A CZ  1 
ATOM   467  N NH1 . ARG A 1 58  ? 8.319   0.599   15.287  1.00 27.44 ? 58  ARG A NH1 1 
ATOM   468  N NH2 . ARG A 1 58  ? 9.973   2.174   15.078  1.00 28.41 ? 58  ARG A NH2 1 
ATOM   469  N N   . ASN A 1 59  ? 4.284   5.725   11.345  1.00 20.92 ? 59  ASN A N   1 
ATOM   470  C CA  . ASN A 1 59  ? 4.727   5.977   9.970   1.00 20.91 ? 59  ASN A CA  1 
ATOM   471  C C   . ASN A 1 59  ? 6.230   5.773   9.868   1.00 20.99 ? 59  ASN A C   1 
ATOM   472  O O   . ASN A 1 59  ? 7.006   6.427   10.575  1.00 21.24 ? 59  ASN A O   1 
ATOM   473  C CB  . ASN A 1 59  ? 4.370   7.396   9.523   1.00 20.91 ? 59  ASN A CB  1 
ATOM   474  C CG  . ASN A 1 59  ? 2.876   7.603   9.342   1.00 21.09 ? 59  ASN A CG  1 
ATOM   475  O OD1 . ASN A 1 59  ? 2.411   7.855   8.236   1.00 20.90 ? 59  ASN A OD1 1 
ATOM   476  N ND2 . ASN A 1 59  ? 2.122   7.523   10.434  1.00 21.08 ? 59  ASN A ND2 1 
ATOM   477  N N   . VAL A 1 60  ? 6.635   4.845   9.005   1.00 20.86 ? 60  VAL A N   1 
ATOM   478  C CA  . VAL A 1 60  ? 8.049   4.536   8.809   1.00 20.80 ? 60  VAL A CA  1 
ATOM   479  C C   . VAL A 1 60  ? 8.420   4.803   7.352   1.00 20.94 ? 60  VAL A C   1 
ATOM   480  O O   . VAL A 1 60  ? 7.765   4.313   6.440   1.00 20.68 ? 60  VAL A O   1 
ATOM   481  C CB  . VAL A 1 60  ? 8.375   3.079   9.203   1.00 20.80 ? 60  VAL A CB  1 
ATOM   482  C CG1 . VAL A 1 60  ? 9.809   2.724   8.842   1.00 21.79 ? 60  VAL A CG1 1 
ATOM   483  C CG2 . VAL A 1 60  ? 8.127   2.852   10.702  1.00 20.88 ? 60  VAL A CG2 1 
ATOM   484  N N   . VAL A 1 61  ? 9.466   5.598   7.145   1.00 21.13 ? 61  VAL A N   1 
ATOM   485  C CA  . VAL A 1 61  ? 9.882   5.962   5.794   1.00 20.87 ? 61  VAL A CA  1 
ATOM   486  C C   . VAL A 1 61  ? 11.250  5.365   5.478   1.00 21.17 ? 61  VAL A C   1 
ATOM   487  O O   . VAL A 1 61  ? 12.204  5.473   6.269   1.00 20.75 ? 61  VAL A O   1 
ATOM   488  C CB  . VAL A 1 61  ? 9.842   7.505   5.556   1.00 21.08 ? 61  VAL A CB  1 
ATOM   489  C CG1 . VAL A 1 61  ? 10.433  7.869   4.197   1.00 20.80 ? 61  VAL A CG1 1 
ATOM   490  C CG2 . VAL A 1 61  ? 8.420   8.024   5.653   1.00 20.64 ? 61  VAL A CG2 1 
ATOM   491  N N   . LEU A 1 62  ? 11.320  4.699   4.328   1.00 20.61 ? 62  LEU A N   1 
ATOM   492  C CA  . LEU A 1 62  ? 12.566  4.134   3.833   1.00 21.24 ? 62  LEU A CA  1 
ATOM   493  C C   . LEU A 1 62  ? 13.206  5.098   2.836   1.00 21.00 ? 62  LEU A C   1 
ATOM   494  O O   . LEU A 1 62  ? 12.589  5.470   1.837   1.00 20.59 ? 62  LEU A O   1 
ATOM   495  C CB  . LEU A 1 62  ? 12.316  2.762   3.193   1.00 21.05 ? 62  LEU A CB  1 
ATOM   496  C CG  . LEU A 1 62  ? 13.519  2.042   2.575   1.00 21.40 ? 62  LEU A CG  1 
ATOM   497  C CD1 . LEU A 1 62  ? 14.607  1.720   3.598   1.00 21.45 ? 62  LEU A CD1 1 
ATOM   498  C CD2 . LEU A 1 62  ? 13.062  0.772   1.864   1.00 21.69 ? 62  LEU A CD2 1 
ATOM   499  N N   . THR A 1 63  ? 14.439  5.509   3.138   1.00 21.94 ? 63  THR A N   1 
ATOM   500  C CA  . THR A 1 63  ? 15.189  6.474   2.329   1.00 22.27 ? 63  THR A CA  1 
ATOM   501  C C   . THR A 1 63  ? 16.701  6.302   2.544   1.00 22.99 ? 63  THR A C   1 
ATOM   502  O O   . THR A 1 63  ? 17.142  5.834   3.602   1.00 22.52 ? 63  THR A O   1 
ATOM   503  C CB  . THR A 1 63  ? 14.762  7.946   2.651   1.00 22.47 ? 63  THR A CB  1 
ATOM   504  O OG1 . THR A 1 63  ? 15.510  8.871   1.847   1.00 22.45 ? 63  THR A OG1 1 
ATOM   505  C CG2 . THR A 1 63  ? 14.960  8.273   4.132   1.00 22.34 ? 63  THR A CG2 1 
ATOM   506  N N   . SER A 1 64  ? 17.488  6.671   1.534   1.00 23.23 ? 64  SER A N   1 
ATOM   507  C CA  . SER A 1 64  ? 18.941  6.716   1.684   1.00 24.41 ? 64  SER A CA  1 
ATOM   508  C C   . SER A 1 64  ? 19.381  8.037   2.323   1.00 24.53 ? 64  SER A C   1 
ATOM   509  O O   . SER A 1 64  ? 20.508  8.141   2.802   1.00 25.00 ? 64  SER A O   1 
ATOM   510  C CB  . SER A 1 64  ? 19.659  6.494   0.343   1.00 23.91 ? 64  SER A CB  1 
ATOM   511  O OG  . SER A 1 64  ? 19.366  7.527   -0.588  1.00 26.02 ? 64  SER A OG  1 
ATOM   512  N N   . ASP A 1 65  ? 18.486  9.030   2.327   1.00 24.87 ? 65  ASP A N   1 
ATOM   513  C CA  . ASP A 1 65  ? 18.779  10.373  2.842   1.00 25.16 ? 65  ASP A CA  1 
ATOM   514  C C   . ASP A 1 65  ? 19.102  10.392  4.345   1.00 25.76 ? 65  ASP A C   1 
ATOM   515  O O   . ASP A 1 65  ? 18.210  10.298  5.194   1.00 25.33 ? 65  ASP A O   1 
ATOM   516  C CB  . ASP A 1 65  ? 17.625  11.340  2.505   1.00 25.13 ? 65  ASP A CB  1 
ATOM   517  C CG  . ASP A 1 65  ? 17.955  12.805  2.813   1.00 25.39 ? 65  ASP A CG  1 
ATOM   518  O OD1 . ASP A 1 65  ? 17.104  13.674  2.512   1.00 26.49 ? 65  ASP A OD1 1 
ATOM   519  O OD2 . ASP A 1 65  ? 19.051  13.096  3.340   1.00 25.89 ? 65  ASP A OD2 1 
ATOM   520  N N   . THR A 1 66  ? 20.397  10.523  4.642   1.00 26.57 ? 66  THR A N   1 
ATOM   521  C CA  . THR A 1 66  ? 20.936  10.623  6.006   1.00 27.53 ? 66  THR A CA  1 
ATOM   522  C C   . THR A 1 66  ? 20.403  11.854  6.763   1.00 27.31 ? 66  THR A C   1 
ATOM   523  O O   . THR A 1 66  ? 20.453  11.904  7.992   1.00 27.72 ? 66  THR A O   1 
ATOM   524  C CB  . THR A 1 66  ? 22.505  10.672  5.984   1.00 27.54 ? 66  THR A CB  1 
ATOM   525  O OG1 . THR A 1 66  ? 23.009  9.848   4.920   1.00 28.89 ? 66  THR A OG1 1 
ATOM   526  C CG2 . THR A 1 66  ? 23.098  10.186  7.298   1.00 28.32 ? 66  THR A CG2 1 
ATOM   527  N N   . SER A 1 67  ? 19.884  12.837  6.028   1.00 27.56 ? 67  SER A N   1 
ATOM   528  C CA  . SER A 1 67  ? 19.352  14.063  6.631   1.00 27.66 ? 67  SER A CA  1 
ATOM   529  C C   . SER A 1 67  ? 17.854  14.001  6.933   1.00 27.80 ? 67  SER A C   1 
ATOM   530  O O   . SER A 1 67  ? 17.290  14.940  7.494   1.00 27.39 ? 67  SER A O   1 
ATOM   531  C CB  . SER A 1 67  ? 19.649  15.269  5.736   1.00 27.56 ? 67  SER A CB  1 
ATOM   532  O OG  . SER A 1 67  ? 21.031  15.557  5.738   1.00 28.28 ? 67  SER A OG  1 
ATOM   533  N N   . PHE A 1 68  ? 17.210  12.899  6.553   1.00 28.02 ? 68  PHE A N   1 
ATOM   534  C CA  . PHE A 1 68  ? 15.790  12.724  6.806   1.00 28.31 ? 68  PHE A CA  1 
ATOM   535  C C   . PHE A 1 68  ? 15.540  12.576  8.307   1.00 28.42 ? 68  PHE A C   1 
ATOM   536  O O   . PHE A 1 68  ? 16.017  11.634  8.942   1.00 28.67 ? 68  PHE A O   1 
ATOM   537  C CB  . PHE A 1 68  ? 15.245  11.511  6.034   1.00 28.15 ? 68  PHE A CB  1 
ATOM   538  C CG  . PHE A 1 68  ? 13.748  11.520  5.847   1.00 27.80 ? 68  PHE A CG  1 
ATOM   539  C CD1 . PHE A 1 68  ? 13.186  12.000  4.671   1.00 27.64 ? 68  PHE A CD1 1 
ATOM   540  C CD2 . PHE A 1 68  ? 12.901  11.032  6.840   1.00 28.48 ? 68  PHE A CD2 1 
ATOM   541  C CE1 . PHE A 1 68  ? 11.801  11.999  4.482   1.00 28.14 ? 68  PHE A CE1 1 
ATOM   542  C CE2 . PHE A 1 68  ? 11.516  11.026  6.664   1.00 27.23 ? 68  PHE A CE2 1 
ATOM   543  C CZ  . PHE A 1 68  ? 10.967  11.513  5.481   1.00 27.93 ? 68  PHE A CZ  1 
ATOM   544  N N   . ASN A 1 69  ? 14.819  13.542  8.862   1.00 28.96 ? 69  ASN A N   1 
ATOM   545  C CA  . ASN A 1 69  ? 14.353  13.500  10.247  1.00 29.43 ? 69  ASN A CA  1 
ATOM   546  C C   . ASN A 1 69  ? 13.098  14.354  10.342  1.00 29.62 ? 69  ASN A C   1 
ATOM   547  O O   . ASN A 1 69  ? 13.181  15.569  10.533  1.00 29.47 ? 69  ASN A O   1 
ATOM   548  C CB  . ASN A 1 69  ? 15.437  13.994  11.222  1.00 29.62 ? 69  ASN A CB  1 
ATOM   549  C CG  . ASN A 1 69  ? 15.016  13.892  12.695  1.00 30.71 ? 69  ASN A CG  1 
ATOM   550  O OD1 . ASN A 1 69  ? 15.611  14.534  13.564  1.00 31.24 ? 69  ASN A OD1 1 
ATOM   551  N ND2 . ASN A 1 69  ? 13.999  13.085  12.977  1.00 30.96 ? 69  ASN A ND2 1 
ATOM   552  N N   . VAL A 1 70  ? 11.942  13.705  10.200  1.00 29.60 ? 70  VAL A N   1 
ATOM   553  C CA  . VAL A 1 70  ? 10.648  14.388  10.127  1.00 29.79 ? 70  VAL A CA  1 
ATOM   554  C C   . VAL A 1 70  ? 9.818   14.074  11.382  1.00 30.19 ? 70  VAL A C   1 
ATOM   555  O O   . VAL A 1 70  ? 9.785   12.926  11.837  1.00 29.77 ? 70  VAL A O   1 
ATOM   556  C CB  . VAL A 1 70  ? 9.881   14.001  8.820   1.00 29.95 ? 70  VAL A CB  1 
ATOM   557  C CG1 . VAL A 1 70  ? 8.481   14.616  8.774   1.00 29.48 ? 70  VAL A CG1 1 
ATOM   558  C CG2 . VAL A 1 70  ? 10.684  14.422  7.577   1.00 29.94 ? 70  VAL A CG2 1 
ATOM   559  N N   . GLU A 1 71  ? 9.178   15.099  11.949  1.00 30.60 ? 71  GLU A N   1 
ATOM   560  C CA  . GLU A 1 71  ? 8.351   14.936  13.151  1.00 31.34 ? 71  GLU A CA  1 
ATOM   561  C C   . GLU A 1 71  ? 7.181   13.977  12.898  1.00 30.52 ? 71  GLU A C   1 
ATOM   562  O O   . GLU A 1 71  ? 6.423   14.149  11.940  1.00 30.66 ? 71  GLU A O   1 
ATOM   563  C CB  . GLU A 1 71  ? 7.832   16.291  13.656  1.00 31.42 ? 71  GLU A CB  1 
ATOM   564  C CG  . GLU A 1 71  ? 6.906   16.187  14.883  1.00 32.99 ? 71  GLU A CG  1 
ATOM   565  C CD  . GLU A 1 71  ? 6.289   17.518  15.317  1.00 33.56 ? 71  GLU A CD  1 
ATOM   566  O OE1 . GLU A 1 71  ? 5.510   17.507  16.300  1.00 36.43 ? 71  GLU A OE1 1 
ATOM   567  O OE2 . GLU A 1 71  ? 6.576   18.571  14.694  1.00 36.18 ? 71  GLU A OE2 1 
ATOM   568  N N   . GLY A 1 72  ? 7.058   12.969  13.760  1.00 30.12 ? 72  GLY A N   1 
ATOM   569  C CA  . GLY A 1 72  ? 5.979   11.980  13.664  1.00 29.25 ? 72  GLY A CA  1 
ATOM   570  C C   . GLY A 1 72  ? 6.258   10.869  12.665  1.00 28.82 ? 72  GLY A C   1 
ATOM   571  O O   . GLY A 1 72  ? 5.356   10.098  12.307  1.00 28.89 ? 72  GLY A O   1 
ATOM   572  N N   . VAL A 1 73  ? 7.508   10.792  12.212  1.00 27.81 ? 73  VAL A N   1 
ATOM   573  C CA  . VAL A 1 73  ? 7.943   9.772   11.262  1.00 27.24 ? 73  VAL A CA  1 
ATOM   574  C C   . VAL A 1 73  ? 9.217   9.118   11.777  1.00 27.02 ? 73  VAL A C   1 
ATOM   575  O O   . VAL A 1 73  ? 10.138  9.803   12.235  1.00 26.57 ? 73  VAL A O   1 
ATOM   576  C CB  . VAL A 1 73  ? 8.206   10.376  9.849   1.00 26.92 ? 73  VAL A CB  1 
ATOM   577  C CG1 . VAL A 1 73  ? 8.823   9.342   8.920   1.00 27.21 ? 73  VAL A CG1 1 
ATOM   578  C CG2 . VAL A 1 73  ? 6.933   10.940  9.249   1.00 27.36 ? 73  VAL A CG2 1 
ATOM   579  N N   . ASP A 1 74  ? 9.261   7.793   11.715  1.00 26.66 ? 74  ASP A N   1 
ATOM   580  C CA  . ASP A 1 74  ? 10.483  7.056   11.988  1.00 26.82 ? 74  ASP A CA  1 
ATOM   581  C C   . ASP A 1 74  ? 11.165  6.720   10.669  1.00 26.76 ? 74  ASP A C   1 
ATOM   582  O O   . ASP A 1 74  ? 10.506  6.322   9.707   1.00 26.66 ? 74  ASP A O   1 
ATOM   583  C CB  . ASP A 1 74  ? 10.182  5.778   12.768  1.00 27.04 ? 74  ASP A CB  1 
ATOM   584  C CG  . ASP A 1 74  ? 9.531   6.050   14.113  1.00 27.95 ? 74  ASP A CG  1 
ATOM   585  O OD1 . ASP A 1 74  ? 9.001   5.085   14.704  1.00 28.40 ? 74  ASP A OD1 1 
ATOM   586  O OD2 . ASP A 1 74  ? 9.545   7.218   14.575  1.00 27.69 ? 74  ASP A OD2 1 
ATOM   587  N N   . VAL A 1 75  ? 12.482  6.892   10.623  1.00 26.70 ? 75  VAL A N   1 
ATOM   588  C CA  . VAL A 1 75  ? 13.242  6.645   9.400   1.00 26.59 ? 75  VAL A CA  1 
ATOM   589  C C   . VAL A 1 75  ? 13.985  5.326   9.481   1.00 26.62 ? 75  VAL A C   1 
ATOM   590  O O   . VAL A 1 75  ? 14.527  4.960   10.530  1.00 26.70 ? 75  VAL A O   1 
ATOM   591  C CB  . VAL A 1 75  ? 14.275  7.766   9.105   1.00 26.69 ? 75  VAL A CB  1 
ATOM   592  C CG1 . VAL A 1 75  ? 14.769  7.672   7.670   1.00 26.39 ? 75  VAL A CG1 1 
ATOM   593  C CG2 . VAL A 1 75  ? 13.672  9.118   9.333   1.00 27.19 ? 75  VAL A CG2 1 
ATOM   594  N N   . ILE A 1 76  ? 14.000  4.613   8.360   1.00 26.43 ? 76  ILE A N   1 
ATOM   595  C CA  . ILE A 1 76  ? 14.859  3.451   8.183   1.00 26.49 ? 76  ILE A CA  1 
ATOM   596  C C   . ILE A 1 76  ? 15.647  3.643   6.884   1.00 26.61 ? 76  ILE A C   1 
ATOM   597  O O   . ILE A 1 76  ? 15.204  4.371   5.990   1.00 26.46 ? 76  ILE A O   1 
ATOM   598  C CB  . ILE A 1 76  ? 14.062  2.112   8.192   1.00 26.56 ? 76  ILE A CB  1 
ATOM   599  C CG1 . ILE A 1 76  ? 13.004  2.089   7.081   1.00 26.66 ? 76  ILE A CG1 1 
ATOM   600  C CG2 . ILE A 1 76  ? 13.427  1.876   9.571   1.00 26.58 ? 76  ILE A CG2 1 
ATOM   601  C CD1 . ILE A 1 76  ? 12.396  0.715   6.821   1.00 26.15 ? 76  ILE A CD1 1 
ATOM   602  N N   . HIS A 1 77  ? 16.818  3.016   6.795   1.00 27.15 ? 77  HIS A N   1 
ATOM   603  C CA  . HIS A 1 77  ? 17.704  3.195   5.641   1.00 27.39 ? 77  HIS A CA  1 
ATOM   604  C C   . HIS A 1 77  ? 18.007  1.889   4.892   1.00 27.91 ? 77  HIS A C   1 
ATOM   605  O O   . HIS A 1 77  ? 18.766  1.885   3.913   1.00 27.53 ? 77  HIS A O   1 
ATOM   606  C CB  . HIS A 1 77  ? 19.006  3.899   6.062   1.00 27.72 ? 77  HIS A CB  1 
ATOM   607  C CG  . HIS A 1 77  ? 18.787  5.218   6.736   1.00 27.36 ? 77  HIS A CG  1 
ATOM   608  N ND1 . HIS A 1 77  ? 18.215  6.295   6.093   1.00 28.87 ? 77  HIS A ND1 1 
ATOM   609  C CD2 . HIS A 1 77  ? 19.063  5.633   7.996   1.00 27.88 ? 77  HIS A CD2 1 
ATOM   610  C CE1 . HIS A 1 77  ? 18.148  7.318   6.927   1.00 29.00 ? 77  HIS A CE1 1 
ATOM   611  N NE2 . HIS A 1 77  ? 18.651  6.940   8.090   1.00 27.85 ? 77  HIS A NE2 1 
ATOM   612  N N   . SER A 1 78  ? 17.393  0.797   5.346   1.00 28.32 ? 78  SER A N   1 
ATOM   613  C CA  . SER A 1 78  ? 17.592  -0.523  4.754   1.00 28.82 ? 78  SER A CA  1 
ATOM   614  C C   . SER A 1 78  ? 16.308  -1.351  4.777   1.00 28.76 ? 78  SER A C   1 
ATOM   615  O O   . SER A 1 78  ? 15.471  -1.185  5.668   1.00 28.20 ? 78  SER A O   1 
ATOM   616  C CB  . SER A 1 78  ? 18.694  -1.277  5.503   1.00 28.76 ? 78  SER A CB  1 
ATOM   617  O OG  . SER A 1 78  ? 18.968  -2.522  4.881   1.00 30.50 ? 78  SER A OG  1 
ATOM   618  N N   . ILE A 1 79  ? 16.173  -2.245  3.798   1.00 28.97 ? 79  ILE A N   1 
ATOM   619  C CA  . ILE A 1 79  ? 15.074  -3.216  3.770   1.00 29.48 ? 79  ILE A CA  1 
ATOM   620  C C   . ILE A 1 79  ? 15.105  -4.072  5.036   1.00 29.51 ? 79  ILE A C   1 
ATOM   621  O O   . ILE A 1 79  ? 14.070  -4.293  5.668   1.00 29.35 ? 79  ILE A O   1 
ATOM   622  C CB  . ILE A 1 79  ? 15.122  -4.122  2.499   1.00 29.48 ? 79  ILE A CB  1 
ATOM   623  C CG1 . ILE A 1 79  ? 14.672  -3.351  1.248   1.00 29.96 ? 79  ILE A CG1 1 
ATOM   624  C CG2 . ILE A 1 79  ? 14.281  -5.398  2.689   1.00 30.11 ? 79  ILE A CG2 1 
ATOM   625  C CD1 . ILE A 1 79  ? 13.193  -2.925  1.231   1.00 30.21 ? 79  ILE A CD1 1 
ATOM   626  N N   . GLU A 1 80  ? 16.303  -4.523  5.415   1.00 29.88 ? 80  GLU A N   1 
ATOM   627  C CA  . GLU A 1 80  ? 16.494  -5.361  6.604   1.00 30.36 ? 80  GLU A CA  1 
ATOM   628  C C   . GLU A 1 80  ? 15.926  -4.763  7.900   1.00 29.98 ? 80  GLU A C   1 
ATOM   629  O O   . GLU A 1 80  ? 15.561  -5.503  8.811   1.00 30.28 ? 80  GLU A O   1 
ATOM   630  C CB  . GLU A 1 80  ? 17.973  -5.741  6.770   1.00 30.90 ? 80  GLU A CB  1 
ATOM   631  C CG  . GLU A 1 80  ? 18.337  -7.105  6.179   1.00 33.48 ? 80  GLU A CG  1 
ATOM   632  C CD  . GLU A 1 80  ? 18.136  -7.185  4.669   1.00 36.48 ? 80  GLU A CD  1 
ATOM   633  O OE1 . GLU A 1 80  ? 19.009  -6.702  3.915   1.00 38.39 ? 80  GLU A OE1 1 
ATOM   634  O OE2 . GLU A 1 80  ? 17.107  -7.745  4.232   1.00 38.53 ? 80  GLU A OE2 1 
ATOM   635  N N   . ASP A 1 81  ? 15.847  -3.431  7.966   1.00 29.80 ? 81  ASP A N   1 
ATOM   636  C CA  . ASP A 1 81  ? 15.282  -2.724  9.120   1.00 29.65 ? 81  ASP A CA  1 
ATOM   637  C C   . ASP A 1 81  ? 13.797  -3.021  9.335   1.00 29.33 ? 81  ASP A C   1 
ATOM   638  O O   . ASP A 1 81  ? 13.311  -2.985  10.469  1.00 29.28 ? 81  ASP A O   1 
ATOM   639  C CB  . ASP A 1 81  ? 15.477  -1.210  8.984   1.00 29.78 ? 81  ASP A CB  1 
ATOM   640  C CG  . ASP A 1 81  ? 16.936  -0.792  9.062   1.00 31.00 ? 81  ASP A CG  1 
ATOM   641  O OD1 . ASP A 1 81  ? 17.701  -1.417  9.822   1.00 31.42 ? 81  ASP A OD1 1 
ATOM   642  O OD2 . ASP A 1 81  ? 17.311  0.173   8.363   1.00 32.68 ? 81  ASP A OD2 1 
ATOM   643  N N   . ILE A 1 82  ? 13.089  -3.306  8.242   1.00 29.02 ? 82  ILE A N   1 
ATOM   644  C CA  . ILE A 1 82  ? 11.645  -3.584  8.278   1.00 28.77 ? 82  ILE A CA  1 
ATOM   645  C C   . ILE A 1 82  ? 11.313  -4.743  9.219   1.00 29.15 ? 82  ILE A C   1 
ATOM   646  O O   . ILE A 1 82  ? 10.339  -4.682  9.977   1.00 28.94 ? 82  ILE A O   1 
ATOM   647  C CB  . ILE A 1 82  ? 11.086  -3.874  6.852   1.00 28.43 ? 82  ILE A CB  1 
ATOM   648  C CG1 . ILE A 1 82  ? 11.136  -2.604  5.993   1.00 28.10 ? 82  ILE A CG1 1 
ATOM   649  C CG2 . ILE A 1 82  ? 9.655   -4.455  6.910   1.00 28.12 ? 82  ILE A CG2 1 
ATOM   650  C CD1 . ILE A 1 82  ? 10.802  -2.807  4.530   1.00 28.07 ? 82  ILE A CD1 1 
ATOM   651  N N   . TYR A 1 83  ? 12.148  -5.777  9.179   1.00 29.77 ? 83  TYR A N   1 
ATOM   652  C CA  . TYR A 1 83  ? 11.916  -7.010  9.937   1.00 30.58 ? 83  TYR A CA  1 
ATOM   653  C C   . TYR A 1 83  ? 12.104  -6.853  11.449  1.00 30.90 ? 83  TYR A C   1 
ATOM   654  O O   . TYR A 1 83  ? 11.776  -7.758  12.220  1.00 31.13 ? 83  TYR A O   1 
ATOM   655  C CB  . TYR A 1 83  ? 12.803  -8.136  9.400   1.00 30.83 ? 83  TYR A CB  1 
ATOM   656  C CG  . TYR A 1 83  ? 12.731  -8.315  7.902   1.00 31.22 ? 83  TYR A CG  1 
ATOM   657  C CD1 . TYR A 1 83  ? 11.542  -8.713  7.284   1.00 31.86 ? 83  TYR A CD1 1 
ATOM   658  C CD2 . TYR A 1 83  ? 13.852  -8.098  7.100   1.00 31.21 ? 83  TYR A CD2 1 
ATOM   659  C CE1 . TYR A 1 83  ? 11.468  -8.879  5.907   1.00 32.09 ? 83  TYR A CE1 1 
ATOM   660  C CE2 . TYR A 1 83  ? 13.790  -8.263  5.716   1.00 31.81 ? 83  TYR A CE2 1 
ATOM   661  C CZ  . TYR A 1 83  ? 12.592  -8.656  5.127   1.00 32.27 ? 83  TYR A CZ  1 
ATOM   662  O OH  . TYR A 1 83  ? 12.515  -8.825  3.763   1.00 31.70 ? 83  TYR A OH  1 
ATOM   663  N N   . GLN A 1 84  ? 12.624  -5.700  11.863  1.00 31.11 ? 84  GLN A N   1 
ATOM   664  C CA  . GLN A 1 84  ? 12.842  -5.405  13.277  1.00 31.29 ? 84  GLN A CA  1 
ATOM   665  C C   . GLN A 1 84  ? 11.682  -4.619  13.881  1.00 30.67 ? 84  GLN A C   1 
ATOM   666  O O   . GLN A 1 84  ? 11.634  -4.410  15.094  1.00 30.65 ? 84  GLN A O   1 
ATOM   667  C CB  . GLN A 1 84  ? 14.162  -4.647  13.475  1.00 31.60 ? 84  GLN A CB  1 
ATOM   668  C CG  . GLN A 1 84  ? 15.394  -5.386  12.949  1.00 33.21 ? 84  GLN A CG  1 
ATOM   669  C CD  . GLN A 1 84  ? 15.539  -6.784  13.528  1.00 34.77 ? 84  GLN A CD  1 
ATOM   670  O OE1 . GLN A 1 84  ? 15.408  -6.988  14.737  1.00 36.26 ? 84  GLN A OE1 1 
ATOM   671  N NE2 . GLN A 1 84  ? 15.813  -7.756  12.666  1.00 35.43 ? 84  GLN A NE2 1 
ATOM   672  N N   . LEU A 1 85  ? 10.750  -4.192  13.031  1.00 29.78 ? 85  LEU A N   1 
ATOM   673  C CA  . LEU A 1 85  ? 9.579   -3.445  13.472  1.00 28.97 ? 85  LEU A CA  1 
ATOM   674  C C   . LEU A 1 85  ? 8.570   -4.391  14.122  1.00 28.57 ? 85  LEU A C   1 
ATOM   675  O O   . LEU A 1 85  ? 8.225   -5.422  13.539  1.00 28.80 ? 85  LEU A O   1 
ATOM   676  C CB  . LEU A 1 85  ? 8.932   -2.700  12.297  1.00 28.67 ? 85  LEU A CB  1 
ATOM   677  C CG  . LEU A 1 85  ? 9.798   -1.687  11.540  1.00 28.19 ? 85  LEU A CG  1 
ATOM   678  C CD1 . LEU A 1 85  ? 9.173   -1.359  10.197  1.00 27.35 ? 85  LEU A CD1 1 
ATOM   679  C CD2 . LEU A 1 85  ? 10.027  -0.422  12.357  1.00 27.70 ? 85  LEU A CD2 1 
ATOM   680  N N   . PRO A 1 86  ? 8.108   -4.054  15.339  1.00 28.25 ? 86  PRO A N   1 
ATOM   681  C CA  . PRO A 1 86  ? 7.138   -4.904  16.030  1.00 27.68 ? 86  PRO A CA  1 
ATOM   682  C C   . PRO A 1 86  ? 5.708   -4.750  15.511  1.00 26.76 ? 86  PRO A C   1 
ATOM   683  O O   . PRO A 1 86  ? 5.371   -3.732  14.904  1.00 27.05 ? 86  PRO A O   1 
ATOM   684  C CB  . PRO A 1 86  ? 7.224   -4.424  17.482  1.00 27.72 ? 86  PRO A CB  1 
ATOM   685  C CG  . PRO A 1 86  ? 7.663   -3.010  17.393  1.00 28.31 ? 86  PRO A CG  1 
ATOM   686  C CD  . PRO A 1 86  ? 8.498   -2.880  16.145  1.00 28.34 ? 86  PRO A CD  1 
ATOM   687  N N   . GLY A 1 87  ? 4.883   -5.761  15.765  1.00 25.63 ? 87  GLY A N   1 
ATOM   688  C CA  . GLY A 1 87  ? 3.450   -5.683  15.488  1.00 24.10 ? 87  GLY A CA  1 
ATOM   689  C C   . GLY A 1 87  ? 3.115   -5.951  14.034  1.00 22.95 ? 87  GLY A C   1 
ATOM   690  O O   . GLY A 1 87  ? 3.923   -6.522  13.292  1.00 22.89 ? 87  GLY A O   1 
ATOM   691  N N   . HIS A 1 88  ? 1.912   -5.546  13.640  1.00 21.69 ? 88  HIS A N   1 
ATOM   692  C CA  . HIS A 1 88  ? 1.455   -5.711  12.270  1.00 20.56 ? 88  HIS A CA  1 
ATOM   693  C C   . HIS A 1 88  ? 2.027   -4.583  11.418  1.00 19.57 ? 88  HIS A C   1 
ATOM   694  O O   . HIS A 1 88  ? 1.741   -3.405  11.647  1.00 19.64 ? 88  HIS A O   1 
ATOM   695  C CB  . HIS A 1 88  ? -0.068  -5.702  12.202  1.00 20.62 ? 88  HIS A CB  1 
ATOM   696  C CG  . HIS A 1 88  ? -0.614  -6.306  10.945  1.00 20.76 ? 88  HIS A CG  1 
ATOM   697  N ND1 . HIS A 1 88  ? -1.937  -6.667  10.806  1.00 20.89 ? 88  HIS A ND1 1 
ATOM   698  C CD2 . HIS A 1 88  ? -0.011  -6.630  9.775   1.00 20.66 ? 88  HIS A CD2 1 
ATOM   699  C CE1 . HIS A 1 88  ? -2.127  -7.176  9.601   1.00 21.58 ? 88  HIS A CE1 1 
ATOM   700  N NE2 . HIS A 1 88  ? -0.975  -7.161  8.955   1.00 19.57 ? 88  HIS A NE2 1 
ATOM   701  N N   . VAL A 1 89  ? 2.823   -4.964  10.429  1.00 18.92 ? 89  VAL A N   1 
ATOM   702  C CA  . VAL A 1 89  ? 3.504   -3.999  9.565   1.00 17.87 ? 89  VAL A CA  1 
ATOM   703  C C   . VAL A 1 89  ? 2.936   -4.116  8.155   1.00 17.20 ? 89  VAL A C   1 
ATOM   704  O O   . VAL A 1 89  ? 2.940   -5.200  7.579   1.00 16.92 ? 89  VAL A O   1 
ATOM   705  C CB  . VAL A 1 89  ? 5.020   -4.248  9.559   1.00 18.62 ? 89  VAL A CB  1 
ATOM   706  C CG1 . VAL A 1 89  ? 5.733   -3.350  8.541   1.00 18.45 ? 89  VAL A CG1 1 
ATOM   707  C CG2 . VAL A 1 89  ? 5.593   -4.043  10.967  1.00 18.40 ? 89  VAL A CG2 1 
ATOM   708  N N   . PHE A 1 90  ? 2.461   -2.993  7.619   1.00 16.15 ? 90  PHE A N   1 
ATOM   709  C CA  . PHE A 1 90  ? 1.930   -2.918  6.254   1.00 15.76 ? 90  PHE A CA  1 
ATOM   710  C C   . PHE A 1 90  ? 2.933   -2.212  5.342   1.00 15.53 ? 90  PHE A C   1 
ATOM   711  O O   . PHE A 1 90  ? 3.275   -1.042  5.578   1.00 15.71 ? 90  PHE A O   1 
ATOM   712  C CB  . PHE A 1 90  ? 0.608   -2.136  6.233   1.00 15.98 ? 90  PHE A CB  1 
ATOM   713  C CG  . PHE A 1 90  ? -0.517  -2.816  6.977   1.00 16.46 ? 90  PHE A CG  1 
ATOM   714  C CD1 . PHE A 1 90  ? -1.373  -3.700  6.319   1.00 15.31 ? 90  PHE A CD1 1 
ATOM   715  C CD2 . PHE A 1 90  ? -0.726  -2.559  8.334   1.00 17.02 ? 90  PHE A CD2 1 
ATOM   716  C CE1 . PHE A 1 90  ? -2.415  -4.340  7.004   1.00 16.50 ? 90  PHE A CE1 1 
ATOM   717  C CE2 . PHE A 1 90  ? -1.768  -3.187  9.025   1.00 17.27 ? 90  PHE A CE2 1 
ATOM   718  C CZ  . PHE A 1 90  ? -2.612  -4.076  8.362   1.00 16.58 ? 90  PHE A CZ  1 
ATOM   719  N N   . ILE A 1 91  ? 3.388   -2.917  4.309   1.00 14.71 ? 91  ILE A N   1 
ATOM   720  C CA  . ILE A 1 91  ? 4.154   -2.280  3.221   1.00 14.44 ? 91  ILE A CA  1 
ATOM   721  C C   . ILE A 1 91  ? 3.159   -1.466  2.382   1.00 14.28 ? 91  ILE A C   1 
ATOM   722  O O   . ILE A 1 91  ? 2.241   -2.033  1.785   1.00 14.16 ? 91  ILE A O   1 
ATOM   723  C CB  . ILE A 1 91  ? 4.876   -3.330  2.337   1.00 14.27 ? 91  ILE A CB  1 
ATOM   724  C CG1 . ILE A 1 91  ? 5.813   -4.233  3.164   1.00 14.06 ? 91  ILE A CG1 1 
ATOM   725  C CG2 . ILE A 1 91  ? 5.597   -2.647  1.163   1.00 14.92 ? 91  ILE A CG2 1 
ATOM   726  C CD1 . ILE A 1 91  ? 6.879   -3.503  4.029   1.00 14.81 ? 91  ILE A CD1 1 
ATOM   727  N N   . PHE A 1 92  ? 3.363   -0.146  2.342   1.00 14.40 ? 92  PHE A N   1 
ATOM   728  C CA  . PHE A 1 92  ? 2.350   0.829   1.902   1.00 14.10 ? 92  PHE A CA  1 
ATOM   729  C C   . PHE A 1 92  ? 2.611   1.398   0.505   1.00 14.14 ? 92  PHE A C   1 
ATOM   730  O O   . PHE A 1 92  ? 1.736   2.047   -0.076  1.00 13.83 ? 92  PHE A O   1 
ATOM   731  C CB  . PHE A 1 92  ? 2.280   1.974   2.927   1.00 14.15 ? 92  PHE A CB  1 
ATOM   732  C CG  . PHE A 1 92  ? 1.036   2.831   2.842   1.00 14.74 ? 92  PHE A CG  1 
ATOM   733  C CD1 . PHE A 1 92  ? 1.142   4.216   2.703   1.00 15.49 ? 92  PHE A CD1 1 
ATOM   734  C CD2 . PHE A 1 92  ? -0.236  2.274   2.964   1.00 14.44 ? 92  PHE A CD2 1 
ATOM   735  C CE1 . PHE A 1 92  ? -0.006  5.034   2.666   1.00 15.73 ? 92  PHE A CE1 1 
ATOM   736  C CE2 . PHE A 1 92  ? -1.383  3.073   2.917   1.00 14.25 ? 92  PHE A CE2 1 
ATOM   737  C CZ  . PHE A 1 92  ? -1.272  4.458   2.760   1.00 15.27 ? 92  PHE A CZ  1 
ATOM   738  N N   . GLY A 1 93  ? 3.806   1.143   -0.020  1.00 14.19 ? 93  GLY A N   1 
ATOM   739  C CA  . GLY A 1 93  ? 4.190   1.615   -1.361  1.00 14.69 ? 93  GLY A CA  1 
ATOM   740  C C   . GLY A 1 93  ? 5.497   2.391   -1.340  1.00 15.11 ? 93  GLY A C   1 
ATOM   741  O O   . GLY A 1 93  ? 6.118   2.520   -0.288  1.00 14.91 ? 93  GLY A O   1 
ATOM   742  N N   . GLY A 1 94  ? 5.934   2.907   -2.491  1.00 15.69 ? 94  GLY A N   1 
ATOM   743  C CA  . GLY A 1 94  ? 5.239   2.756   -3.766  1.00 15.50 ? 94  GLY A CA  1 
ATOM   744  C C   . GLY A 1 94  ? 5.818   1.606   -4.567  1.00 15.46 ? 94  GLY A C   1 
ATOM   745  O O   . GLY A 1 94  ? 6.134   0.545   -4.017  1.00 15.40 ? 94  GLY A O   1 
ATOM   746  N N   . GLN A 1 95  ? 5.957   1.807   -5.872  1.00 15.34 ? 95  GLN A N   1 
ATOM   747  C CA  . GLN A 1 95  ? 6.399   0.731   -6.761  1.00 15.59 ? 95  GLN A CA  1 
ATOM   748  C C   . GLN A 1 95  ? 7.677   0.042   -6.291  1.00 16.13 ? 95  GLN A C   1 
ATOM   749  O O   . GLN A 1 95  ? 7.731   -1.186  -6.236  1.00 15.80 ? 95  GLN A O   1 
ATOM   750  C CB  . GLN A 1 95  ? 6.572   1.255   -8.182  1.00 15.07 ? 95  GLN A CB  1 
ATOM   751  C CG  . GLN A 1 95  ? 7.215   0.266   -9.142  1.00 15.67 ? 95  GLN A CG  1 
ATOM   752  C CD  . GLN A 1 95  ? 7.496   0.934   -10.458 1.00 16.69 ? 95  GLN A CD  1 
ATOM   753  O OE1 . GLN A 1 95  ? 8.636   1.343   -10.737 1.00 21.86 ? 95  GLN A OE1 1 
ATOM   754  N NE2 . GLN A 1 95  ? 6.459   1.132   -11.240 1.00 11.74 ? 95  GLN A NE2 1 
ATOM   755  N N   . THR A 1 96  ? 8.699   0.826   -5.947  1.00 16.42 ? 96  THR A N   1 
ATOM   756  C CA  . THR A 1 96  ? 9.990   0.259   -5.550  1.00 17.58 ? 96  THR A CA  1 
ATOM   757  C C   . THR A 1 96  ? 9.848   -0.627  -4.310  1.00 17.44 ? 96  THR A C   1 
ATOM   758  O O   . THR A 1 96  ? 10.375  -1.741  -4.280  1.00 17.54 ? 96  THR A O   1 
ATOM   759  C CB  . THR A 1 96  ? 11.057  1.347   -5.308  1.00 17.87 ? 96  THR A CB  1 
ATOM   760  O OG1 . THR A 1 96  ? 10.679  2.135   -4.172  1.00 21.84 ? 96  THR A OG1 1 
ATOM   761  C CG2 . THR A 1 96  ? 11.187  2.237   -6.540  1.00 17.08 ? 96  THR A CG2 1 
ATOM   762  N N   . LEU A 1 97  ? 9.126   -0.145  -3.300  1.00 17.85 ? 97  LEU A N   1 
ATOM   763  C CA  . LEU A 1 97  ? 8.909   -0.947  -2.098  1.00 18.49 ? 97  LEU A CA  1 
ATOM   764  C C   . LEU A 1 97  ? 8.134   -2.238  -2.401  1.00 17.59 ? 97  LEU A C   1 
ATOM   765  O O   . LEU A 1 97  ? 8.514   -3.322  -1.932  1.00 17.45 ? 97  LEU A O   1 
ATOM   766  C CB  . LEU A 1 97  ? 8.233   -0.131  -0.987  1.00 18.98 ? 97  LEU A CB  1 
ATOM   767  C CG  . LEU A 1 97  ? 8.570   -0.605  0.437   1.00 20.75 ? 97  LEU A CG  1 
ATOM   768  C CD1 . LEU A 1 97  ? 10.062  -0.748  0.699   1.00 21.95 ? 97  LEU A CD1 1 
ATOM   769  C CD2 . LEU A 1 97  ? 7.926   0.296   1.468   1.00 20.44 ? 97  LEU A CD2 1 
ATOM   770  N N   . PHE A 1 98  ? 7.073   -2.136  -3.202  1.00 16.89 ? 98  PHE A N   1 
ATOM   771  C CA  . PHE A 1 98  ? 6.301   -3.327  -3.581  1.00 16.27 ? 98  PHE A CA  1 
ATOM   772  C C   . PHE A 1 98  ? 7.168   -4.368  -4.297  1.00 17.07 ? 98  PHE A C   1 
ATOM   773  O O   . PHE A 1 98  ? 7.058   -5.566  -4.019  1.00 17.01 ? 98  PHE A O   1 
ATOM   774  C CB  . PHE A 1 98  ? 5.065   -2.973  -4.420  1.00 15.65 ? 98  PHE A CB  1 
ATOM   775  C CG  . PHE A 1 98  ? 4.015   -2.182  -3.673  1.00 13.98 ? 98  PHE A CG  1 
ATOM   776  C CD1 . PHE A 1 98  ? 3.671   -2.502  -2.353  1.00 13.17 ? 98  PHE A CD1 1 
ATOM   777  C CD2 . PHE A 1 98  ? 3.345   -1.141  -4.303  1.00 12.39 ? 98  PHE A CD2 1 
ATOM   778  C CE1 . PHE A 1 98  ? 2.691   -1.766  -1.673  1.00 13.63 ? 98  PHE A CE1 1 
ATOM   779  C CE2 . PHE A 1 98  ? 2.362   -0.401  -3.639  1.00 12.82 ? 98  PHE A CE2 1 
ATOM   780  C CZ  . PHE A 1 98  ? 2.028   -0.725  -2.313  1.00 13.02 ? 98  PHE A CZ  1 
ATOM   781  N N   . GLU A 1 99  ? 8.033   -3.908  -5.201  1.00 17.45 ? 99  GLU A N   1 
ATOM   782  C CA  . GLU A 1 99  ? 8.930   -4.795  -5.939  1.00 18.26 ? 99  GLU A CA  1 
ATOM   783  C C   . GLU A 1 99  ? 9.928   -5.493  -5.016  1.00 18.60 ? 99  GLU A C   1 
ATOM   784  O O   . GLU A 1 99  ? 10.253  -6.665  -5.220  1.00 18.54 ? 99  GLU A O   1 
ATOM   785  C CB  . GLU A 1 99  ? 9.670   -4.031  -7.039  1.00 18.22 ? 99  GLU A CB  1 
ATOM   786  C CG  . GLU A 1 99  ? 8.795   -3.664  -8.230  1.00 18.37 ? 99  GLU A CG  1 
ATOM   787  C CD  . GLU A 1 99  ? 9.479   -2.713  -9.198  1.00 19.37 ? 99  GLU A CD  1 
ATOM   788  O OE1 . GLU A 1 99  ? 8.928   -2.488  -10.290 1.00 19.41 ? 99  GLU A OE1 1 
ATOM   789  O OE2 . GLU A 1 99  ? 10.560  -2.177  -8.859  1.00 22.68 ? 99  GLU A OE2 1 
ATOM   790  N N   . GLU A 1 100 ? 10.404  -4.767  -4.007  1.00 18.91 ? 100 GLU A N   1 
ATOM   791  C CA  . GLU A 1 100 ? 11.360  -5.311  -3.047  1.00 19.82 ? 100 GLU A CA  1 
ATOM   792  C C   . GLU A 1 100 ? 10.712  -6.308  -2.076  1.00 19.69 ? 100 GLU A C   1 
ATOM   793  O O   . GLU A 1 100 ? 11.369  -7.250  -1.622  1.00 20.26 ? 100 GLU A O   1 
ATOM   794  C CB  . GLU A 1 100 ? 12.051  -4.177  -2.276  1.00 19.91 ? 100 GLU A CB  1 
ATOM   795  C CG  . GLU A 1 100 ? 12.947  -3.286  -3.149  1.00 21.09 ? 100 GLU A CG  1 
ATOM   796  C CD  . GLU A 1 100 ? 13.555  -2.113  -2.388  1.00 21.39 ? 100 GLU A CD  1 
ATOM   797  O OE1 . GLU A 1 100 ? 12.845  -1.118  -2.128  1.00 23.91 ? 100 GLU A OE1 1 
ATOM   798  O OE2 . GLU A 1 100 ? 14.758  -2.187  -2.068  1.00 24.69 ? 100 GLU A OE2 1 
ATOM   799  N N   . MET A 1 101 ? 9.424   -6.118  -1.783  1.00 19.14 ? 101 MET A N   1 
ATOM   800  C CA  . MET A 1 101 ? 8.778   -6.829  -0.673  1.00 19.22 ? 101 MET A CA  1 
ATOM   801  C C   . MET A 1 101 ? 7.740   -7.894  -1.046  1.00 19.03 ? 101 MET A C   1 
ATOM   802  O O   . MET A 1 101 ? 7.324   -8.672  -0.176  1.00 18.96 ? 101 MET A O   1 
ATOM   803  C CB  . MET A 1 101 ? 8.148   -5.829  0.304   1.00 19.46 ? 101 MET A CB  1 
ATOM   804  C CG  . MET A 1 101 ? 9.145   -4.872  0.953   1.00 21.30 ? 101 MET A CG  1 
ATOM   805  S SD  . MET A 1 101 ? 10.501  -5.711  1.816   1.00 25.36 ? 101 MET A SD  1 
ATOM   806  C CE  . MET A 1 101 ? 9.616   -6.518  3.144   1.00 24.87 ? 101 MET A CE  1 
ATOM   807  N N   . ILE A 1 102 ? 7.311   -7.930  -2.307  1.00 18.82 ? 102 ILE A N   1 
ATOM   808  C CA  . ILE A 1 102 ? 6.250   -8.869  -2.702  1.00 19.17 ? 102 ILE A CA  1 
ATOM   809  C C   . ILE A 1 102 ? 6.621   -10.334 -2.412  1.00 19.72 ? 102 ILE A C   1 
ATOM   810  O O   . ILE A 1 102 ? 5.784   -11.106 -1.945  1.00 19.66 ? 102 ILE A O   1 
ATOM   811  C CB  . ILE A 1 102 ? 5.756   -8.663  -4.166  1.00 19.06 ? 102 ILE A CB  1 
ATOM   812  C CG1 . ILE A 1 102 ? 4.500   -9.520  -4.437  1.00 19.21 ? 102 ILE A CG1 1 
ATOM   813  C CG2 . ILE A 1 102 ? 6.896   -8.885  -5.183  1.00 18.52 ? 102 ILE A CG2 1 
ATOM   814  C CD1 . ILE A 1 102 ? 3.669   -9.057  -5.612  1.00 19.01 ? 102 ILE A CD1 1 
ATOM   815  N N   . ASP A 1 103 ? 7.877   -10.701 -2.660  1.00 20.31 ? 103 ASP A N   1 
ATOM   816  C CA  . ASP A 1 103 ? 8.348   -12.059 -2.358  1.00 21.57 ? 103 ASP A CA  1 
ATOM   817  C C   . ASP A 1 103 ? 8.581   -12.350 -0.863  1.00 21.50 ? 103 ASP A C   1 
ATOM   818  O O   . ASP A 1 103 ? 8.913   -13.486 -0.505  1.00 21.92 ? 103 ASP A O   1 
ATOM   819  C CB  . ASP A 1 103 ? 9.622   -12.366 -3.152  1.00 21.85 ? 103 ASP A CB  1 
ATOM   820  C CG  . ASP A 1 103 ? 9.379   -12.440 -4.646  1.00 24.06 ? 103 ASP A CG  1 
ATOM   821  O OD1 . ASP A 1 103 ? 10.332  -12.175 -5.407  1.00 27.71 ? 103 ASP A OD1 1 
ATOM   822  O OD2 . ASP A 1 103 ? 8.244   -12.765 -5.065  1.00 26.45 ? 103 ASP A OD2 1 
ATOM   823  N N   . LYS A 1 104 ? 8.400   -11.348 0.001   1.00 21.33 ? 104 LYS A N   1 
ATOM   824  C CA  . LYS A 1 104 ? 8.717   -11.480 1.433   1.00 21.40 ? 104 LYS A CA  1 
ATOM   825  C C   . LYS A 1 104 ? 7.500   -11.440 2.362   1.00 20.67 ? 104 LYS A C   1 
ATOM   826  O O   . LYS A 1 104 ? 7.549   -11.968 3.475   1.00 20.52 ? 104 LYS A O   1 
ATOM   827  C CB  . LYS A 1 104 ? 9.715   -10.398 1.885   1.00 22.14 ? 104 LYS A CB  1 
ATOM   828  C CG  . LYS A 1 104 ? 10.850  -10.101 0.911   1.00 23.78 ? 104 LYS A CG  1 
ATOM   829  C CD  . LYS A 1 104 ? 11.798  -11.274 0.751   1.00 26.79 ? 104 LYS A CD  1 
ATOM   830  C CE  . LYS A 1 104 ? 12.859  -10.961 -0.292  1.00 29.17 ? 104 LYS A CE  1 
ATOM   831  N NZ  . LYS A 1 104 ? 13.786  -12.106 -0.504  1.00 31.57 ? 104 LYS A NZ  1 
ATOM   832  N N   . VAL A 1 105 ? 6.420   -10.801 1.922   1.00 19.61 ? 105 VAL A N   1 
ATOM   833  C CA  . VAL A 1 105 ? 5.267   -10.587 2.797   1.00 19.02 ? 105 VAL A CA  1 
ATOM   834  C C   . VAL A 1 105 ? 4.452   -11.871 3.000   1.00 18.87 ? 105 VAL A C   1 
ATOM   835  O O   . VAL A 1 105 ? 4.476   -12.775 2.160   1.00 18.47 ? 105 VAL A O   1 
ATOM   836  C CB  . VAL A 1 105 ? 4.350   -9.430  2.307   1.00 18.87 ? 105 VAL A CB  1 
ATOM   837  C CG1 . VAL A 1 105 ? 5.106   -8.092  2.326   1.00 17.54 ? 105 VAL A CG1 1 
ATOM   838  C CG2 . VAL A 1 105 ? 3.778   -9.728  0.921   1.00 17.86 ? 105 VAL A CG2 1 
ATOM   839  N N   . ASP A 1 106 ? 3.751   -11.929 4.128   1.00 19.07 ? 106 ASP A N   1 
ATOM   840  C CA  . ASP A 1 106 ? 2.883   -13.056 4.484   1.00 19.30 ? 106 ASP A CA  1 
ATOM   841  C C   . ASP A 1 106 ? 1.599   -13.006 3.661   1.00 19.06 ? 106 ASP A C   1 
ATOM   842  O O   . ASP A 1 106 ? 1.022   -14.038 3.275   1.00 18.38 ? 106 ASP A O   1 
ATOM   843  C CB  . ASP A 1 106 ? 2.497   -12.949 5.970   1.00 19.92 ? 106 ASP A CB  1 
ATOM   844  C CG  . ASP A 1 106 ? 3.702   -13.027 6.909   1.00 21.81 ? 106 ASP A CG  1 
ATOM   845  O OD1 . ASP A 1 106 ? 4.548   -13.922 6.716   1.00 25.15 ? 106 ASP A OD1 1 
ATOM   846  O OD2 . ASP A 1 106 ? 3.784   -12.216 7.865   1.00 22.94 ? 106 ASP A OD2 1 
ATOM   847  N N   . ASP A 1 107 ? 1.203   -11.771 3.372   1.00 17.97 ? 107 ASP A N   1 
ATOM   848  C CA  . ASP A 1 107 ? -0.173  -11.391 3.181   1.00 17.89 ? 107 ASP A CA  1 
ATOM   849  C C   . ASP A 1 107 ? -0.241  -10.201 2.248   1.00 16.24 ? 107 ASP A C   1 
ATOM   850  O O   . ASP A 1 107 ? 0.647   -9.360  2.286   1.00 15.73 ? 107 ASP A O   1 
ATOM   851  C CB  . ASP A 1 107 ? -0.647  -10.869 4.541   1.00 19.25 ? 107 ASP A CB  1 
ATOM   852  C CG  . ASP A 1 107 ? -1.961  -11.382 4.894   1.00 21.27 ? 107 ASP A CG  1 
ATOM   853  O OD1 . ASP A 1 107 ? -2.454  -12.254 4.149   1.00 29.12 ? 107 ASP A OD1 1 
ATOM   854  O OD2 . ASP A 1 107 ? -2.509  -10.930 5.903   1.00 21.57 ? 107 ASP A OD2 1 
ATOM   855  N N   . MET A 1 108 ? -1.305  -10.098 1.450   1.00 14.18 ? 108 MET A N   1 
ATOM   856  C CA  . MET A 1 108 ? -1.575  -8.870  0.681   1.00 13.40 ? 108 MET A CA  1 
ATOM   857  C C   . MET A 1 108 ? -3.037  -8.429  0.792   1.00 12.85 ? 108 MET A C   1 
ATOM   858  O O   . MET A 1 108 ? -3.948  -9.243  0.598   1.00 13.25 ? 108 MET A O   1 
ATOM   859  C CB  . MET A 1 108 ? -1.215  -9.049  -0.803  1.00 13.07 ? 108 MET A CB  1 
ATOM   860  C CG  . MET A 1 108 ? 0.177   -9.596  -1.055  1.00 12.82 ? 108 MET A CG  1 
ATOM   861  S SD  . MET A 1 108 ? 0.800   -9.255  -2.716  1.00 14.47 ? 108 MET A SD  1 
ATOM   862  C CE  . MET A 1 108 ? -0.153  -10.411 -3.704  1.00 13.92 ? 108 MET A CE  1 
ATOM   863  N N   . TYR A 1 109 ? -3.250  -7.153  1.114   1.00 12.25 ? 109 TYR A N   1 
ATOM   864  C CA  . TYR A 1 109 ? -4.567  -6.528  1.061   1.00 12.37 ? 109 TYR A CA  1 
ATOM   865  C C   . TYR A 1 109 ? -4.606  -5.640  -0.177  1.00 12.41 ? 109 TYR A C   1 
ATOM   866  O O   . TYR A 1 109 ? -3.986  -4.571  -0.210  1.00 12.01 ? 109 TYR A O   1 
ATOM   867  C CB  . TYR A 1 109 ? -4.823  -5.698  2.315   1.00 13.30 ? 109 TYR A CB  1 
ATOM   868  C CG  . TYR A 1 109 ? -4.930  -6.524  3.576   1.00 13.86 ? 109 TYR A CG  1 
ATOM   869  C CD1 . TYR A 1 109 ? -3.801  -6.804  4.351   1.00 14.43 ? 109 TYR A CD1 1 
ATOM   870  C CD2 . TYR A 1 109 ? -6.156  -7.046  3.978   1.00 15.28 ? 109 TYR A CD2 1 
ATOM   871  C CE1 . TYR A 1 109 ? -3.901  -7.573  5.513   1.00 15.29 ? 109 TYR A CE1 1 
ATOM   872  C CE2 . TYR A 1 109 ? -6.266  -7.814  5.134   1.00 15.28 ? 109 TYR A CE2 1 
ATOM   873  C CZ  . TYR A 1 109 ? -5.140  -8.071  5.894   1.00 15.19 ? 109 TYR A CZ  1 
ATOM   874  O OH  . TYR A 1 109 ? -5.251  -8.836  7.046   1.00 16.41 ? 109 TYR A OH  1 
ATOM   875  N N   . ILE A 1 110 ? -5.310  -6.109  -1.199  1.00 12.10 ? 110 ILE A N   1 
ATOM   876  C CA  . ILE A 1 110 ? -5.317  -5.438  -2.492  1.00 12.41 ? 110 ILE A CA  1 
ATOM   877  C C   . ILE A 1 110 ? -6.720  -4.914  -2.791  1.00 12.37 ? 110 ILE A C   1 
ATOM   878  O O   . ILE A 1 110 ? -7.693  -5.667  -2.696  1.00 13.22 ? 110 ILE A O   1 
ATOM   879  C CB  . ILE A 1 110 ? -4.883  -6.405  -3.612  1.00 12.35 ? 110 ILE A CB  1 
ATOM   880  C CG1 . ILE A 1 110 ? -3.470  -6.941  -3.337  1.00 13.38 ? 110 ILE A CG1 1 
ATOM   881  C CG2 . ILE A 1 110 ? -4.959  -5.707  -4.994  1.00 13.68 ? 110 ILE A CG2 1 
ATOM   882  C CD1 . ILE A 1 110 ? -2.949  -7.876  -4.389  1.00 16.88 ? 110 ILE A CD1 1 
ATOM   883  N N   . THR A 1 111 ? -6.823  -3.630  -3.123  1.00 11.71 ? 111 THR A N   1 
ATOM   884  C CA  . THR A 1 111 ? -8.054  -3.106  -3.698  1.00 11.57 ? 111 THR A CA  1 
ATOM   885  C C   . THR A 1 111 ? -7.863  -3.107  -5.211  1.00 11.92 ? 111 THR A C   1 
ATOM   886  O O   . THR A 1 111 ? -6.997  -2.399  -5.730  1.00 12.02 ? 111 THR A O   1 
ATOM   887  C CB  . THR A 1 111 ? -8.386  -1.682  -3.215  1.00 12.12 ? 111 THR A CB  1 
ATOM   888  O OG1 . THR A 1 111 ? -8.404  -1.641  -1.778  1.00 12.37 ? 111 THR A OG1 1 
ATOM   889  C CG2 . THR A 1 111 ? -9.750  -1.238  -3.765  1.00 12.13 ? 111 THR A CG2 1 
ATOM   890  N N   . VAL A 1 112 ? -8.639  -3.932  -5.901  1.00 11.77 ? 112 VAL A N   1 
ATOM   891  C CA  . VAL A 1 112 ? -8.612  -3.931  -7.368  1.00 11.91 ? 112 VAL A CA  1 
ATOM   892  C C   . VAL A 1 112 ? -9.579  -2.870  -7.868  1.00 12.52 ? 112 VAL A C   1 
ATOM   893  O O   . VAL A 1 112 ? -10.790 -2.965  -7.648  1.00 12.54 ? 112 VAL A O   1 
ATOM   894  C CB  . VAL A 1 112 ? -8.957  -5.310  -7.969  1.00 12.21 ? 112 VAL A CB  1 
ATOM   895  C CG1 . VAL A 1 112 ? -8.833  -5.261  -9.485  1.00 13.13 ? 112 VAL A CG1 1 
ATOM   896  C CG2 . VAL A 1 112 ? -8.031  -6.373  -7.395  1.00 12.77 ? 112 VAL A CG2 1 
ATOM   897  N N   . ILE A 1 113 ? -9.016  -1.849  -8.513  1.00 13.28 ? 113 ILE A N   1 
ATOM   898  C CA  . ILE A 1 113 ? -9.780  -0.761  -9.115  1.00 13.86 ? 113 ILE A CA  1 
ATOM   899  C C   . ILE A 1 113 ? -10.156 -1.242  -10.519 1.00 14.01 ? 113 ILE A C   1 
ATOM   900  O O   . ILE A 1 113 ? -9.283  -1.442  -11.372 1.00 13.78 ? 113 ILE A O   1 
ATOM   901  C CB  . ILE A 1 113 ? -8.954  0.562   -9.191  1.00 14.33 ? 113 ILE A CB  1 
ATOM   902  C CG1 . ILE A 1 113 ? -8.297  0.921   -7.837  1.00 15.46 ? 113 ILE A CG1 1 
ATOM   903  C CG2 . ILE A 1 113 ? -9.807  1.703   -9.760  1.00 13.79 ? 113 ILE A CG2 1 
ATOM   904  C CD1 . ILE A 1 113 ? -9.228  1.399   -6.741  1.00 16.84 ? 113 ILE A CD1 1 
ATOM   905  N N   . GLU A 1 114 ? -11.450 -1.443  -10.747 1.00 14.40 ? 114 GLU A N   1 
ATOM   906  C CA  . GLU A 1 114 ? -11.926 -2.137  -11.948 1.00 14.82 ? 114 GLU A CA  1 
ATOM   907  C C   . GLU A 1 114 ? -12.036 -1.173  -13.133 1.00 14.59 ? 114 GLU A C   1 
ATOM   908  O O   . GLU A 1 114 ? -13.091 -1.020  -13.754 1.00 14.69 ? 114 GLU A O   1 
ATOM   909  C CB  . GLU A 1 114 ? -13.240 -2.890  -11.671 1.00 15.70 ? 114 GLU A CB  1 
ATOM   910  C CG  . GLU A 1 114 ? -13.246 -3.690  -10.353 1.00 19.82 ? 114 GLU A CG  1 
ATOM   911  C CD  . GLU A 1 114 ? -12.660 -5.102  -10.456 1.00 24.62 ? 114 GLU A CD  1 
ATOM   912  O OE1 . GLU A 1 114 ? -12.211 -5.512  -11.552 1.00 25.89 ? 114 GLU A OE1 1 
ATOM   913  O OE2 . GLU A 1 114 ? -12.648 -5.809  -9.416  1.00 25.28 ? 114 GLU A OE2 1 
ATOM   914  N N   . GLY A 1 115 ? -10.918 -0.515  -13.424 1.00 14.00 ? 115 GLY A N   1 
ATOM   915  C CA  . GLY A 1 115 ? -10.821 0.388   -14.567 1.00 14.10 ? 115 GLY A CA  1 
ATOM   916  C C   . GLY A 1 115 ? -9.419  0.402   -15.140 1.00 13.99 ? 115 GLY A C   1 
ATOM   917  O O   . GLY A 1 115 ? -8.520  -0.252  -14.606 1.00 13.16 ? 115 GLY A O   1 
ATOM   918  N N   . LYS A 1 116 ? -9.232  1.150   -16.225 1.00 14.22 ? 116 LYS A N   1 
ATOM   919  C CA  . LYS A 1 116 ? -7.916  1.269   -16.863 1.00 15.08 ? 116 LYS A CA  1 
ATOM   920  C C   . LYS A 1 116 ? -7.503  2.740   -16.897 1.00 14.62 ? 116 LYS A C   1 
ATOM   921  O O   . LYS A 1 116 ? -8.088  3.544   -17.627 1.00 14.55 ? 116 LYS A O   1 
ATOM   922  C CB  . LYS A 1 116 ? -7.921  0.663   -18.279 1.00 15.58 ? 116 LYS A CB  1 
ATOM   923  C CG  . LYS A 1 116 ? -8.091  -0.869  -18.305 1.00 16.49 ? 116 LYS A CG  1 
ATOM   924  C CD  . LYS A 1 116 ? -8.156  -1.423  -19.733 1.00 17.51 ? 116 LYS A CD  1 
ATOM   925  C CE  . LYS A 1 116 ? -8.162  -2.960  -19.722 1.00 21.44 ? 116 LYS A CE  1 
ATOM   926  N NZ  . LYS A 1 116 ? -8.068  -3.556  -21.106 1.00 26.13 ? 116 LYS A NZ  1 
ATOM   927  N N   . PHE A 1 117 ? -6.502  3.077   -16.084 1.00 14.44 ? 117 PHE A N   1 
ATOM   928  C CA  . PHE A 1 117 ? -6.040  4.458   -15.910 1.00 14.66 ? 117 PHE A CA  1 
ATOM   929  C C   . PHE A 1 117 ? -4.686  4.658   -16.567 1.00 14.52 ? 117 PHE A C   1 
ATOM   930  O O   . PHE A 1 117 ? -3.951  3.696   -16.780 1.00 15.44 ? 117 PHE A O   1 
ATOM   931  C CB  . PHE A 1 117 ? -5.934  4.795   -14.414 1.00 14.09 ? 117 PHE A CB  1 
ATOM   932  C CG  . PHE A 1 117 ? -7.266  4.894   -13.727 1.00 14.53 ? 117 PHE A CG  1 
ATOM   933  C CD1 . PHE A 1 117 ? -7.819  6.140   -13.422 1.00 15.09 ? 117 PHE A CD1 1 
ATOM   934  C CD2 . PHE A 1 117 ? -7.984  3.744   -13.403 1.00 14.51 ? 117 PHE A CD2 1 
ATOM   935  C CE1 . PHE A 1 117 ? -9.061  6.235   -12.794 1.00 14.24 ? 117 PHE A CE1 1 
ATOM   936  C CE2 . PHE A 1 117 ? -9.226  3.833   -12.782 1.00 13.90 ? 117 PHE A CE2 1 
ATOM   937  C CZ  . PHE A 1 117 ? -9.764  5.082   -12.478 1.00 14.21 ? 117 PHE A CZ  1 
ATOM   938  N N   . ARG A 1 118 ? -4.355  5.908   -16.888 1.00 14.69 ? 118 ARG A N   1 
ATOM   939  C CA  . ARG A 1 118 ? -2.997  6.225   -17.299 1.00 15.12 ? 118 ARG A CA  1 
ATOM   940  C C   . ARG A 1 118 ? -2.112  6.184   -16.061 1.00 13.95 ? 118 ARG A C   1 
ATOM   941  O O   . ARG A 1 118 ? -2.419  6.841   -15.068 1.00 14.77 ? 118 ARG A O   1 
ATOM   942  C CB  . ARG A 1 118 ? -2.916  7.613   -17.930 1.00 15.16 ? 118 ARG A CB  1 
ATOM   943  C CG  . ARG A 1 118 ? -1.471  8.045   -18.213 1.00 18.39 ? 118 ARG A CG  1 
ATOM   944  C CD  . ARG A 1 118 ? -1.381  9.359   -18.964 1.00 24.07 ? 118 ARG A CD  1 
ATOM   945  N NE  . ARG A 1 118 ? -1.963  9.237   -20.296 1.00 27.15 ? 118 ARG A NE  1 
ATOM   946  C CZ  . ARG A 1 118 ? -3.145  9.737   -20.640 1.00 29.42 ? 118 ARG A CZ  1 
ATOM   947  N NH1 . ARG A 1 118 ? -3.868  10.420  -19.761 1.00 30.07 ? 118 ARG A NH1 1 
ATOM   948  N NH2 . ARG A 1 118 ? -3.602  9.555   -21.866 1.00 30.94 ? 118 ARG A NH2 1 
ATOM   949  N N   . GLY A 1 119 ? -1.041  5.404   -16.122 1.00 13.70 ? 119 GLY A N   1 
ATOM   950  C CA  . GLY A 1 119 ? -0.094  5.315   -15.015 1.00 13.36 ? 119 GLY A CA  1 
ATOM   951  C C   . GLY A 1 119 ? 1.360   5.442   -15.414 1.00 13.30 ? 119 GLY A C   1 
ATOM   952  O O   . GLY A 1 119 ? 1.722   5.266   -16.582 1.00 13.88 ? 119 GLY A O   1 
ATOM   953  N N   . ASP A 1 120 ? 2.206   5.750   -14.439 1.00 12.59 ? 120 ASP A N   1 
ATOM   954  C CA  . ASP A 1 120 ? 3.646   5.682   -14.647 1.00 12.84 ? 120 ASP A CA  1 
ATOM   955  C C   . ASP A 1 120 ? 4.327   4.818   -13.590 1.00 12.57 ? 120 ASP A C   1 
ATOM   956  O O   . ASP A 1 120 ? 5.546   4.652   -13.608 1.00 12.69 ? 120 ASP A O   1 
ATOM   957  C CB  . ASP A 1 120 ? 4.275   7.085   -14.724 1.00 13.01 ? 120 ASP A CB  1 
ATOM   958  C CG  . ASP A 1 120 ? 4.044   7.920   -13.469 1.00 13.48 ? 120 ASP A CG  1 
ATOM   959  O OD1 . ASP A 1 120 ? 4.172   9.159   -13.586 1.00 14.14 ? 120 ASP A OD1 1 
ATOM   960  O OD2 . ASP A 1 120 ? 3.721   7.357   -12.385 1.00 11.18 ? 120 ASP A OD2 1 
ATOM   961  N N   . THR A 1 121 ? 3.534   4.275   -12.659 1.00 12.32 ? 121 THR A N   1 
ATOM   962  C CA  . THR A 1 121 ? 4.058   3.335   -11.667 1.00 12.49 ? 121 THR A CA  1 
ATOM   963  C C   . THR A 1 121 ? 3.082   2.181   -11.472 1.00 11.85 ? 121 THR A C   1 
ATOM   964  O O   . THR A 1 121 ? 1.867   2.368   -11.562 1.00 11.24 ? 121 THR A O   1 
ATOM   965  C CB  . THR A 1 121 ? 4.323   4.002   -10.311 1.00 13.10 ? 121 THR A CB  1 
ATOM   966  O OG1 . THR A 1 121 ? 3.220   4.838   -9.984  1.00 14.88 ? 121 THR A OG1 1 
ATOM   967  C CG2 . THR A 1 121 ? 5.602   4.846   -10.370 1.00 14.12 ? 121 THR A CG2 1 
ATOM   968  N N   . PHE A 1 122 ? 3.636   1.006   -11.197 1.00 12.22 ? 122 PHE A N   1 
ATOM   969  C CA  . PHE A 1 122 ? 2.887   -0.252  -11.271 1.00 12.05 ? 122 PHE A CA  1 
ATOM   970  C C   . PHE A 1 122 ? 3.174   -1.181  -10.102 1.00 12.12 ? 122 PHE A C   1 
ATOM   971  O O   . PHE A 1 122 ? 4.289   -1.232  -9.587  1.00 12.26 ? 122 PHE A O   1 
ATOM   972  C CB  . PHE A 1 122 ? 3.266   -1.000  -12.558 1.00 12.31 ? 122 PHE A CB  1 
ATOM   973  C CG  . PHE A 1 122 ? 2.656   -0.426  -13.807 1.00 12.08 ? 122 PHE A CG  1 
ATOM   974  C CD1 . PHE A 1 122 ? 1.564   -1.058  -14.413 1.00 12.44 ? 122 PHE A CD1 1 
ATOM   975  C CD2 . PHE A 1 122 ? 3.174   0.732   -14.389 1.00 13.48 ? 122 PHE A CD2 1 
ATOM   976  C CE1 . PHE A 1 122 ? 0.995   -0.544  -15.569 1.00 13.71 ? 122 PHE A CE1 1 
ATOM   977  C CE2 . PHE A 1 122 ? 2.606   1.258   -15.547 1.00 13.12 ? 122 PHE A CE2 1 
ATOM   978  C CZ  . PHE A 1 122 ? 1.513   0.624   -16.134 1.00 13.31 ? 122 PHE A CZ  1 
ATOM   979  N N   . PHE A 1 123 ? 2.158   -1.938  -9.707  1.00 12.17 ? 123 PHE A N   1 
ATOM   980  C CA  . PHE A 1 123 ? 2.363   -3.052  -8.799  1.00 12.39 ? 123 PHE A CA  1 
ATOM   981  C C   . PHE A 1 123 ? 2.979   -4.195  -9.615  1.00 12.87 ? 123 PHE A C   1 
ATOM   982  O O   . PHE A 1 123 ? 2.610   -4.375  -10.772 1.00 12.99 ? 123 PHE A O   1 
ATOM   983  C CB  . PHE A 1 123 ? 1.024   -3.488  -8.209  1.00 12.48 ? 123 PHE A CB  1 
ATOM   984  C CG  . PHE A 1 123 ? 1.156   -4.402  -7.027  1.00 11.85 ? 123 PHE A CG  1 
ATOM   985  C CD1 . PHE A 1 123 ? 1.601   -3.903  -5.803  1.00 12.13 ? 123 PHE A CD1 1 
ATOM   986  C CD2 . PHE A 1 123 ? 0.844   -5.755  -7.134  1.00 13.13 ? 123 PHE A CD2 1 
ATOM   987  C CE1 . PHE A 1 123 ? 1.735   -4.750  -4.693  1.00 13.96 ? 123 PHE A CE1 1 
ATOM   988  C CE2 . PHE A 1 123 ? 0.981   -6.612  -6.039  1.00 12.79 ? 123 PHE A CE2 1 
ATOM   989  C CZ  . PHE A 1 123 ? 1.419   -6.108  -4.817  1.00 12.19 ? 123 PHE A CZ  1 
ATOM   990  N N   . PRO A 1 124 ? 3.927   -4.950  -9.029  1.00 13.72 ? 124 PRO A N   1 
ATOM   991  C CA  . PRO A 1 124 ? 4.547   -6.058  -9.792  1.00 14.38 ? 124 PRO A CA  1 
ATOM   992  C C   . PRO A 1 124 ? 3.545   -7.165  -10.130 1.00 14.93 ? 124 PRO A C   1 
ATOM   993  O O   . PRO A 1 124 ? 2.587   -7.373  -9.376  1.00 14.20 ? 124 PRO A O   1 
ATOM   994  C CB  . PRO A 1 124 ? 5.643   -6.589  -8.858  1.00 15.03 ? 124 PRO A CB  1 
ATOM   995  C CG  . PRO A 1 124 ? 5.384   -6.021  -7.533  1.00 14.23 ? 124 PRO A CG  1 
ATOM   996  C CD  . PRO A 1 124 ? 4.496   -4.805  -7.679  1.00 14.24 ? 124 PRO A CD  1 
ATOM   997  N N   . PRO A 1 125 ? 3.754   -7.868  -11.261 1.00 15.90 ? 125 PRO A N   1 
ATOM   998  C CA  . PRO A 1 125 ? 2.881   -8.995  -11.614 1.00 16.53 ? 125 PRO A CA  1 
ATOM   999  C C   . PRO A 1 125 ? 2.894   -10.076 -10.528 1.00 17.16 ? 125 PRO A C   1 
ATOM   1000 O O   . PRO A 1 125 ? 3.906   -10.270 -9.849  1.00 17.47 ? 125 PRO A O   1 
ATOM   1001 C CB  . PRO A 1 125 ? 3.506   -9.547  -12.903 1.00 17.23 ? 125 PRO A CB  1 
ATOM   1002 C CG  . PRO A 1 125 ? 4.314   -8.393  -13.466 1.00 16.82 ? 125 PRO A CG  1 
ATOM   1003 C CD  . PRO A 1 125 ? 4.818   -7.649  -12.263 1.00 15.95 ? 125 PRO A CD  1 
ATOM   1004 N N   . TYR A 1 126 ? 1.754   -10.734 -10.349 1.00 17.75 ? 126 TYR A N   1 
ATOM   1005 C CA  . TYR A 1 126 ? 1.624   -11.845 -9.417  1.00 18.42 ? 126 TYR A CA  1 
ATOM   1006 C C   . TYR A 1 126 ? 0.591   -12.820 -9.974  1.00 19.70 ? 126 TYR A C   1 
ATOM   1007 O O   . TYR A 1 126 ? -0.246  -12.448 -10.804 1.00 19.76 ? 126 TYR A O   1 
ATOM   1008 C CB  . TYR A 1 126 ? 1.233   -11.354 -8.005  1.00 17.47 ? 126 TYR A CB  1 
ATOM   1009 C CG  . TYR A 1 126 ? -0.085  -10.599 -7.924  1.00 16.64 ? 126 TYR A CG  1 
ATOM   1010 C CD1 . TYR A 1 126 ? -1.277  -11.255 -7.580  1.00 16.12 ? 126 TYR A CD1 1 
ATOM   1011 C CD2 . TYR A 1 126 ? -0.146  -9.224  -8.184  1.00 16.15 ? 126 TYR A CD2 1 
ATOM   1012 C CE1 . TYR A 1 126 ? -2.485  -10.566 -7.516  1.00 15.30 ? 126 TYR A CE1 1 
ATOM   1013 C CE2 . TYR A 1 126 ? -1.343  -8.527  -8.110  1.00 15.38 ? 126 TYR A CE2 1 
ATOM   1014 C CZ  . TYR A 1 126 ? -2.513  -9.198  -7.776  1.00 15.21 ? 126 TYR A CZ  1 
ATOM   1015 O OH  . TYR A 1 126 ? -3.693  -8.500  -7.711  1.00 14.27 ? 126 TYR A OH  1 
ATOM   1016 N N   . THR A 1 127 ? 0.649   -14.056 -9.498  1.00 21.65 ? 127 THR A N   1 
ATOM   1017 C CA  . THR A 1 127 ? -0.229  -15.112 -9.985  1.00 23.59 ? 127 THR A CA  1 
ATOM   1018 C C   . THR A 1 127 ? -1.032  -15.724 -8.839  1.00 24.34 ? 127 THR A C   1 
ATOM   1019 O O   . THR A 1 127 ? -0.505  -15.923 -7.747  1.00 24.36 ? 127 THR A O   1 
ATOM   1020 C CB  . THR A 1 127 ? 0.578   -16.197 -10.749 1.00 23.73 ? 127 THR A CB  1 
ATOM   1021 O OG1 . THR A 1 127 ? -0.282  -17.290 -11.096 1.00 25.45 ? 127 THR A OG1 1 
ATOM   1022 C CG2 . THR A 1 127 ? 1.759   -16.717 -9.916  1.00 24.48 ? 127 THR A CG2 1 
ATOM   1023 N N   . PHE A 1 128 ? -2.308  -16.011 -9.092  1.00 26.04 ? 128 PHE A N   1 
ATOM   1024 C CA  . PHE A 1 128 ? -3.157  -16.664 -8.087  1.00 27.27 ? 128 PHE A CA  1 
ATOM   1025 C C   . PHE A 1 128 ? -2.730  -18.107 -7.798  1.00 28.00 ? 128 PHE A C   1 
ATOM   1026 O O   . PHE A 1 128 ? -3.248  -18.738 -6.877  1.00 28.40 ? 128 PHE A O   1 
ATOM   1027 C CB  . PHE A 1 128 ? -4.642  -16.569 -8.457  1.00 27.75 ? 128 PHE A CB  1 
ATOM   1028 C CG  . PHE A 1 128 ? -5.218  -15.184 -8.287  1.00 28.36 ? 128 PHE A CG  1 
ATOM   1029 C CD1 . PHE A 1 128 ? -5.545  -14.702 -7.022  1.00 28.65 ? 128 PHE A CD1 1 
ATOM   1030 C CD2 . PHE A 1 128 ? -5.408  -14.354 -9.386  1.00 29.39 ? 128 PHE A CD2 1 
ATOM   1031 C CE1 . PHE A 1 128 ? -6.065  -13.421 -6.854  1.00 29.21 ? 128 PHE A CE1 1 
ATOM   1032 C CE2 . PHE A 1 128 ? -5.931  -13.066 -9.230  1.00 29.34 ? 128 PHE A CE2 1 
ATOM   1033 C CZ  . PHE A 1 128 ? -6.259  -12.601 -7.961  1.00 29.40 ? 128 PHE A CZ  1 
ATOM   1034 N N   . GLU A 1 129 ? -1.776  -18.614 -8.573  1.00 28.29 ? 129 GLU A N   1 
ATOM   1035 C CA  . GLU A 1 129 ? -1.143  -19.899 -8.282  1.00 29.03 ? 129 GLU A CA  1 
ATOM   1036 C C   . GLU A 1 129 ? -0.383  -19.860 -6.958  1.00 28.27 ? 129 GLU A C   1 
ATOM   1037 O O   . GLU A 1 129 ? -0.229  -20.895 -6.294  1.00 28.54 ? 129 GLU A O   1 
ATOM   1038 C CB  . GLU A 1 129 ? -0.173  -20.293 -9.399  1.00 29.17 ? 129 GLU A CB  1 
ATOM   1039 C CG  . GLU A 1 129 ? -0.814  -20.591 -10.752 1.00 31.14 ? 129 GLU A CG  1 
ATOM   1040 C CD  . GLU A 1 129 ? 0.226   -20.824 -11.844 1.00 31.25 ? 129 GLU A CD  1 
ATOM   1041 O OE1 . GLU A 1 129 ? 1.054   -19.915 -12.091 1.00 35.68 ? 129 GLU A OE1 1 
ATOM   1042 O OE2 . GLU A 1 129 ? 0.219   -21.918 -12.454 1.00 34.50 ? 129 GLU A OE2 1 
ATOM   1043 N N   . ASP A 1 130 ? 0.092   -18.670 -6.585  1.00 27.08 ? 130 ASP A N   1 
ATOM   1044 C CA  . ASP A 1 130 ? 0.911   -18.477 -5.383  1.00 26.03 ? 130 ASP A CA  1 
ATOM   1045 C C   . ASP A 1 130 ? 0.106   -17.981 -4.181  1.00 24.80 ? 130 ASP A C   1 
ATOM   1046 O O   . ASP A 1 130 ? 0.601   -18.008 -3.055  1.00 24.51 ? 130 ASP A O   1 
ATOM   1047 C CB  . ASP A 1 130 ? 2.040   -17.472 -5.656  1.00 26.45 ? 130 ASP A CB  1 
ATOM   1048 C CG  . ASP A 1 130 ? 3.016   -17.938 -6.729  1.00 27.92 ? 130 ASP A CG  1 
ATOM   1049 O OD1 . ASP A 1 130 ? 3.795   -17.081 -7.213  1.00 28.58 ? 130 ASP A OD1 1 
ATOM   1050 O OD2 . ASP A 1 130 ? 3.015   -19.142 -7.088  1.00 29.01 ? 130 ASP A OD2 1 
ATOM   1051 N N   . TRP A 1 131 ? -1.121  -17.528 -4.434  1.00 23.64 ? 131 TRP A N   1 
ATOM   1052 C CA  . TRP A 1 131 ? -1.916  -16.800 -3.440  1.00 22.61 ? 131 TRP A CA  1 
ATOM   1053 C C   . TRP A 1 131 ? -3.336  -17.337 -3.325  1.00 22.39 ? 131 TRP A C   1 
ATOM   1054 O O   . TRP A 1 131 ? -4.058  -17.429 -4.326  1.00 22.84 ? 131 TRP A O   1 
ATOM   1055 C CB  . TRP A 1 131 ? -1.975  -15.310 -3.804  1.00 21.78 ? 131 TRP A CB  1 
ATOM   1056 C CG  . TRP A 1 131 ? -0.634  -14.663 -3.882  1.00 20.73 ? 131 TRP A CG  1 
ATOM   1057 C CD1 . TRP A 1 131 ? 0.148   -14.525 -4.992  1.00 20.22 ? 131 TRP A CD1 1 
ATOM   1058 C CD2 . TRP A 1 131 ? 0.096   -14.074 -2.802  1.00 20.02 ? 131 TRP A CD2 1 
ATOM   1059 N NE1 . TRP A 1 131 ? 1.317   -13.883 -4.671  1.00 20.14 ? 131 TRP A NE1 1 
ATOM   1060 C CE2 . TRP A 1 131 ? 1.314   -13.597 -3.332  1.00 20.15 ? 131 TRP A CE2 1 
ATOM   1061 C CE3 . TRP A 1 131 ? -0.163  -13.898 -1.436  1.00 19.88 ? 131 TRP A CE3 1 
ATOM   1062 C CZ2 . TRP A 1 131 ? 2.273   -12.957 -2.545  1.00 19.99 ? 131 TRP A CZ2 1 
ATOM   1063 C CZ3 . TRP A 1 131 ? 0.793   -13.266 -0.652  1.00 19.85 ? 131 TRP A CZ3 1 
ATOM   1064 C CH2 . TRP A 1 131 ? 1.994   -12.799 -1.210  1.00 20.30 ? 131 TRP A CH2 1 
ATOM   1065 N N   . GLU A 1 132 ? -3.728  -17.675 -2.099  1.00 21.58 ? 132 GLU A N   1 
ATOM   1066 C CA  . GLU A 1 132 ? -5.091  -18.098 -1.789  1.00 21.37 ? 132 GLU A CA  1 
ATOM   1067 C C   . GLU A 1 132 ? -5.961  -16.876 -1.498  1.00 19.87 ? 132 GLU A C   1 
ATOM   1068 O O   . GLU A 1 132 ? -5.531  -15.958 -0.796  1.00 19.51 ? 132 GLU A O   1 
ATOM   1069 C CB  . GLU A 1 132 ? -5.097  -19.046 -0.584  1.00 21.25 ? 132 GLU A CB  1 
ATOM   1070 C CG  . GLU A 1 132 ? -6.502  -19.483 -0.150  1.00 23.36 ? 132 GLU A CG  1 
ATOM   1071 C CD  . GLU A 1 132 ? -6.518  -20.604 0.878   1.00 23.79 ? 132 GLU A CD  1 
ATOM   1072 O OE1 . GLU A 1 132 ? -7.534  -21.327 0.923   1.00 29.09 ? 132 GLU A OE1 1 
ATOM   1073 O OE2 . GLU A 1 132 ? -5.538  -20.766 1.637   1.00 27.97 ? 132 GLU A OE2 1 
ATOM   1074 N N   . VAL A 1 133 ? -7.180  -16.873 -2.031  1.00 18.39 ? 133 VAL A N   1 
ATOM   1075 C CA  . VAL A 1 133 ? -8.119  -15.784 -1.796  1.00 17.33 ? 133 VAL A CA  1 
ATOM   1076 C C   . VAL A 1 133 ? -8.820  -15.999 -0.452  1.00 16.85 ? 133 VAL A C   1 
ATOM   1077 O O   . VAL A 1 133 ? -9.791  -16.760 -0.357  1.00 17.27 ? 133 VAL A O   1 
ATOM   1078 C CB  . VAL A 1 133 ? -9.161  -15.646 -2.941  1.00 17.41 ? 133 VAL A CB  1 
ATOM   1079 C CG1 . VAL A 1 133 ? -10.102 -14.473 -2.673  1.00 16.73 ? 133 VAL A CG1 1 
ATOM   1080 C CG2 . VAL A 1 133 ? -8.454  -15.480 -4.290  1.00 17.67 ? 133 VAL A CG2 1 
ATOM   1081 N N   . ALA A 1 134 ? -8.322  -15.334 0.586   1.00 15.94 ? 134 ALA A N   1 
ATOM   1082 C CA  . ALA A 1 134 ? -8.918  -15.446 1.919   1.00 15.41 ? 134 ALA A CA  1 
ATOM   1083 C C   . ALA A 1 134 ? -10.300 -14.802 1.935   1.00 15.09 ? 134 ALA A C   1 
ATOM   1084 O O   . ALA A 1 134 ? -11.228 -15.294 2.582   1.00 15.33 ? 134 ALA A O   1 
ATOM   1085 C CB  . ALA A 1 134 ? -8.016  -14.814 2.959   1.00 15.48 ? 134 ALA A CB  1 
ATOM   1086 N N   . SER A 1 135 ? -10.436 -13.702 1.197   1.00 13.95 ? 135 SER A N   1 
ATOM   1087 C CA  . SER A 1 135 ? -11.716 -13.015 1.065   1.00 13.69 ? 135 SER A CA  1 
ATOM   1088 C C   . SER A 1 135 ? -11.703 -12.115 -0.167  1.00 13.59 ? 135 SER A C   1 
ATOM   1089 O O   . SER A 1 135 ? -10.650 -11.650 -0.604  1.00 13.04 ? 135 SER A O   1 
ATOM   1090 C CB  . SER A 1 135 ? -12.026 -12.205 2.324   1.00 13.68 ? 135 SER A CB  1 
ATOM   1091 O OG  . SER A 1 135 ? -11.102 -11.157 2.506   1.00 13.53 ? 135 SER A OG  1 
ATOM   1092 N N   . SER A 1 136 ? -12.884 -11.911 -0.732  1.00 14.02 ? 136 SER A N   1 
ATOM   1093 C CA  . SER A 1 136 ? -13.064 -11.030 -1.883  1.00 14.92 ? 136 SER A CA  1 
ATOM   1094 C C   . SER A 1 136 ? -14.416 -10.355 -1.705  1.00 15.23 ? 136 SER A C   1 
ATOM   1095 O O   . SER A 1 136 ? -15.458 -11.029 -1.628  1.00 15.17 ? 136 SER A O   1 
ATOM   1096 C CB  . SER A 1 136 ? -13.005 -11.832 -3.183  1.00 14.85 ? 136 SER A CB  1 
ATOM   1097 O OG  . SER A 1 136 ? -13.292 -11.007 -4.312  1.00 15.49 ? 136 SER A OG  1 
ATOM   1098 N N   . VAL A 1 137 ? -14.386 -9.030  -1.591  1.00 15.63 ? 137 VAL A N   1 
ATOM   1099 C CA  . VAL A 1 137 ? -15.554 -8.237  -1.228  1.00 16.57 ? 137 VAL A CA  1 
ATOM   1100 C C   . VAL A 1 137 ? -15.713 -7.089  -2.219  1.00 17.12 ? 137 VAL A C   1 
ATOM   1101 O O   . VAL A 1 137 ? -14.819 -6.252  -2.362  1.00 17.13 ? 137 VAL A O   1 
ATOM   1102 C CB  . VAL A 1 137 ? -15.450 -7.680  0.220   1.00 16.90 ? 137 VAL A CB  1 
ATOM   1103 C CG1 . VAL A 1 137 ? -16.676 -6.859  0.580   1.00 17.99 ? 137 VAL A CG1 1 
ATOM   1104 C CG2 . VAL A 1 137 ? -15.270 -8.824  1.238   1.00 16.91 ? 137 VAL A CG2 1 
ATOM   1105 N N   . GLU A 1 138 ? -16.845 -7.080  -2.915  1.00 17.86 ? 138 GLU A N   1 
ATOM   1106 C CA  . GLU A 1 138 ? -17.179 -5.993  -3.826  1.00 18.97 ? 138 GLU A CA  1 
ATOM   1107 C C   . GLU A 1 138 ? -17.388 -4.694  -3.079  1.00 19.22 ? 138 GLU A C   1 
ATOM   1108 O O   . GLU A 1 138 ? -18.110 -4.646  -2.077  1.00 18.94 ? 138 GLU A O   1 
ATOM   1109 C CB  . GLU A 1 138 ? -18.446 -6.316  -4.591  1.00 19.36 ? 138 GLU A CB  1 
ATOM   1110 C CG  . GLU A 1 138 ? -18.287 -7.325  -5.682  1.00 22.56 ? 138 GLU A CG  1 
ATOM   1111 C CD  . GLU A 1 138 ? -19.541 -7.413  -6.519  1.00 26.32 ? 138 GLU A CD  1 
ATOM   1112 O OE1 . GLU A 1 138 ? -19.802 -8.492  -7.077  1.00 29.51 ? 138 GLU A OE1 1 
ATOM   1113 O OE2 . GLU A 1 138 ? -20.272 -6.398  -6.602  1.00 29.69 ? 138 GLU A OE2 1 
ATOM   1114 N N   . GLY A 1 139 ? -16.766 -3.631  -3.575  1.00 19.97 ? 139 GLY A N   1 
ATOM   1115 C CA  . GLY A 1 139 ? -16.947 -2.313  -2.997  1.00 21.06 ? 139 GLY A CA  1 
ATOM   1116 C C   . GLY A 1 139 ? -18.312 -1.784  -3.387  1.00 22.65 ? 139 GLY A C   1 
ATOM   1117 O O   . GLY A 1 139 ? -18.807 -2.068  -4.475  1.00 21.82 ? 139 GLY A O   1 
ATOM   1118 N N   . LYS A 1 140 ? -18.924 -1.031  -2.480  1.00 24.55 ? 140 LYS A N   1 
ATOM   1119 C CA  . LYS A 1 140 ? -20.241 -0.471  -2.715  1.00 26.95 ? 140 LYS A CA  1 
ATOM   1120 C C   . LYS A 1 140 ? -20.083 0.846   -3.462  1.00 27.85 ? 140 LYS A C   1 
ATOM   1121 O O   . LYS A 1 140 ? -19.206 1.655   -3.139  1.00 28.50 ? 140 LYS A O   1 
ATOM   1122 C CB  . LYS A 1 140 ? -21.006 -0.296  -1.390  1.00 27.40 ? 140 LYS A CB  1 
ATOM   1123 C CG  . LYS A 1 140 ? -21.360 -1.624  -0.673  1.00 28.40 ? 140 LYS A CG  1 
ATOM   1124 C CD  . LYS A 1 140 ? -22.551 -2.337  -1.326  1.00 30.06 ? 140 LYS A CD  1 
ATOM   1125 C CE  . LYS A 1 140 ? -22.789 -3.750  -0.762  1.00 30.19 ? 140 LYS A CE  1 
ATOM   1126 N NZ  . LYS A 1 140 ? -23.275 -3.769  0.649   1.00 30.09 ? 140 LYS A NZ  1 
ATOM   1127 N N   . LEU A 1 141 ? -20.901 1.036   -4.489  1.00 29.23 ? 141 LEU A N   1 
ATOM   1128 C CA  . LEU A 1 141 ? -20.838 2.255   -5.282  1.00 30.54 ? 141 LEU A CA  1 
ATOM   1129 C C   . LEU A 1 141 ? -21.803 3.308   -4.756  1.00 31.41 ? 141 LEU A C   1 
ATOM   1130 O O   . LEU A 1 141 ? -22.887 2.986   -4.258  1.00 31.70 ? 141 LEU A O   1 
ATOM   1131 C CB  . LEU A 1 141 ? -21.077 1.973   -6.766  1.00 30.57 ? 141 LEU A CB  1 
ATOM   1132 C CG  . LEU A 1 141 ? -20.101 1.023   -7.471  1.00 30.93 ? 141 LEU A CG  1 
ATOM   1133 C CD1 . LEU A 1 141 ? -20.265 1.159   -8.965  1.00 31.68 ? 141 LEU A CD1 1 
ATOM   1134 C CD2 . LEU A 1 141 ? -18.655 1.295   -7.063  1.00 32.35 ? 141 LEU A CD2 1 
ATOM   1135 N N   . ASP A 1 142 ? -21.384 4.563   -4.887  1.00 32.29 ? 142 ASP A N   1 
ATOM   1136 C CA  . ASP A 1 142 ? -22.032 5.706   -4.262  1.00 33.16 ? 142 ASP A CA  1 
ATOM   1137 C C   . ASP A 1 142 ? -22.001 6.907   -5.179  1.00 33.31 ? 142 ASP A C   1 
ATOM   1138 O O   . ASP A 1 142 ? -21.391 6.872   -6.251  1.00 33.29 ? 142 ASP A O   1 
ATOM   1139 C CB  . ASP A 1 142 ? -21.280 6.087   -2.981  1.00 33.44 ? 142 ASP A CB  1 
ATOM   1140 C CG  . ASP A 1 142 ? -21.990 5.643   -1.739  1.00 34.76 ? 142 ASP A CG  1 
ATOM   1141 O OD1 . ASP A 1 142 ? -23.024 4.948   -1.854  1.00 37.49 ? 142 ASP A OD1 1 
ATOM   1142 O OD2 . ASP A 1 142 ? -21.519 5.995   -0.638  1.00 36.54 ? 142 ASP A OD2 1 
ATOM   1143 N N   . GLU A 1 143 ? -22.649 7.981   -4.730  1.00 33.49 ? 143 GLU A N   1 
ATOM   1144 C CA  . GLU A 1 143 ? -22.437 9.296   -5.315  1.00 33.68 ? 143 GLU A CA  1 
ATOM   1145 C C   . GLU A 1 143 ? -20.974 9.721   -5.129  1.00 33.14 ? 143 GLU A C   1 
ATOM   1146 O O   . GLU A 1 143 ? -20.402 10.395  -5.990  1.00 33.20 ? 143 GLU A O   1 
ATOM   1147 C CB  . GLU A 1 143 ? -23.404 10.339  -4.721  1.00 34.18 ? 143 GLU A CB  1 
ATOM   1148 C CG  . GLU A 1 143 ? -23.477 10.389  -3.183  1.00 36.31 ? 143 GLU A CG  1 
ATOM   1149 C CD  . GLU A 1 143 ? -24.407 9.337   -2.582  1.00 38.64 ? 143 GLU A CD  1 
ATOM   1150 O OE1 . GLU A 1 143 ? -25.308 8.840   -3.298  1.00 39.38 ? 143 GLU A OE1 1 
ATOM   1151 O OE2 . GLU A 1 143 ? -24.236 9.010   -1.384  1.00 39.85 ? 143 GLU A OE2 1 
ATOM   1152 N N   . LYS A 1 144 ? -20.373 9.292   -4.018  1.00 32.11 ? 144 LYS A N   1 
ATOM   1153 C CA  . LYS A 1 144 ? -18.987 9.628   -3.686  1.00 31.44 ? 144 LYS A CA  1 
ATOM   1154 C C   . LYS A 1 144 ? -17.971 8.581   -4.177  1.00 30.48 ? 144 LYS A C   1 
ATOM   1155 O O   . LYS A 1 144 ? -16.780 8.869   -4.279  1.00 30.19 ? 144 LYS A O   1 
ATOM   1156 C CB  . LYS A 1 144 ? -18.839 9.845   -2.175  1.00 31.82 ? 144 LYS A CB  1 
ATOM   1157 C CG  . LYS A 1 144 ? -19.844 10.839  -1.581  1.00 33.26 ? 144 LYS A CG  1 
ATOM   1158 C CD  . LYS A 1 144 ? -19.328 11.462  -0.291  1.00 35.80 ? 144 LYS A CD  1 
ATOM   1159 C CE  . LYS A 1 144 ? -20.424 12.233  0.442   1.00 36.60 ? 144 LYS A CE  1 
ATOM   1160 N NZ  . LYS A 1 144 ? -21.291 11.332  1.262   1.00 38.32 ? 144 LYS A NZ  1 
ATOM   1161 N N   . ASN A 1 145 ? -18.452 7.376   -4.483  1.00 29.26 ? 145 ASN A N   1 
ATOM   1162 C CA  . ASN A 1 145 ? -17.588 6.268   -4.903  1.00 28.27 ? 145 ASN A CA  1 
ATOM   1163 C C   . ASN A 1 145 ? -18.098 5.648   -6.192  1.00 27.36 ? 145 ASN A C   1 
ATOM   1164 O O   . ASN A 1 145 ? -19.004 4.816   -6.165  1.00 27.37 ? 145 ASN A O   1 
ATOM   1165 C CB  . ASN A 1 145 ? -17.519 5.203   -3.809  1.00 28.18 ? 145 ASN A CB  1 
ATOM   1166 C CG  . ASN A 1 145 ? -16.943 5.732   -2.523  1.00 28.19 ? 145 ASN A CG  1 
ATOM   1167 O OD1 . ASN A 1 145 ? -15.754 5.572   -2.259  1.00 27.00 ? 145 ASN A OD1 1 
ATOM   1168 N ND2 . ASN A 1 145 ? -17.778 6.380   -1.718  1.00 29.40 ? 145 ASN A ND2 1 
ATOM   1169 N N   . THR A 1 146 ? -17.509 6.047   -7.313  1.00 26.25 ? 146 THR A N   1 
ATOM   1170 C CA  . THR A 1 146 ? -18.120 5.806   -8.622  1.00 25.24 ? 146 THR A CA  1 
ATOM   1171 C C   . THR A 1 146 ? -17.355 4.825   -9.518  1.00 23.99 ? 146 THR A C   1 
ATOM   1172 O O   . THR A 1 146 ? -17.802 4.496   -10.625 1.00 23.96 ? 146 THR A O   1 
ATOM   1173 C CB  . THR A 1 146 ? -18.370 7.147   -9.366  1.00 25.54 ? 146 THR A CB  1 
ATOM   1174 O OG1 . THR A 1 146 ? -17.125 7.830   -9.548  1.00 27.01 ? 146 THR A OG1 1 
ATOM   1175 C CG2 . THR A 1 146 ? -19.316 8.043   -8.569  1.00 26.39 ? 146 THR A CG2 1 
ATOM   1176 N N   . ILE A 1 147 ? -16.216 4.337   -9.025  1.00 22.41 ? 147 ILE A N   1 
ATOM   1177 C CA  . ILE A 1 147 ? -15.397 3.384   -9.759  1.00 20.86 ? 147 ILE A CA  1 
ATOM   1178 C C   . ILE A 1 147 ? -15.577 2.004   -9.115  1.00 19.04 ? 147 ILE A C   1 
ATOM   1179 O O   . ILE A 1 147 ? -15.388 1.885   -7.910  1.00 18.75 ? 147 ILE A O   1 
ATOM   1180 C CB  . ILE A 1 147 ? -13.905 3.783   -9.694  1.00 21.08 ? 147 ILE A CB  1 
ATOM   1181 C CG1 . ILE A 1 147 ? -13.735 5.274   -10.036 1.00 22.36 ? 147 ILE A CG1 1 
ATOM   1182 C CG2 . ILE A 1 147 ? -13.093 2.908   -10.636 1.00 21.65 ? 147 ILE A CG2 1 
ATOM   1183 C CD1 . ILE A 1 147 ? -12.537 5.958   -9.366  1.00 23.65 ? 147 ILE A CD1 1 
ATOM   1184 N N   . PRO A 1 148 ? -15.950 0.970   -9.903  1.00 17.90 ? 148 PRO A N   1 
ATOM   1185 C CA  . PRO A 1 148 ? -16.096 -0.349  -9.275  1.00 16.48 ? 148 PRO A CA  1 
ATOM   1186 C C   . PRO A 1 148 ? -14.763 -0.831  -8.737  1.00 15.33 ? 148 PRO A C   1 
ATOM   1187 O O   . PRO A 1 148 ? -13.712 -0.558  -9.323  1.00 14.01 ? 148 PRO A O   1 
ATOM   1188 C CB  . PRO A 1 148 ? -16.554 -1.256  -10.419 1.00 17.01 ? 148 PRO A CB  1 
ATOM   1189 C CG  . PRO A 1 148 ? -17.022 -0.338  -11.489 1.00 18.31 ? 148 PRO A CG  1 
ATOM   1190 C CD  . PRO A 1 148 ? -16.248 0.922   -11.345 1.00 17.99 ? 148 PRO A CD  1 
ATOM   1191 N N   . HIS A 1 149 ? -14.809 -1.530  -7.609  1.00 14.13 ? 149 HIS A N   1 
ATOM   1192 C CA  . HIS A 1 149 ? -13.594 -1.961  -6.946  1.00 13.91 ? 149 HIS A CA  1 
ATOM   1193 C C   . HIS A 1 149 ? -13.883 -3.162  -6.075  1.00 13.67 ? 149 HIS A C   1 
ATOM   1194 O O   . HIS A 1 149 ? -15.016 -3.343  -5.623  1.00 13.57 ? 149 HIS A O   1 
ATOM   1195 C CB  . HIS A 1 149 ? -12.984 -0.837  -6.107  1.00 14.03 ? 149 HIS A CB  1 
ATOM   1196 C CG  . HIS A 1 149 ? -13.919 -0.250  -5.096  1.00 15.50 ? 149 HIS A CG  1 
ATOM   1197 N ND1 . HIS A 1 149 ? -14.925 0.630   -5.434  1.00 16.77 ? 149 HIS A ND1 1 
ATOM   1198 C CD2 . HIS A 1 149 ? -13.980 -0.392  -3.750  1.00 17.02 ? 149 HIS A CD2 1 
ATOM   1199 C CE1 . HIS A 1 149 ? -15.576 0.993   -4.343  1.00 18.07 ? 149 HIS A CE1 1 
ATOM   1200 N NE2 . HIS A 1 149 ? -15.019 0.392   -3.308  1.00 17.14 ? 149 HIS A NE2 1 
ATOM   1201 N N   . THR A 1 150 ? -12.848 -3.958  -5.838  1.00 13.54 ? 150 THR A N   1 
ATOM   1202 C CA  . THR A 1 150 ? -12.973 -5.189  -5.056  1.00 13.58 ? 150 THR A CA  1 
ATOM   1203 C C   . THR A 1 150 ? -11.835 -5.269  -4.041  1.00 13.12 ? 150 THR A C   1 
ATOM   1204 O O   . THR A 1 150 ? -10.673 -5.096  -4.393  1.00 12.62 ? 150 THR A O   1 
ATOM   1205 C CB  . THR A 1 150 ? -12.927 -6.419  -5.986  1.00 13.94 ? 150 THR A CB  1 
ATOM   1206 O OG1 . THR A 1 150 ? -13.935 -6.289  -6.998  1.00 15.51 ? 150 THR A OG1 1 
ATOM   1207 C CG2 . THR A 1 150 ? -13.171 -7.719  -5.199  1.00 15.25 ? 150 THR A CG2 1 
ATOM   1208 N N   . PHE A 1 151 ? -12.178 -5.532  -2.781  1.00 12.44 ? 151 PHE A N   1 
ATOM   1209 C CA  . PHE A 1 151 ? -11.169 -5.709  -1.749  1.00 12.60 ? 151 PHE A CA  1 
ATOM   1210 C C   . PHE A 1 151 ? -10.809 -7.183  -1.671  1.00 12.89 ? 151 PHE A C   1 
ATOM   1211 O O   . PHE A 1 151 ? -11.665 -8.025  -1.345  1.00 12.75 ? 151 PHE A O   1 
ATOM   1212 C CB  . PHE A 1 151 ? -11.699 -5.210  -0.403  1.00 12.67 ? 151 PHE A CB  1 
ATOM   1213 C CG  . PHE A 1 151 ? -12.144 -3.770  -0.420  1.00 13.23 ? 151 PHE A CG  1 
ATOM   1214 C CD1 . PHE A 1 151 ? -11.203 -2.741  -0.439  1.00 12.16 ? 151 PHE A CD1 1 
ATOM   1215 C CD2 . PHE A 1 151 ? -13.496 -3.445  -0.412  1.00 13.32 ? 151 PHE A CD2 1 
ATOM   1216 C CE1 . PHE A 1 151 ? -11.604 -1.395  -0.444  1.00 13.64 ? 151 PHE A CE1 1 
ATOM   1217 C CE2 . PHE A 1 151 ? -13.909 -2.106  -0.420  1.00 14.41 ? 151 PHE A CE2 1 
ATOM   1218 C CZ  . PHE A 1 151 ? -12.954 -1.081  -0.432  1.00 13.62 ? 151 PHE A CZ  1 
ATOM   1219 N N   . LEU A 1 152 ? -9.557  -7.485  -1.994  1.00 12.54 ? 152 LEU A N   1 
ATOM   1220 C CA  . LEU A 1 152 ? -9.020  -8.843  -1.885  1.00 12.92 ? 152 LEU A CA  1 
ATOM   1221 C C   . LEU A 1 152 ? -8.077  -8.958  -0.697  1.00 13.97 ? 152 LEU A C   1 
ATOM   1222 O O   . LEU A 1 152 ? -7.263  -8.064  -0.447  1.00 13.97 ? 152 LEU A O   1 
ATOM   1223 C CB  . LEU A 1 152 ? -8.221  -9.215  -3.130  1.00 13.58 ? 152 LEU A CB  1 
ATOM   1224 C CG  . LEU A 1 152 ? -8.889  -9.203  -4.495  1.00 13.44 ? 152 LEU A CG  1 
ATOM   1225 C CD1 . LEU A 1 152 ? -7.851  -9.636  -5.526  1.00 14.84 ? 152 LEU A CD1 1 
ATOM   1226 C CD2 . LEU A 1 152 ? -10.125 -10.092 -4.530  1.00 15.61 ? 152 LEU A CD2 1 
ATOM   1227 N N   . HIS A 1 153 ? -8.188  -10.072 0.024   1.00 13.78 ? 153 HIS A N   1 
ATOM   1228 C CA  . HIS A 1 153 ? -7.172  -10.445 0.990   1.00 14.31 ? 153 HIS A CA  1 
ATOM   1229 C C   . HIS A 1 153 ? -6.556  -11.750 0.517   1.00 14.38 ? 153 HIS A C   1 
ATOM   1230 O O   . HIS A 1 153 ? -7.233  -12.788 0.482   1.00 13.57 ? 153 HIS A O   1 
ATOM   1231 C CB  . HIS A 1 153 ? -7.761  -10.573 2.400   1.00 14.29 ? 153 HIS A CB  1 
ATOM   1232 C CG  . HIS A 1 153 ? -6.743  -10.891 3.447   1.00 15.57 ? 153 HIS A CG  1 
ATOM   1233 N ND1 . HIS A 1 153 ? -7.055  -11.563 4.610   1.00 15.18 ? 153 HIS A ND1 1 
ATOM   1234 C CD2 . HIS A 1 153 ? -5.414  -10.631 3.508   1.00 15.07 ? 153 HIS A CD2 1 
ATOM   1235 C CE1 . HIS A 1 153 ? -5.967  -11.696 5.346   1.00 17.21 ? 153 HIS A CE1 1 
ATOM   1236 N NE2 . HIS A 1 153 ? -4.956  -11.140 4.699   1.00 15.30 ? 153 HIS A NE2 1 
ATOM   1237 N N   . LEU A 1 154 ? -5.283  -11.674 0.130   1.00 14.08 ? 154 LEU A N   1 
ATOM   1238 C CA  . LEU A 1 154 ? -4.547  -12.796 -0.441  1.00 15.61 ? 154 LEU A CA  1 
ATOM   1239 C C   . LEU A 1 154 ? -3.504  -13.275 0.553   1.00 16.08 ? 154 LEU A C   1 
ATOM   1240 O O   . LEU A 1 154 ? -2.803  -12.462 1.155   1.00 15.84 ? 154 LEU A O   1 
ATOM   1241 C CB  . LEU A 1 154 ? -3.864  -12.359 -1.746  1.00 15.21 ? 154 LEU A CB  1 
ATOM   1242 C CG  . LEU A 1 154 ? -4.625  -12.412 -3.077  1.00 17.43 ? 154 LEU A CG  1 
ATOM   1243 C CD1 . LEU A 1 154 ? -6.155  -12.513 -2.971  1.00 17.94 ? 154 LEU A CD1 1 
ATOM   1244 C CD2 . LEU A 1 154 ? -4.205  -11.309 -4.038  1.00 16.83 ? 154 LEU A CD2 1 
ATOM   1245 N N   . ILE A 1 155 ? -3.422  -14.595 0.733   1.00 17.21 ? 155 ILE A N   1 
ATOM   1246 C CA  . ILE A 1 155 ? -2.478  -15.197 1.669   1.00 18.58 ? 155 ILE A CA  1 
ATOM   1247 C C   . ILE A 1 155 ? -1.545  -16.127 0.900   1.00 19.43 ? 155 ILE A C   1 
ATOM   1248 O O   . ILE A 1 155 ? -1.991  -16.910 0.065   1.00 19.19 ? 155 ILE A O   1 
ATOM   1249 C CB  . ILE A 1 155 ? -3.201  -15.960 2.826   1.00 18.28 ? 155 ILE A CB  1 
ATOM   1250 C CG1 . ILE A 1 155 ? -4.081  -15.001 3.642   1.00 18.08 ? 155 ILE A CG1 1 
ATOM   1251 C CG2 . ILE A 1 155 ? -2.181  -16.639 3.748   1.00 19.73 ? 155 ILE A CG2 1 
ATOM   1252 C CD1 . ILE A 1 155 ? -4.862  -15.670 4.784   1.00 19.15 ? 155 ILE A CD1 1 
ATOM   1253 N N   . ARG A 1 156 ? -0.247  -16.019 1.176   1.00 20.87 ? 156 ARG A N   1 
ATOM   1254 C CA  . ARG A 1 156 ? 0.744   -16.810 0.464   1.00 22.75 ? 156 ARG A CA  1 
ATOM   1255 C C   . ARG A 1 156 ? 0.529   -18.291 0.753   1.00 23.72 ? 156 ARG A C   1 
ATOM   1256 O O   . ARG A 1 156 ? 0.481   -18.689 1.916   1.00 24.35 ? 156 ARG A O   1 
ATOM   1257 C CB  . ARG A 1 156 ? 2.159   -16.382 0.863   1.00 22.54 ? 156 ARG A CB  1 
ATOM   1258 C CG  . ARG A 1 156 ? 3.240   -17.019 0.021   1.00 23.47 ? 156 ARG A CG  1 
ATOM   1259 C CD  . ARG A 1 156 ? 4.624   -16.684 0.539   1.00 23.47 ? 156 ARG A CD  1 
ATOM   1260 N NE  . ARG A 1 156 ? 4.887   -15.244 0.521   1.00 22.83 ? 156 ARG A NE  1 
ATOM   1261 C CZ  . ARG A 1 156 ? 5.183   -14.537 -0.567  1.00 22.91 ? 156 ARG A CZ  1 
ATOM   1262 N NH1 . ARG A 1 156 ? 5.265   -15.116 -1.764  1.00 22.62 ? 156 ARG A NH1 1 
ATOM   1263 N NH2 . ARG A 1 156 ? 5.403   -13.237 -0.450  1.00 21.74 ? 156 ARG A NH2 1 
ATOM   1264 N N   . LYS A 1 157 ? 0.383   -19.087 -0.306  1.00 24.98 ? 157 LYS A N   1 
ATOM   1265 C CA  . LYS A 1 157 ? 0.215   -20.538 -0.175  1.00 26.54 ? 157 LYS A CA  1 
ATOM   1266 C C   . LYS A 1 157 ? 1.467   -21.181 0.413   1.00 27.15 ? 157 LYS A C   1 
ATOM   1267 O O   . LYS A 1 157 ? 1.387   -22.015 1.321   1.00 27.85 ? 157 LYS A O   1 
ATOM   1268 C CB  . LYS A 1 157 ? -0.107  -21.175 -1.526  1.00 26.44 ? 157 LYS A CB  1 
ATOM   1269 C CG  . LYS A 1 157 ? -1.485  -20.863 -2.072  1.00 27.69 ? 157 LYS A CG  1 
ATOM   1270 C CD  . LYS A 1 157 ? -1.741  -21.680 -3.327  1.00 28.59 ? 157 LYS A CD  1 
ATOM   1271 C CE  . LYS A 1 157 ? -3.073  -21.351 -3.953  1.00 29.87 ? 157 LYS A CE  1 
ATOM   1272 N NZ  . LYS A 1 157 ? -3.137  -21.849 -5.359  1.00 30.90 ? 157 LYS A NZ  1 
ATOM   1273 O OXT . LYS A 1 157 ? 2.589   -20.868 0.000   1.00 28.13 ? 157 LYS A OXT 1 
HETATM 1274 P PA  . NDP B 2 .   ? 8.580   5.019   -3.636  1.00 21.57 ? 207 NDP A PA  1 
HETATM 1275 O O1A . NDP B 2 .   ? 8.698   3.548   -3.592  1.00 20.83 ? 207 NDP A O1A 1 
HETATM 1276 O O2A . NDP B 2 .   ? 7.445   5.597   -2.891  1.00 19.07 ? 207 NDP A O2A 1 
HETATM 1277 O O5B . NDP B 2 .   ? 9.941   5.686   -3.119  1.00 21.39 ? 207 NDP A O5B 1 
HETATM 1278 C C5B . NDP B 2 .   ? 11.161  5.337   -3.720  1.00 22.44 ? 207 NDP A C5B 1 
HETATM 1279 C C4B . NDP B 2 .   ? 12.225  5.821   -2.766  1.00 22.63 ? 207 NDP A C4B 1 
HETATM 1280 O O4B . NDP B 2 .   ? 12.198  5.051   -1.579  1.00 22.13 ? 207 NDP A O4B 1 
HETATM 1281 C C3B . NDP B 2 .   ? 13.633  5.671   -3.309  1.00 22.67 ? 207 NDP A C3B 1 
HETATM 1282 O O3B . NDP B 2 .   ? 13.944  6.682   -4.247  1.00 22.41 ? 207 NDP A O3B 1 
HETATM 1283 C C2B . NDP B 2 .   ? 14.399  5.736   -2.004  1.00 22.59 ? 207 NDP A C2B 1 
HETATM 1284 O O2B . NDP B 2 .   ? 14.351  7.050   -1.505  1.00 22.14 ? 207 NDP A O2B 1 
HETATM 1285 C C1B . NDP B 2 .   ? 13.506  4.920   -1.073  1.00 23.09 ? 207 NDP A C1B 1 
HETATM 1286 N N9A . NDP B 2 .   ? 13.940  3.513   -1.047  1.00 23.22 ? 207 NDP A N9A 1 
HETATM 1287 C C8A . NDP B 2 .   ? 13.329  2.441   -1.654  1.00 23.72 ? 207 NDP A C8A 1 
HETATM 1288 N N7A . NDP B 2 .   ? 14.054  1.330   -1.392  1.00 22.81 ? 207 NDP A N7A 1 
HETATM 1289 C C5A . NDP B 2 .   ? 15.121  1.677   -0.632  1.00 23.80 ? 207 NDP A C5A 1 
HETATM 1290 C C6A . NDP B 2 .   ? 16.173  0.948   -0.081  1.00 23.81 ? 207 NDP A C6A 1 
HETATM 1291 N N6A . NDP B 2 .   ? 16.272  -0.369  -0.268  1.00 24.24 ? 207 NDP A N6A 1 
HETATM 1292 N N1A . NDP B 2 .   ? 17.138  1.601   0.672   1.00 24.15 ? 207 NDP A N1A 1 
HETATM 1293 C C2A . NDP B 2 .   ? 17.048  2.961   0.881   1.00 23.40 ? 207 NDP A C2A 1 
HETATM 1294 N N3A . NDP B 2 .   ? 16.009  3.685   0.328   1.00 24.25 ? 207 NDP A N3A 1 
HETATM 1295 C C4A . NDP B 2 .   ? 15.057  3.050   -0.412  1.00 23.66 ? 207 NDP A C4A 1 
HETATM 1296 O O3  . NDP B 2 .   ? 8.545   5.579   -5.141  1.00 19.81 ? 207 NDP A O3  1 
HETATM 1297 P PN  . NDP B 2 .   ? 8.009   5.022   -6.542  1.00 20.86 ? 207 NDP A PN  1 
HETATM 1298 O O1N . NDP B 2 .   ? 8.269   6.049   -7.591  1.00 19.35 ? 207 NDP A O1N 1 
HETATM 1299 O O2N . NDP B 2 .   ? 8.519   3.646   -6.692  1.00 19.52 ? 207 NDP A O2N 1 
HETATM 1300 O O5D . NDP B 2 .   ? 6.406   4.989   -6.316  1.00 20.23 ? 207 NDP A O5D 1 
HETATM 1301 C C5D . NDP B 2 .   ? 5.614   6.158   -6.162  1.00 17.29 ? 207 NDP A C5D 1 
HETATM 1302 C C4D . NDP B 2 .   ? 4.246   6.022   -6.842  1.00 19.26 ? 207 NDP A C4D 1 
HETATM 1303 O O4D . NDP B 2 .   ? 3.464   5.009   -6.216  1.00 18.03 ? 207 NDP A O4D 1 
HETATM 1304 C C3D . NDP B 2 .   ? 3.418   7.298   -6.743  1.00 18.80 ? 207 NDP A C3D 1 
HETATM 1305 O O3D . NDP B 2 .   ? 2.774   7.541   -7.981  1.00 18.47 ? 207 NDP A O3D 1 
HETATM 1306 C C2D . NDP B 2 .   ? 2.346   7.016   -5.716  1.00 18.84 ? 207 NDP A C2D 1 
HETATM 1307 O O2D . NDP B 2 .   ? 1.149   7.670   -6.060  1.00 19.70 ? 207 NDP A O2D 1 
HETATM 1308 C C1D . NDP B 2 .   ? 2.188   5.519   -5.907  1.00 18.34 ? 207 NDP A C1D 1 
HETATM 1309 N N1N . NDP B 2 .   ? 1.625   4.764   -4.779  1.00 17.38 ? 207 NDP A N1N 1 
HETATM 1310 C C2N . NDP B 2 .   ? 0.462   4.114   -5.039  1.00 18.17 ? 207 NDP A C2N 1 
HETATM 1311 C C3N . NDP B 2 .   ? -0.142  3.354   -4.054  1.00 17.16 ? 207 NDP A C3N 1 
HETATM 1312 C C7N . NDP B 2 .   ? -1.436  2.669   -4.358  1.00 16.32 ? 207 NDP A C7N 1 
HETATM 1313 O O7N . NDP B 2 .   ? -1.787  1.601   -3.538  1.00 16.32 ? 207 NDP A O7N 1 
HETATM 1314 N N7N . NDP B 2 .   ? -2.209  3.075   -5.377  1.00 16.12 ? 207 NDP A N7N 1 
HETATM 1315 C C4N . NDP B 2 .   ? 0.467   3.231   -2.801  1.00 17.71 ? 207 NDP A C4N 1 
HETATM 1316 C C5N . NDP B 2 .   ? 1.667   3.901   -2.550  1.00 18.38 ? 207 NDP A C5N 1 
HETATM 1317 C C6N . NDP B 2 .   ? 2.245   4.659   -3.562  1.00 18.32 ? 207 NDP A C6N 1 
HETATM 1318 P P2B . NDP B 2 .   ? 15.586  8.082   -1.686  1.00 22.92 ? 207 NDP A P2B 1 
HETATM 1319 O O1X . NDP B 2 .   ? 15.723  8.360   -3.166  1.00 22.88 ? 207 NDP A O1X 1 
HETATM 1320 O O2X . NDP B 2 .   ? 15.219  9.343   -0.944  1.00 21.08 ? 207 NDP A O2X 1 
HETATM 1321 O O3X . NDP B 2 .   ? 16.799  7.373   -1.146  1.00 20.41 ? 207 NDP A O3X 1 
HETATM 1322 C C8  . N22 C 3 .   ? -5.435  5.434   -0.268  1.00 18.67 ? 219 N22 A C8  1 
HETATM 1323 C C7  . N22 C 3 .   ? -4.742  4.763   -1.448  1.00 15.93 ? 219 N22 A C7  1 
HETATM 1324 C C5  . N22 C 3 .   ? -4.175  3.395   -1.047  1.00 15.22 ? 219 N22 A C5  1 
HETATM 1325 N N4  . N22 C 3 .   ? -5.027  2.363   -0.996  1.00 15.48 ? 219 N22 A N4  1 
HETATM 1326 C C3  . N22 C 3 .   ? -4.613  1.135   -0.657  1.00 15.65 ? 219 N22 A C3  1 
HETATM 1327 N N8  . N22 C 3 .   ? -5.515  0.164   -0.627  1.00 15.75 ? 219 N22 A N8  1 
HETATM 1328 N N2  . N22 C 3 .   ? -3.324  0.894   -0.345  1.00 14.51 ? 219 N22 A N2  1 
HETATM 1329 C C1  . N22 C 3 .   ? -2.421  1.881   -0.374  1.00 15.70 ? 219 N22 A C1  1 
HETATM 1330 N N7  . N22 C 3 .   ? -1.155  1.623   -0.084  1.00 15.63 ? 219 N22 A N7  1 
HETATM 1331 C C6  . N22 C 3 .   ? -2.845  3.169   -0.739  1.00 15.52 ? 219 N22 A C6  1 
HETATM 1332 C C9  . N22 C 3 .   ? -1.940  4.269   -0.789  1.00 16.40 ? 219 N22 A C9  1 
HETATM 1333 C C10 . N22 C 3 .   ? -1.190  5.202   -0.829  1.00 16.55 ? 219 N22 A C10 1 
HETATM 1334 C C11 . N22 C 3 .   ? -0.277  6.344   -0.889  1.00 17.42 ? 219 N22 A C11 1 
HETATM 1335 C C13 . N22 C 3 .   ? -1.053  7.671   -0.804  1.00 20.16 ? 219 N22 A C13 1 
HETATM 1336 C C18 . N22 C 3 .   ? -2.109  7.789   0.111   1.00 21.66 ? 219 N22 A C18 1 
HETATM 1337 C C17 . N22 C 3 .   ? -2.839  8.984   0.224   1.00 22.07 ? 219 N22 A C17 1 
HETATM 1338 O O2  . N22 C 3 .   ? -3.876  9.117   1.102   1.00 23.66 ? 219 N22 A O2  1 
HETATM 1339 C C4  . N22 C 3 .   ? -3.538  8.634   2.395   1.00 24.58 ? 219 N22 A C4  1 
HETATM 1340 C C16 . N22 C 3 .   ? -2.520  10.067  -0.587  1.00 21.43 ? 219 N22 A C16 1 
HETATM 1341 C C15 . N22 C 3 .   ? -1.474  9.958   -1.495  1.00 21.14 ? 219 N22 A C15 1 
HETATM 1342 C C14 . N22 C 3 .   ? -0.745  8.773   -1.606  1.00 22.16 ? 219 N22 A C14 1 
HETATM 1343 O O10 . N22 C 3 .   ? 0.285   8.674   -2.495  1.00 23.60 ? 219 N22 A O10 1 
HETATM 1344 C C2  . N22 C 3 .   ? 0.114   9.528   -3.633  1.00 24.72 ? 219 N22 A C2  1 
HETATM 1345 O O   . HOH D 4 .   ? -1.501  -9.805  12.584  1.00 43.93 ? 158 HOH A O   1 
HETATM 1346 O O   . HOH D 4 .   ? -6.266  -2.669  -0.100  1.00 12.11 ? 159 HOH A O   1 
HETATM 1347 O O   . HOH D 4 .   ? -17.707 -2.269  -6.973  1.00 16.81 ? 160 HOH A O   1 
HETATM 1348 O O   . HOH D 4 .   ? -19.148 5.383   2.937   1.00 42.13 ? 161 HOH A O   1 
HETATM 1349 O O   . HOH D 4 .   ? -11.609 -8.774  1.353   1.00 15.90 ? 162 HOH A O   1 
HETATM 1350 O O   . HOH D 4 .   ? 5.516   16.166  6.871   1.00 42.32 ? 163 HOH A O   1 
HETATM 1351 O O   . HOH D 4 .   ? -10.439 11.021  -1.655  1.00 60.12 ? 164 HOH A O   1 
HETATM 1352 O O   . HOH D 4 .   ? -12.415 -17.162 -1.304  1.00 18.20 ? 165 HOH A O   1 
HETATM 1353 O O   . HOH D 4 .   ? 9.102   0.299   18.270  1.00 52.70 ? 166 HOH A O   1 
HETATM 1354 O O   . HOH D 4 .   ? -22.124 11.025  -8.023  1.00 54.41 ? 167 HOH A O   1 
HETATM 1355 O O   . HOH D 4 .   ? -9.562  -7.070  2.527   1.00 19.06 ? 168 HOH A O   1 
HETATM 1356 O O   . HOH D 4 .   ? -3.312  -10.867 10.556  1.00 37.86 ? 169 HOH A O   1 
HETATM 1357 O O   . HOH D 4 .   ? 6.321   -3.304  -10.500 1.00 18.65 ? 170 HOH A O   1 
HETATM 1358 O O   . HOH D 4 .   ? 4.486   8.353   -10.097 1.00 28.76 ? 171 HOH A O   1 
HETATM 1359 O O   . HOH D 4 .   ? 6.031   -4.024  -13.026 1.00 19.40 ? 172 HOH A O   1 
HETATM 1360 O O   . HOH D 4 .   ? -8.036  -5.571  0.781   1.00 16.29 ? 173 HOH A O   1 
HETATM 1361 O O   . HOH D 4 .   ? -19.140 -8.714  -2.291  1.00 19.15 ? 174 HOH A O   1 
HETATM 1362 O O   . HOH D 4 .   ? -9.805  -11.960 5.075   1.00 19.62 ? 175 HOH A O   1 
HETATM 1363 O O   . HOH D 4 .   ? -5.863  6.458   6.870   1.00 22.95 ? 176 HOH A O   1 
HETATM 1364 O O   . HOH D 4 .   ? -1.503  0.913   -18.101 1.00 19.40 ? 177 HOH A O   1 
HETATM 1365 O O   . HOH D 4 .   ? -4.110  1.004   -16.768 1.00 16.91 ? 178 HOH A O   1 
HETATM 1366 O O   . HOH D 4 .   ? -0.149  -1.394  -18.877 1.00 19.81 ? 179 HOH A O   1 
HETATM 1367 O O   . HOH D 4 .   ? -15.729 -10.536 -5.244  1.00 28.70 ? 180 HOH A O   1 
HETATM 1368 O O   . HOH D 4 .   ? -9.367  -22.979 2.951   1.00 28.27 ? 181 HOH A O   1 
HETATM 1369 O O   . HOH D 4 .   ? -7.576  4.765   -3.645  1.00 20.74 ? 182 HOH A O   1 
HETATM 1370 O O   . HOH D 4 .   ? -3.027  11.537  -4.719  1.00 25.64 ? 183 HOH A O   1 
HETATM 1371 O O   . HOH D 4 .   ? -0.209  3.299   -18.184 1.00 16.67 ? 184 HOH A O   1 
HETATM 1372 O O   . HOH D 4 .   ? -20.093 -6.220  -1.080  1.00 18.58 ? 185 HOH A O   1 
HETATM 1373 O O   . HOH D 4 .   ? 2.567   -2.038  14.212  1.00 26.76 ? 186 HOH A O   1 
HETATM 1374 O O   . HOH D 4 .   ? -2.885  -9.770  8.011   1.00 20.36 ? 187 HOH A O   1 
HETATM 1375 O O   . HOH D 4 .   ? -3.804  9.245   -14.774 1.00 22.53 ? 188 HOH A O   1 
HETATM 1376 O O   . HOH D 4 .   ? -14.354 0.664   3.236   1.00 31.86 ? 189 HOH A O   1 
HETATM 1377 O O   . HOH D 4 .   ? -6.397  7.867   -16.404 1.00 21.39 ? 190 HOH A O   1 
HETATM 1378 O O   . HOH D 4 .   ? 17.893  -2.062  1.540   1.00 29.75 ? 191 HOH A O   1 
HETATM 1379 O O   . HOH D 4 .   ? 11.407  11.870  13.647  1.00 32.78 ? 192 HOH A O   1 
HETATM 1380 O O   . HOH D 4 .   ? -5.897  -4.617  10.766  1.00 26.60 ? 193 HOH A O   1 
HETATM 1381 O O   . HOH D 4 .   ? 13.167  12.249  -6.636  1.00 26.67 ? 194 HOH A O   1 
HETATM 1382 O O   . HOH D 4 .   ? -16.523 -4.725  -7.896  1.00 23.60 ? 195 HOH A O   1 
HETATM 1383 O O   . HOH D 4 .   ? 3.977   -12.890 -5.924  1.00 30.50 ? 196 HOH A O   1 
HETATM 1384 O O   . HOH D 4 .   ? -8.254  7.565   -3.894  1.00 26.58 ? 197 HOH A O   1 
HETATM 1385 O O   . HOH D 4 .   ? 5.981   -13.975 -4.398  1.00 31.31 ? 198 HOH A O   1 
HETATM 1386 O O   . HOH D 4 .   ? 10.227  -9.173  -3.707  1.00 26.65 ? 199 HOH A O   1 
HETATM 1387 O O   . HOH D 4 .   ? 11.024  0.623   -9.363  1.00 30.28 ? 200 HOH A O   1 
HETATM 1388 O O   . HOH D 4 .   ? -4.096  -6.463  12.643  1.00 32.01 ? 201 HOH A O   1 
HETATM 1389 O O   . HOH D 4 .   ? 2.897   -14.454 -7.708  1.00 26.82 ? 202 HOH A O   1 
HETATM 1390 O O   . HOH D 4 .   ? 12.050  11.020  10.802  1.00 32.76 ? 203 HOH A O   1 
HETATM 1391 O O   . HOH D 4 .   ? 10.457  13.723  -2.603  1.00 45.55 ? 204 HOH A O   1 
HETATM 1392 O O   . HOH D 4 .   ? -20.259 5.549   -11.321 1.00 34.94 ? 205 HOH A O   1 
HETATM 1393 O O   . HOH D 4 .   ? 11.153  -0.550  16.240  1.00 36.53 ? 206 HOH A O   1 
HETATM 1394 O O   . HOH D 4 .   ? 0.392   -3.617  15.519  1.00 26.49 ? 208 HOH A O   1 
HETATM 1395 O O   . HOH D 4 .   ? -2.274  11.143  -10.702 1.00 35.82 ? 209 HOH A O   1 
HETATM 1396 O O   . HOH D 4 .   ? 8.129   -6.700  10.581  1.00 45.62 ? 210 HOH A O   1 
HETATM 1397 O O   . HOH D 4 .   ? 6.390   -8.654  16.235  1.00 42.60 ? 211 HOH A O   1 
HETATM 1398 O O   . HOH D 4 .   ? 6.093   -1.073  14.560  1.00 31.68 ? 212 HOH A O   1 
HETATM 1399 O O   . HOH D 4 .   ? -16.433 0.251   -0.796  1.00 30.96 ? 213 HOH A O   1 
HETATM 1400 O O   . HOH D 4 .   ? -7.957  -19.089 -3.572  1.00 29.87 ? 214 HOH A O   1 
HETATM 1401 O O   . HOH D 4 .   ? 14.549  9.981   -8.389  1.00 41.53 ? 215 HOH A O   1 
HETATM 1402 O O   . HOH D 4 .   ? -7.075  6.837   12.085  1.00 27.60 ? 216 HOH A O   1 
HETATM 1403 O O   . HOH D 4 .   ? 4.553   7.753   13.398  1.00 28.56 ? 217 HOH A O   1 
HETATM 1404 O O   . HOH D 4 .   ? -15.228 7.864   -6.794  1.00 31.76 ? 218 HOH A O   1 
HETATM 1405 O O   . HOH D 4 .   ? -5.825  -9.243  -9.472  1.00 27.79 ? 220 HOH A O   1 
HETATM 1406 O O   . HOH D 4 .   ? -12.543 8.200   3.051   1.00 32.00 ? 221 HOH A O   1 
HETATM 1407 O O   . HOH D 4 .   ? 10.745  13.327  -6.582  1.00 31.48 ? 222 HOH A O   1 
HETATM 1408 O O   . HOH D 4 .   ? -1.351  10.633  15.236  1.00 31.21 ? 223 HOH A O   1 
HETATM 1409 O O   . HOH D 4 .   ? 6.622   12.669  -4.595  1.00 31.73 ? 224 HOH A O   1 
HETATM 1410 O O   . HOH D 4 .   ? 6.760   -10.147 -10.416 1.00 31.83 ? 225 HOH A O   1 
HETATM 1411 O O   . HOH D 4 .   ? -7.014  8.471   9.369   1.00 34.72 ? 226 HOH A O   1 
HETATM 1412 O O   . HOH D 4 .   ? -2.287  -13.745 7.304   1.00 38.61 ? 227 HOH A O   1 
HETATM 1413 O O   . HOH D 4 .   ? 4.715   15.125  -8.973  1.00 28.86 ? 228 HOH A O   1 
HETATM 1414 O O   . HOH D 4 .   ? -7.303  -0.598  12.958  1.00 31.47 ? 229 HOH A O   1 
HETATM 1415 O O   . HOH D 4 .   ? -5.637  -19.125 -5.738  1.00 34.02 ? 230 HOH A O   1 
HETATM 1416 O O   . HOH D 4 .   ? -22.182 5.394   -8.379  1.00 40.01 ? 231 HOH A O   1 
HETATM 1417 O O   . HOH D 4 .   ? -0.964  14.735  -12.278 1.00 32.17 ? 232 HOH A O   1 
HETATM 1418 O O   . HOH D 4 .   ? -3.699  11.053  -16.842 1.00 25.13 ? 233 HOH A O   1 
HETATM 1419 O O   . HOH D 4 .   ? -12.374 -12.175 -6.441  1.00 35.53 ? 234 HOH A O   1 
HETATM 1420 O O   . HOH D 4 .   ? -12.265 10.457  1.705   1.00 54.49 ? 235 HOH A O   1 
HETATM 1421 O O   . HOH D 4 .   ? 0.996   14.309  -4.528  1.00 43.59 ? 236 HOH A O   1 
HETATM 1422 O O   . HOH D 4 .   ? 9.569   17.714  10.554  1.00 30.19 ? 237 HOH A O   1 
HETATM 1423 O O   . HOH D 4 .   ? -7.116  4.392   -19.871 1.00 35.41 ? 238 HOH A O   1 
HETATM 1424 O O   . HOH D 4 .   ? 13.605  7.574   13.090  1.00 36.21 ? 239 HOH A O   1 
HETATM 1425 O O   . HOH D 4 .   ? 22.274  11.561  2.702   1.00 37.04 ? 240 HOH A O   1 
HETATM 1426 O O   . HOH D 4 .   ? -4.385  4.067   16.867  1.00 37.02 ? 241 HOH A O   1 
HETATM 1427 O O   . HOH D 4 .   ? -17.782 8.021   0.574   1.00 41.57 ? 242 HOH A O   1 
HETATM 1428 O O   . HOH D 4 .   ? -16.573 10.770  1.334   1.00 45.20 ? 243 HOH A O   1 
HETATM 1429 O O   . HOH D 4 .   ? 5.344   15.996  9.942   1.00 45.24 ? 244 HOH A O   1 
HETATM 1430 O O   . HOH D 4 .   ? 6.888   1.857   -13.919 1.00 35.99 ? 245 HOH A O   1 
HETATM 1431 O O   . HOH D 4 .   ? -4.326  11.886  16.286  1.00 42.33 ? 246 HOH A O   1 
HETATM 1432 O O   . HOH D 4 .   ? 5.611   15.225  -6.504  1.00 47.60 ? 247 HOH A O   1 
HETATM 1433 O O   . HOH D 4 .   ? -5.609  -2.171  -22.950 1.00 51.18 ? 248 HOH A O   1 
HETATM 1434 O O   . HOH D 4 .   ? -0.157  -6.527  16.128  1.00 50.20 ? 249 HOH A O   1 
HETATM 1435 O O   . HOH D 4 .   ? 1.723   1.438   16.135  1.00 35.07 ? 250 HOH A O   1 
HETATM 1436 O O   . HOH D 4 .   ? -13.439 12.940  -0.164  1.00 53.01 ? 251 HOH A O   1 
HETATM 1437 O O   . HOH D 4 .   ? -3.257  -15.360 -11.721 1.00 43.35 ? 252 HOH A O   1 
HETATM 1438 O O   . HOH D 4 .   ? 14.218  10.372  12.311  1.00 41.67 ? 253 HOH A O   1 
HETATM 1439 O O   . HOH D 4 .   ? 6.958   8.268   -9.102  1.00 21.78 ? 254 HOH A O   1 
HETATM 1440 O O   . HOH D 4 .   ? -22.020 -5.614  -3.306  1.00 27.28 ? 255 HOH A O   1 
HETATM 1441 O O   . HOH D 4 .   ? -6.251  2.241   17.507  1.00 40.24 ? 256 HOH A O   1 
HETATM 1442 O O   . HOH D 4 .   ? 9.293   -8.070  -7.459  1.00 37.10 ? 257 HOH A O   1 
HETATM 1443 O O   . HOH D 4 .   ? 18.001  10.065  8.507   1.00 40.19 ? 258 HOH A O   1 
HETATM 1444 O O   . HOH D 4 .   ? 6.039   -15.214 3.767   1.00 44.80 ? 259 HOH A O   1 
HETATM 1445 O O   . HOH D 4 .   ? 13.799  -7.747  -0.662  1.00 53.01 ? 260 HOH A O   1 
HETATM 1446 O O   . HOH D 4 .   ? 15.205  -8.797  2.750   1.00 55.66 ? 261 HOH A O   1 
HETATM 1447 O O   . HOH D 4 .   ? -7.647  9.773   -2.593  1.00 32.13 ? 262 HOH A O   1 
HETATM 1448 O O   . HOH D 4 .   ? -23.711 -6.674  -4.957  1.00 30.57 ? 263 HOH A O   1 
HETATM 1449 O O   . HOH D 4 .   ? 12.746  -2.307  -6.577  1.00 34.94 ? 264 HOH A O   1 
HETATM 1450 O O   . HOH D 4 .   ? -6.662  -3.593  14.068  1.00 37.54 ? 265 HOH A O   1 
HETATM 1451 O O   . HOH D 4 .   ? -9.891  -21.066 -0.845  1.00 37.85 ? 266 HOH A O   1 
HETATM 1452 O O   . HOH D 4 .   ? -5.372  -7.130  9.411   1.00 31.55 ? 267 HOH A O   1 
HETATM 1453 O O   . HOH D 4 .   ? -5.924  -22.945 3.180   1.00 38.00 ? 268 HOH A O   1 
HETATM 1454 O O   . HOH D 4 .   ? 13.678  -1.372  12.537  1.00 36.86 ? 269 HOH A O   1 
HETATM 1455 O O   . HOH D 4 .   ? -0.988  5.401   16.892  1.00 41.01 ? 270 HOH A O   1 
HETATM 1456 O O   . HOH D 4 .   ? -15.339 -8.704  -7.676  1.00 32.46 ? 271 HOH A O   1 
HETATM 1457 O O   . HOH D 4 .   ? 21.502  5.972   3.998   1.00 48.80 ? 272 HOH A O   1 
HETATM 1458 O O   . HOH D 4 .   ? 0.640   9.627   12.935  1.00 39.51 ? 273 HOH A O   1 
HETATM 1459 O O   . HOH D 4 .   ? 6.667   7.256   15.119  1.00 50.58 ? 274 HOH A O   1 
HETATM 1460 O O   . HOH D 4 .   ? 10.713  5.684   -8.827  1.00 43.97 ? 275 HOH A O   1 
HETATM 1461 O O   . HOH D 4 .   ? -12.684 -2.418  4.376   1.00 36.66 ? 276 HOH A O   1 
HETATM 1462 O O   . HOH D 4 .   ? -7.944  -10.072 7.897   1.00 39.44 ? 277 HOH A O   1 
HETATM 1463 O O   . HOH D 4 .   ? 2.879   -19.732 -2.860  1.00 36.13 ? 278 HOH A O   1 
HETATM 1464 O O   . HOH D 4 .   ? 13.901  -5.262  -6.083  1.00 53.36 ? 279 HOH A O   1 
HETATM 1465 O O   . HOH D 4 .   ? 3.929   6.098   16.446  1.00 43.33 ? 280 HOH A O   1 
HETATM 1466 O O   . HOH D 4 .   ? 16.646  -3.992  -2.929  1.00 42.48 ? 281 HOH A O   1 
HETATM 1467 O O   . HOH D 4 .   ? 19.517  0.330   1.074   1.00 36.56 ? 282 HOH A O   1 
HETATM 1468 O O   . HOH D 4 .   ? -21.396 -3.547  -4.947  1.00 33.32 ? 283 HOH A O   1 
HETATM 1469 O O   . HOH D 4 .   ? 0.906   15.097  -9.936  1.00 42.97 ? 284 HOH A O   1 
HETATM 1470 O O   . HOH D 4 .   ? -22.643 -0.971  -5.463  1.00 38.13 ? 285 HOH A O   1 
HETATM 1471 O O   . HOH D 4 .   ? -3.902  3.489   -20.168 1.00 41.17 ? 286 HOH A O   1 
HETATM 1472 O O   . HOH D 4 .   ? -2.937  -1.174  18.022  1.00 41.26 ? 287 HOH A O   1 
HETATM 1473 O O   . HOH D 4 .   ? -20.222 3.785   0.080   1.00 41.56 ? 288 HOH A O   1 
HETATM 1474 O O   . HOH D 4 .   ? 5.028   -17.964 -2.695  1.00 34.74 ? 289 HOH A O   1 
HETATM 1475 O O   . HOH D 4 .   ? -22.258 -2.997  -7.424  1.00 45.40 ? 290 HOH A O   1 
HETATM 1476 O O   . HOH D 4 .   ? 8.945   13.796  -4.665  1.00 42.29 ? 291 HOH A O   1 
HETATM 1477 O O   . HOH D 4 .   ? 7.803   6.087   -13.609 1.00 45.83 ? 292 HOH A O   1 
HETATM 1478 O O   . HOH D 4 .   ? -18.251 -3.411  0.327   1.00 39.71 ? 293 HOH A O   1 
HETATM 1479 O O   . HOH D 4 .   ? 5.165   18.582  12.509  1.00 55.46 ? 294 HOH A O   1 
HETATM 1480 O O   . HOH D 4 .   ? 5.017   -11.662 -7.915  1.00 40.82 ? 295 HOH A O   1 
HETATM 1481 O O   . HOH D 4 .   ? 18.321  2.331   9.528   1.00 41.18 ? 296 HOH A O   1 
HETATM 1482 O O   . HOH D 4 .   ? 2.382   11.461  13.621  1.00 44.68 ? 297 HOH A O   1 
HETATM 1483 O O   . HOH D 4 .   ? -19.786 -2.872  -8.780  1.00 26.62 ? 298 HOH A O   1 
HETATM 1484 O O   . HOH D 4 .   ? -14.180 -4.229  3.034   1.00 48.53 ? 299 HOH A O   1 
HETATM 1485 O O   . HOH D 4 .   ? -13.130 -6.574  2.795   1.00 32.14 ? 300 HOH A O   1 
HETATM 1486 O O   . HOH D 4 .   ? 5.082   -14.144 -10.024 1.00 46.18 ? 301 HOH A O   1 
HETATM 1487 O O   . HOH D 4 .   ? 3.730   -13.608 -12.263 1.00 43.13 ? 302 HOH A O   1 
# 
